data_4RE9
#
_entry.id   4RE9
#
_cell.length_a   262.981
_cell.length_b   262.981
_cell.length_c   90.508
_cell.angle_alpha   90.00
_cell.angle_beta   90.00
_cell.angle_gamma   120.00
#
_symmetry.space_group_name_H-M   'P 65'
#
loop_
_entity.id
_entity.type
_entity.pdbx_description
1 polymer 'Insulin-degrading enzyme'
2 non-polymer 'ZINC ION'
3 non-polymer 4-fluoro-N-({1-[(2R)-4-(hydroxyamino)-1-(naphthalen-2-yl)-4-oxobutan-2-yl]-1H-1,2,3-triazol-5-yl}methyl)benzamide
4 non-polymer '4-(2-HYDROXYETHYL)-1-PIPERAZINE ETHANESULFONIC ACID'
5 non-polymer DI(HYDROXYETHYL)ETHER
6 non-polymer 'PENTAETHYLENE GLYCOL'
7 non-polymer 1,2-ETHANEDIOL
8 water water
#
_entity_poly.entity_id   1
_entity_poly.type   'polypeptide(L)'
_entity_poly.pdbx_seq_one_letter_code
;MHHHHHHAAGIPMNNPAIKRIGNHITKSPEDKREYRGLELANGIKVLLISDPTTDKSSAALDVHIGSLSDPPNIAGLSHF
LEHMLFLGTKKYPKENEYSQFLSEHAGSSNAFTSGEHTNYYFDVSHEHLEGALDRFAQFFLSPLFDESAKDREVNAVDSE
HEKNVMNDAWRLFQLEKATGNPKHPFSKFGTGNKYTLETRPNQEGIDVRQELLKFHSAYYSSNLMAVVVLGRESLDDLTN
LVVKLFSEVENKNVPLPEFPEHPFQEEHLKQLYKIVPIKDIRNLYVTFPIPDLQKYYKSNPGHYLGHLIGHEGPGSLLSE
LKSKGWVNTLVGGQKEGARGFMFFIINVDLTEEGLLHVEDIILHMFQYIQKLRAEGPQEWVFQELKDLNAVAFRFKDKER
PRGYTSKIAGILHYYPLEEVLTAEYLLEEFRPDLIEMVLDKLRPENVRVAIVSKSFEGKTDRTEEWYGTQYKQEAIPDEV
IKKWQNADLNGKFKLPTKNEFIPTNFEILPLEKEATPYPALIKDTAMSKLWFKQDDKFFLPKANLNFEFFSPFAYVDPLH
SNMAYLYLELLKDSLNEYAYAAELAGLSYDLQNTIYGMYLSVKGYNDKQPILLKKIIEKMATFEIDEKRFEIIKEAYMRS
LNNFRAEQPHQHAMYYLRLLMTEVAWTKDELKEALDDVTLPRLKAFIPQLLSRLHIEALLHGNITKQAALGIMQMVEDTL
IEHAHTKPLLPSQLVRYREVQLPDRGWFVYQQRNEVHNNSGIEIYYQTDMQSTSENMFLELFAQIISEPAFNTLRTKEQL
GYIVFSGPRRANGIQGLRFIIQSEKPPHYLESRVEAFLITMEKSIEDMTEEAFQKHIQALAIRRLDKPKKLSAESAKYWG
EIISQQYNFDRDNTEVAYLKTLTKEDIIKFYKEMLAVDAPRRHKVSVHVLAREMDSNPVVGEFPAQNDINLSQAPALPQP
EVIQNMTEFKRGLPLFPLVKPHINFMAAKL
;
_entity_poly.pdbx_strand_id   A,B
#
# COMPACT_ATOMS: atom_id res chain seq x y z
N ASN A 14 19.40 -32.52 62.95
CA ASN A 14 19.16 -33.77 63.67
C ASN A 14 18.71 -34.90 62.76
N ASN A 15 18.34 -34.55 61.53
CA ASN A 15 17.79 -35.52 60.58
C ASN A 15 18.85 -36.49 60.07
N PRO A 16 18.57 -37.80 60.17
CA PRO A 16 19.49 -38.88 59.73
C PRO A 16 19.52 -39.03 58.22
N ALA A 17 18.49 -38.52 57.55
CA ALA A 17 18.37 -38.59 56.09
C ALA A 17 19.23 -37.52 55.44
N ILE A 18 19.73 -36.59 56.26
CA ILE A 18 20.57 -35.51 55.78
C ILE A 18 22.01 -35.67 56.26
N LYS A 19 22.93 -35.80 55.32
CA LYS A 19 24.34 -35.98 55.63
C LYS A 19 25.03 -34.66 55.99
N ARG A 20 24.61 -33.55 55.38
CA ARG A 20 25.29 -32.28 55.59
C ARG A 20 24.38 -31.11 55.19
N ILE A 21 24.49 -29.97 55.88
CA ILE A 21 23.72 -28.78 55.52
C ILE A 21 24.52 -27.48 55.41
N GLY A 22 24.74 -27.01 54.18
CA GLY A 22 25.43 -25.76 53.94
C GLY A 22 24.50 -24.55 54.07
N ASN A 23 24.59 -23.78 55.16
CA ASN A 23 23.64 -22.67 55.34
C ASN A 23 24.07 -21.36 54.69
N HIS A 24 25.37 -21.09 54.65
CA HIS A 24 25.83 -19.93 53.91
C HIS A 24 26.12 -20.28 52.46
N ILE A 25 25.17 -20.00 51.57
CA ILE A 25 25.34 -20.16 50.12
C ILE A 25 25.68 -18.81 49.50
N THR A 26 26.88 -18.67 48.95
CA THR A 26 27.29 -17.37 48.41
C THR A 26 26.36 -16.95 47.27
N LYS A 27 25.70 -15.81 47.44
CA LYS A 27 24.83 -15.27 46.42
C LYS A 27 25.17 -13.81 46.13
N SER A 28 24.47 -13.19 45.19
CA SER A 28 24.63 -11.76 44.94
C SER A 28 23.89 -10.96 45.98
N PRO A 29 24.45 -9.80 46.36
CA PRO A 29 23.84 -8.92 47.37
C PRO A 29 22.48 -8.39 46.93
N GLU A 30 22.19 -8.49 45.63
CA GLU A 30 20.94 -7.98 45.07
C GLU A 30 19.89 -9.07 44.95
N ASP A 31 20.31 -10.32 45.15
CA ASP A 31 19.41 -11.46 45.17
C ASP A 31 18.62 -11.49 46.49
N LYS A 32 17.30 -11.37 46.41
CA LYS A 32 16.45 -11.40 47.60
C LYS A 32 16.02 -12.82 47.97
N ARG A 33 16.20 -13.77 47.05
CA ARG A 33 15.84 -15.16 47.29
C ARG A 33 16.73 -15.76 48.37
N GLU A 34 16.20 -16.74 49.09
CA GLU A 34 16.95 -17.40 50.15
C GLU A 34 17.38 -18.81 49.73
N TYR A 35 18.56 -19.22 50.14
CA TYR A 35 19.11 -20.51 49.72
C TYR A 35 19.56 -21.41 50.88
N ARG A 36 19.41 -22.72 50.67
CA ARG A 36 19.99 -23.72 51.54
C ARG A 36 20.40 -24.92 50.71
N GLY A 37 21.68 -25.27 50.74
CA GLY A 37 22.15 -26.46 50.06
C GLY A 37 22.26 -27.56 51.08
N LEU A 38 22.17 -28.81 50.63
CA LEU A 38 22.37 -29.93 51.52
C LEU A 38 22.65 -31.21 50.76
N GLU A 39 23.25 -32.16 51.45
CA GLU A 39 23.55 -33.45 50.88
C GLU A 39 22.77 -34.51 51.62
N LEU A 40 21.94 -35.26 50.90
CA LEU A 40 21.14 -36.28 51.53
C LEU A 40 22.02 -37.46 51.90
N ALA A 41 21.48 -38.35 52.73
CA ALA A 41 22.17 -39.55 53.16
C ALA A 41 22.49 -40.47 51.97
N ASN A 42 21.61 -40.51 50.98
CA ASN A 42 21.85 -41.35 49.79
C ASN A 42 22.76 -40.69 48.75
N GLY A 43 23.30 -39.52 49.07
CA GLY A 43 24.31 -38.87 48.24
C GLY A 43 23.81 -37.82 47.27
N ILE A 44 22.49 -37.60 47.25
CA ILE A 44 21.92 -36.58 46.39
C ILE A 44 22.34 -35.20 46.86
N LYS A 45 22.89 -34.41 45.96
CA LYS A 45 23.20 -33.01 46.27
C LYS A 45 21.96 -32.16 45.97
N VAL A 46 21.57 -31.32 46.94
CA VAL A 46 20.32 -30.56 46.83
C VAL A 46 20.53 -29.08 47.07
N LEU A 47 19.84 -28.26 46.27
CA LEU A 47 19.78 -26.82 46.51
C LEU A 47 18.33 -26.37 46.60
N LEU A 48 18.01 -25.68 47.68
CA LEU A 48 16.66 -25.20 47.94
C LEU A 48 16.59 -23.69 47.75
N ILE A 49 15.61 -23.21 47.01
CA ILE A 49 15.49 -21.79 46.72
C ILE A 49 14.13 -21.28 47.19
N SER A 50 14.15 -20.38 48.16
CA SER A 50 12.92 -19.88 48.72
C SER A 50 12.63 -18.46 48.21
N ASP A 51 11.51 -18.33 47.50
CA ASP A 51 11.10 -17.07 46.91
C ASP A 51 9.61 -16.86 47.14
N PRO A 52 9.27 -16.21 48.25
CA PRO A 52 7.90 -15.98 48.69
C PRO A 52 7.06 -15.16 47.70
N THR A 53 7.70 -14.65 46.64
CA THR A 53 6.98 -13.83 45.67
C THR A 53 6.70 -14.57 44.37
N THR A 54 7.38 -15.68 44.15
CA THR A 54 7.31 -16.36 42.85
C THR A 54 5.89 -16.80 42.55
N ASP A 55 5.45 -16.55 41.32
CA ASP A 55 4.13 -16.96 40.90
C ASP A 55 4.14 -18.43 40.47
N LYS A 56 5.21 -18.84 39.80
CA LYS A 56 5.37 -20.26 39.48
C LYS A 56 6.48 -20.85 40.35
N SER A 57 6.26 -22.08 40.81
CA SER A 57 7.30 -22.85 41.48
C SER A 57 7.96 -23.77 40.47
N SER A 58 9.07 -24.40 40.85
CA SER A 58 9.82 -25.21 39.91
C SER A 58 10.76 -26.18 40.59
N ALA A 59 11.00 -27.31 39.95
CA ALA A 59 12.01 -28.25 40.40
C ALA A 59 12.74 -28.82 39.21
N ALA A 60 13.93 -29.32 39.44
CA ALA A 60 14.73 -29.92 38.40
C ALA A 60 15.64 -30.98 38.99
N LEU A 61 15.88 -32.06 38.25
CA LEU A 61 16.82 -33.08 38.68
C LEU A 61 17.78 -33.38 37.55
N ASP A 62 19.08 -33.44 37.87
CA ASP A 62 20.10 -33.77 36.87
C ASP A 62 20.83 -35.08 37.22
N VAL A 63 20.72 -36.07 36.35
CA VAL A 63 21.46 -37.32 36.50
C VAL A 63 22.74 -37.24 35.70
N HIS A 64 23.84 -37.70 36.28
CA HIS A 64 25.15 -37.47 35.70
C HIS A 64 25.52 -38.62 34.76
N ILE A 65 24.50 -39.18 34.13
CA ILE A 65 24.65 -40.15 33.04
C ILE A 65 24.04 -39.61 31.74
N GLY A 66 24.67 -39.95 30.61
CA GLY A 66 24.24 -39.45 29.32
C GLY A 66 24.42 -40.44 28.19
N SER A 67 24.34 -39.96 26.95
CA SER A 67 24.35 -40.87 25.81
C SER A 67 25.70 -41.53 25.63
N LEU A 68 26.75 -40.93 26.20
CA LEU A 68 28.07 -41.53 26.17
C LEU A 68 28.10 -42.89 26.89
N SER A 69 27.09 -43.15 27.69
CA SER A 69 27.00 -44.41 28.43
C SER A 69 25.97 -45.35 27.83
N ASP A 70 25.51 -45.03 26.62
CA ASP A 70 24.61 -45.91 25.89
C ASP A 70 25.31 -47.24 25.61
N PRO A 71 24.57 -48.35 25.72
CA PRO A 71 25.06 -49.66 25.28
C PRO A 71 25.44 -49.62 23.79
N PRO A 72 26.57 -50.22 23.41
CA PRO A 72 27.04 -50.17 22.01
C PRO A 72 26.05 -50.75 21.00
N ASN A 73 25.15 -51.62 21.45
CA ASN A 73 24.18 -52.26 20.57
C ASN A 73 22.79 -51.61 20.64
N ILE A 74 22.66 -50.57 21.44
CA ILE A 74 21.41 -49.81 21.49
C ILE A 74 21.68 -48.32 21.53
N ALA A 75 22.07 -47.76 20.39
CA ALA A 75 22.34 -46.33 20.30
C ALA A 75 21.09 -45.52 20.68
N GLY A 76 21.24 -44.57 21.60
CA GLY A 76 20.17 -43.66 21.94
C GLY A 76 19.25 -44.14 23.05
N LEU A 77 19.72 -45.13 23.81
CA LEU A 77 18.94 -45.65 24.91
C LEU A 77 18.70 -44.62 26.03
N SER A 78 19.75 -43.89 26.39
CA SER A 78 19.61 -42.84 27.40
C SER A 78 18.59 -41.78 26.98
N HIS A 79 18.69 -41.34 25.73
CA HIS A 79 17.75 -40.36 25.19
C HIS A 79 16.33 -40.94 25.17
N PHE A 80 16.22 -42.18 24.72
CA PHE A 80 14.92 -42.84 24.64
C PHE A 80 14.29 -42.97 26.03
N LEU A 81 15.11 -43.39 27.00
CA LEU A 81 14.67 -43.55 28.38
C LEU A 81 14.10 -42.24 28.90
N GLU A 82 14.74 -41.14 28.51
CA GLU A 82 14.34 -39.80 28.90
C GLU A 82 12.92 -39.47 28.45
N HIS A 83 12.59 -39.83 27.21
CA HIS A 83 11.20 -39.69 26.74
C HIS A 83 10.25 -40.51 27.60
N MET A 84 10.63 -41.75 27.90
CA MET A 84 9.72 -42.70 28.50
C MET A 84 9.30 -42.36 29.92
N LEU A 85 10.16 -41.68 30.67
CA LEU A 85 9.85 -41.40 32.07
C LEU A 85 8.61 -40.53 32.22
N PHE A 86 8.26 -39.82 31.16
CA PHE A 86 7.09 -38.93 31.20
C PHE A 86 5.79 -39.70 31.08
N LEU A 87 5.90 -40.97 30.66
CA LEU A 87 4.73 -41.71 30.23
C LEU A 87 4.17 -42.68 31.26
N GLY A 88 4.46 -42.45 32.54
CA GLY A 88 3.83 -43.26 33.59
C GLY A 88 4.71 -43.92 34.62
N THR A 89 4.25 -43.88 35.87
CA THR A 89 4.97 -44.50 36.98
C THR A 89 4.02 -45.44 37.72
N LYS A 90 4.54 -46.19 38.70
CA LYS A 90 3.71 -47.14 39.41
C LYS A 90 2.67 -46.43 40.26
N LYS A 91 3.08 -45.34 40.89
CA LYS A 91 2.16 -44.58 41.74
C LYS A 91 1.18 -43.76 40.92
N TYR A 92 1.64 -43.31 39.75
CA TYR A 92 0.80 -42.56 38.81
C TYR A 92 0.85 -43.22 37.45
N PRO A 93 0.08 -44.30 37.28
CA PRO A 93 0.13 -45.14 36.09
C PRO A 93 -0.52 -44.51 34.84
N LYS A 94 -1.39 -43.51 34.99
CA LYS A 94 -2.02 -42.90 33.82
C LYS A 94 -0.96 -42.22 32.96
N GLU A 95 -0.87 -42.66 31.71
CA GLU A 95 0.21 -42.31 30.81
C GLU A 95 0.52 -40.81 30.76
N ASN A 96 -0.51 -39.97 30.72
CA ASN A 96 -0.31 -38.54 30.61
C ASN A 96 -0.65 -37.76 31.88
N GLU A 97 -0.67 -38.47 33.01
CA GLU A 97 -0.98 -37.85 34.29
C GLU A 97 -0.05 -36.68 34.61
N TYR A 98 1.24 -36.88 34.38
CA TYR A 98 2.23 -35.86 34.69
C TYR A 98 1.96 -34.59 33.88
N SER A 99 1.87 -34.77 32.56
CA SER A 99 1.66 -33.65 31.65
C SER A 99 0.32 -32.98 31.87
N GLN A 100 -0.69 -33.79 32.17
CA GLN A 100 -2.04 -33.25 32.37
C GLN A 100 -2.13 -32.45 33.68
N PHE A 101 -1.48 -32.94 34.73
CA PHE A 101 -1.47 -32.21 35.98
C PHE A 101 -0.79 -30.85 35.84
N LEU A 102 0.34 -30.82 35.15
CA LEU A 102 1.07 -29.57 34.95
C LEU A 102 0.20 -28.61 34.14
N SER A 103 -0.45 -29.14 33.10
CA SER A 103 -1.30 -28.34 32.24
C SER A 103 -2.45 -27.72 33.00
N GLU A 104 -3.05 -28.49 33.90
CA GLU A 104 -4.20 -28.02 34.67
C GLU A 104 -3.82 -27.10 35.81
N HIS A 105 -2.52 -26.87 35.99
CA HIS A 105 -2.05 -26.03 37.08
C HIS A 105 -0.97 -25.05 36.63
N ALA A 106 -1.11 -24.55 35.41
CA ALA A 106 -0.26 -23.49 34.87
C ALA A 106 1.20 -23.91 34.74
N GLY A 107 1.45 -25.20 34.61
CA GLY A 107 2.80 -25.70 34.57
C GLY A 107 3.25 -26.18 33.20
N SER A 108 4.50 -26.57 33.12
CA SER A 108 5.07 -27.09 31.90
C SER A 108 6.33 -27.85 32.27
N SER A 109 6.79 -28.69 31.35
CA SER A 109 7.92 -29.56 31.66
C SER A 109 8.72 -29.92 30.42
N ASN A 110 10.00 -30.19 30.62
CA ASN A 110 10.86 -30.65 29.55
C ASN A 110 12.06 -31.41 30.08
N ALA A 111 12.88 -31.93 29.17
CA ALA A 111 14.12 -32.61 29.56
C ALA A 111 15.05 -32.68 28.37
N PHE A 112 16.33 -32.93 28.61
CA PHE A 112 17.29 -33.12 27.53
C PHE A 112 18.38 -34.09 27.93
N THR A 113 18.99 -34.71 26.92
CA THR A 113 20.06 -35.68 27.13
C THR A 113 21.33 -35.25 26.41
N SER A 114 22.41 -35.05 27.17
CA SER A 114 23.73 -34.84 26.59
C SER A 114 24.58 -36.06 26.84
N GLY A 115 25.86 -35.97 26.51
CA GLY A 115 26.76 -37.11 26.66
C GLY A 115 26.97 -37.57 28.10
N GLU A 116 26.75 -36.67 29.05
CA GLU A 116 27.09 -36.94 30.45
C GLU A 116 25.97 -36.56 31.40
N HIS A 117 24.86 -36.11 30.85
CA HIS A 117 23.76 -35.65 31.70
C HIS A 117 22.38 -35.96 31.14
N THR A 118 21.47 -36.31 32.04
CA THR A 118 20.07 -36.29 31.69
C THR A 118 19.37 -35.35 32.68
N ASN A 119 18.75 -34.32 32.14
CA ASN A 119 18.24 -33.21 32.93
C ASN A 119 16.73 -33.05 32.80
N TYR A 120 16.00 -33.13 33.91
CA TYR A 120 14.53 -33.04 33.92
C TYR A 120 14.07 -31.84 34.72
N TYR A 121 13.08 -31.11 34.21
CA TYR A 121 12.61 -29.93 34.93
C TYR A 121 11.14 -29.60 34.66
N PHE A 122 10.53 -28.86 35.58
CA PHE A 122 9.14 -28.42 35.41
C PHE A 122 8.93 -27.14 36.17
N ASP A 123 7.91 -26.37 35.78
CA ASP A 123 7.38 -25.36 36.67
C ASP A 123 5.88 -25.57 36.84
N VAL A 124 5.30 -24.90 37.82
CA VAL A 124 3.90 -25.08 38.16
C VAL A 124 3.47 -23.96 39.09
N SER A 125 2.17 -23.68 39.10
CA SER A 125 1.59 -22.74 40.05
C SER A 125 2.18 -22.99 41.43
N HIS A 126 2.62 -21.94 42.11
CA HIS A 126 3.32 -22.07 43.38
C HIS A 126 2.54 -22.84 44.44
N GLU A 127 1.22 -22.85 44.30
CA GLU A 127 0.36 -23.51 45.27
C GLU A 127 0.28 -25.02 45.10
N HIS A 128 0.89 -25.56 44.05
CA HIS A 128 0.77 -26.98 43.74
C HIS A 128 2.12 -27.64 43.52
N LEU A 129 3.14 -27.10 44.18
CA LEU A 129 4.49 -27.62 44.08
C LEU A 129 4.57 -29.07 44.55
N GLU A 130 3.96 -29.35 45.71
CA GLU A 130 4.07 -30.67 46.31
C GLU A 130 3.50 -31.75 45.40
N GLY A 131 2.35 -31.45 44.79
CA GLY A 131 1.72 -32.39 43.87
C GLY A 131 2.56 -32.64 42.64
N ALA A 132 3.08 -31.56 42.08
CA ALA A 132 3.94 -31.66 40.91
C ALA A 132 5.21 -32.41 41.26
N LEU A 133 5.82 -32.03 42.38
CA LEU A 133 7.11 -32.58 42.76
C LEU A 133 6.99 -34.07 43.06
N ASP A 134 5.88 -34.46 43.69
CA ASP A 134 5.65 -35.86 44.02
C ASP A 134 5.54 -36.71 42.75
N ARG A 135 4.74 -36.26 41.79
CA ARG A 135 4.57 -36.99 40.53
C ARG A 135 5.91 -37.07 39.81
N PHE A 136 6.71 -36.02 39.97
CA PHE A 136 8.02 -35.87 39.35
C PHE A 136 9.04 -36.84 39.94
N ALA A 137 9.05 -36.93 41.27
CA ALA A 137 10.02 -37.76 41.97
C ALA A 137 9.88 -39.21 41.52
N GLN A 138 8.66 -39.59 41.19
CA GLN A 138 8.34 -40.96 40.77
C GLN A 138 9.09 -41.38 39.49
N PHE A 139 9.53 -40.39 38.70
CA PHE A 139 10.32 -40.68 37.49
C PHE A 139 11.54 -41.50 37.87
N PHE A 140 11.98 -41.28 39.10
CA PHE A 140 13.26 -41.81 39.55
C PHE A 140 13.11 -42.95 40.55
N LEU A 141 11.87 -43.40 40.77
CA LEU A 141 11.62 -44.67 41.45
C LEU A 141 10.45 -45.39 40.81
N SER A 142 10.72 -46.48 40.10
CA SER A 142 9.68 -47.30 39.46
C SER A 142 8.81 -46.57 38.39
N PRO A 143 9.45 -46.14 37.30
CA PRO A 143 8.70 -45.81 36.09
C PRO A 143 8.12 -47.07 35.44
N LEU A 144 7.02 -46.94 34.70
CA LEU A 144 6.38 -48.12 34.12
C LEU A 144 7.11 -48.72 32.91
N PHE A 145 7.62 -47.87 32.02
CA PHE A 145 8.16 -48.33 30.74
C PHE A 145 7.18 -49.25 30.02
N ASP A 146 5.92 -48.84 30.02
CA ASP A 146 4.83 -49.60 29.39
C ASP A 146 5.21 -50.06 27.98
N GLU A 147 5.01 -51.33 27.69
CA GLU A 147 5.39 -51.89 26.38
C GLU A 147 4.62 -51.20 25.25
N SER A 148 3.34 -50.93 25.49
CA SER A 148 2.49 -50.24 24.53
C SER A 148 2.97 -48.80 24.25
N ALA A 149 3.32 -48.08 25.31
CA ALA A 149 3.86 -46.72 25.19
C ALA A 149 5.24 -46.74 24.52
N LYS A 150 6.05 -47.74 24.85
CA LYS A 150 7.38 -47.85 24.25
C LYS A 150 7.31 -47.95 22.73
N ASP A 151 6.44 -48.82 22.23
CA ASP A 151 6.24 -49.01 20.80
C ASP A 151 5.77 -47.74 20.08
N ARG A 152 5.10 -46.85 20.82
CA ARG A 152 4.62 -45.61 20.25
C ARG A 152 5.68 -44.52 20.30
N GLU A 153 6.24 -44.28 21.48
CA GLU A 153 7.15 -43.16 21.67
C GLU A 153 8.47 -43.30 20.92
N VAL A 154 8.81 -44.51 20.47
CA VAL A 154 10.01 -44.70 19.65
C VAL A 154 9.86 -43.89 18.35
N ASN A 155 8.62 -43.69 17.94
CA ASN A 155 8.33 -42.94 16.73
C ASN A 155 8.62 -41.46 16.89
N ALA A 156 8.39 -40.95 18.10
CA ALA A 156 8.69 -39.56 18.42
C ALA A 156 10.19 -39.31 18.32
N VAL A 157 10.98 -40.25 18.83
CA VAL A 157 12.42 -40.15 18.75
C VAL A 157 12.87 -40.21 17.29
N ASP A 158 12.30 -41.14 16.53
CA ASP A 158 12.61 -41.25 15.09
C ASP A 158 12.34 -39.94 14.38
N SER A 159 11.18 -39.35 14.68
CA SER A 159 10.77 -38.09 14.09
C SER A 159 11.73 -36.98 14.45
N GLU A 160 12.21 -37.02 15.69
CA GLU A 160 13.19 -36.05 16.15
C GLU A 160 14.50 -36.19 15.36
N HIS A 161 14.93 -37.41 15.09
CA HIS A 161 16.17 -37.59 14.35
C HIS A 161 16.03 -37.18 12.90
N GLU A 162 14.92 -37.56 12.28
CA GLU A 162 14.69 -37.29 10.86
C GLU A 162 14.77 -35.79 10.63
N LYS A 163 14.21 -35.05 11.56
CA LYS A 163 14.27 -33.59 11.58
C LYS A 163 15.70 -33.06 11.51
N ASN A 164 16.66 -33.83 11.99
CA ASN A 164 18.03 -33.35 12.09
C ASN A 164 18.91 -33.87 10.98
N VAL A 165 18.38 -34.80 10.21
CA VAL A 165 19.18 -35.50 9.21
C VAL A 165 19.75 -34.53 8.15
N MET A 166 18.91 -33.63 7.67
CA MET A 166 19.34 -32.65 6.67
C MET A 166 19.74 -31.30 7.29
N ASN A 167 20.12 -31.33 8.55
CA ASN A 167 20.61 -30.13 9.24
C ASN A 167 22.14 -30.11 9.32
N ASP A 168 22.76 -29.05 8.82
CA ASP A 168 24.22 -29.01 8.70
C ASP A 168 24.95 -29.04 10.05
N ALA A 169 24.34 -28.47 11.09
CA ALA A 169 24.93 -28.47 12.43
C ALA A 169 25.06 -29.88 13.00
N TRP A 170 23.98 -30.65 12.87
CA TRP A 170 23.96 -32.03 13.34
C TRP A 170 24.89 -32.91 12.51
N ARG A 171 24.89 -32.69 11.21
CA ARG A 171 25.71 -33.50 10.31
C ARG A 171 27.19 -33.35 10.66
N LEU A 172 27.61 -32.12 10.93
CA LEU A 172 29.00 -31.85 11.30
C LEU A 172 29.28 -32.35 12.69
N PHE A 173 28.30 -32.20 13.58
CA PHE A 173 28.39 -32.65 14.96
C PHE A 173 28.76 -34.13 14.98
N GLN A 174 28.04 -34.93 14.22
CA GLN A 174 28.25 -36.36 14.18
C GLN A 174 29.46 -36.73 13.33
N LEU A 175 29.78 -35.88 12.36
CA LEU A 175 30.93 -36.13 11.50
C LEU A 175 32.24 -36.05 12.28
N GLU A 176 32.32 -35.12 13.22
CA GLU A 176 33.51 -34.99 14.05
C GLU A 176 33.72 -36.28 14.82
N LYS A 177 32.64 -36.78 15.41
CA LYS A 177 32.68 -38.00 16.21
C LYS A 177 33.13 -39.19 15.36
N ALA A 178 32.75 -39.16 14.09
CA ALA A 178 33.05 -40.26 13.18
C ALA A 178 34.48 -40.24 12.66
N THR A 179 35.21 -39.16 12.91
CA THR A 179 36.56 -39.03 12.36
C THR A 179 37.63 -39.21 13.42
N GLY A 180 37.21 -39.54 14.63
CA GLY A 180 38.13 -39.92 15.69
C GLY A 180 38.06 -41.42 15.94
N ASN A 181 38.78 -41.87 16.96
CA ASN A 181 38.81 -43.28 17.37
C ASN A 181 37.43 -43.92 17.48
N PRO A 182 37.14 -44.92 16.61
CA PRO A 182 35.86 -45.63 16.62
C PRO A 182 35.62 -46.37 17.94
N LYS A 183 36.71 -46.79 18.59
CA LYS A 183 36.61 -47.50 19.86
C LYS A 183 36.17 -46.59 21.02
N HIS A 184 36.23 -45.29 20.80
CA HIS A 184 35.95 -44.31 21.86
C HIS A 184 34.47 -43.97 21.92
N PRO A 185 33.89 -43.92 23.12
CA PRO A 185 32.48 -43.62 23.30
C PRO A 185 32.05 -42.31 22.64
N PHE A 186 33.03 -41.45 22.35
CA PHE A 186 32.75 -40.17 21.72
C PHE A 186 32.10 -40.35 20.34
N SER A 187 32.32 -41.51 19.74
CA SER A 187 31.86 -41.76 18.37
C SER A 187 30.42 -42.20 18.30
N LYS A 188 29.78 -42.35 19.46
CA LYS A 188 28.44 -42.87 19.52
C LYS A 188 27.41 -41.93 18.89
N PHE A 189 26.37 -42.54 18.34
CA PHE A 189 25.22 -41.82 17.83
C PHE A 189 24.22 -41.72 18.97
N GLY A 190 24.08 -40.51 19.52
CA GLY A 190 23.33 -40.33 20.76
C GLY A 190 21.82 -40.23 20.67
N THR A 191 21.32 -39.69 19.56
CA THR A 191 19.89 -39.42 19.43
C THR A 191 19.09 -40.71 19.41
N GLY A 192 19.56 -41.66 18.60
CA GLY A 192 18.85 -42.89 18.34
C GLY A 192 17.73 -42.71 17.33
N ASN A 193 17.20 -43.82 16.83
CA ASN A 193 16.03 -43.79 15.95
C ASN A 193 15.34 -45.14 15.89
N LYS A 194 14.33 -45.26 15.02
CA LYS A 194 13.53 -46.49 14.97
C LYS A 194 14.42 -47.71 14.70
N TYR A 195 15.46 -47.52 13.91
CA TYR A 195 16.35 -48.63 13.59
C TYR A 195 17.11 -49.11 14.83
N THR A 196 17.75 -48.18 15.53
CA THR A 196 18.63 -48.56 16.63
C THR A 196 17.85 -48.86 17.91
N LEU A 197 16.65 -48.31 18.02
CA LEU A 197 15.81 -48.51 19.20
C LEU A 197 14.79 -49.65 19.05
N GLU A 198 14.19 -49.79 17.88
CA GLU A 198 13.25 -50.89 17.64
C GLU A 198 13.76 -51.97 16.67
N THR A 199 14.12 -51.58 15.46
CA THR A 199 14.33 -52.53 14.38
C THR A 199 15.50 -53.48 14.61
N ARG A 200 16.71 -52.95 14.75
CA ARG A 200 17.88 -53.81 15.01
C ARG A 200 17.75 -54.63 16.30
N PRO A 201 17.25 -54.00 17.39
CA PRO A 201 17.06 -54.76 18.62
C PRO A 201 16.11 -55.95 18.44
N ASN A 202 15.24 -55.89 17.44
CA ASN A 202 14.38 -57.02 17.13
C ASN A 202 15.10 -58.11 16.33
N GLN A 203 15.97 -57.73 15.39
CA GLN A 203 16.77 -58.73 14.69
C GLN A 203 17.63 -59.48 15.68
N GLU A 204 18.24 -58.73 16.59
CA GLU A 204 19.19 -59.31 17.53
C GLU A 204 18.50 -59.81 18.80
N GLY A 205 17.17 -59.90 18.77
CA GLY A 205 16.41 -60.47 19.85
C GLY A 205 16.57 -59.83 21.22
N ILE A 206 16.80 -58.53 21.25
CA ILE A 206 16.95 -57.81 22.52
C ILE A 206 15.61 -57.28 23.03
N ASP A 207 15.37 -57.44 24.33
CA ASP A 207 14.19 -56.86 24.96
C ASP A 207 14.47 -55.41 25.37
N VAL A 208 14.03 -54.49 24.53
CA VAL A 208 14.30 -53.09 24.74
C VAL A 208 13.72 -52.60 26.07
N ARG A 209 12.58 -53.15 26.47
CA ARG A 209 12.01 -52.70 27.73
C ARG A 209 12.86 -53.13 28.92
N GLN A 210 13.52 -54.28 28.80
CA GLN A 210 14.44 -54.74 29.84
C GLN A 210 15.66 -53.83 29.85
N GLU A 211 16.13 -53.49 28.67
CA GLU A 211 17.28 -52.62 28.53
C GLU A 211 17.00 -51.25 29.17
N LEU A 212 15.80 -50.72 28.95
CA LEU A 212 15.39 -49.49 29.63
C LEU A 212 15.45 -49.65 31.14
N LEU A 213 14.78 -50.69 31.64
CA LEU A 213 14.79 -51.01 33.07
C LEU A 213 16.19 -51.30 33.59
N LYS A 214 16.98 -52.06 32.84
CA LYS A 214 18.36 -52.36 33.23
C LYS A 214 19.13 -51.05 33.36
N PHE A 215 19.07 -50.23 32.32
CA PHE A 215 19.78 -48.96 32.31
C PHE A 215 19.32 -48.06 33.45
N HIS A 216 18.01 -47.90 33.61
CA HIS A 216 17.47 -47.05 34.66
C HIS A 216 17.95 -47.49 36.03
N SER A 217 17.83 -48.79 36.29
CA SER A 217 18.17 -49.33 37.60
C SER A 217 19.66 -49.22 37.89
N ALA A 218 20.48 -49.40 36.87
CA ALA A 218 21.93 -49.44 37.02
C ALA A 218 22.56 -48.05 37.15
N TYR A 219 22.02 -47.08 36.41
CA TYR A 219 22.67 -45.77 36.30
C TYR A 219 21.93 -44.64 36.97
N TYR A 220 20.62 -44.74 37.07
CA TYR A 220 19.87 -43.69 37.75
C TYR A 220 19.98 -43.82 39.27
N SER A 221 21.23 -43.72 39.75
CA SER A 221 21.53 -43.86 41.16
C SER A 221 21.51 -42.50 41.86
N SER A 222 21.19 -42.52 43.15
CA SER A 222 21.08 -41.29 43.92
C SER A 222 22.43 -40.59 44.07
N ASN A 223 23.52 -41.35 44.01
CA ASN A 223 24.85 -40.78 44.18
C ASN A 223 25.27 -39.96 42.95
N LEU A 224 24.58 -40.18 41.83
CA LEU A 224 24.87 -39.46 40.59
C LEU A 224 23.82 -38.40 40.29
N MET A 225 23.08 -37.98 41.30
CA MET A 225 21.96 -37.07 41.12
C MET A 225 22.14 -35.76 41.86
N ALA A 226 21.65 -34.69 41.24
CA ALA A 226 21.54 -33.38 41.88
C ALA A 226 20.12 -32.86 41.70
N VAL A 227 19.57 -32.24 42.73
CA VAL A 227 18.19 -31.77 42.68
C VAL A 227 18.10 -30.32 43.12
N VAL A 228 17.33 -29.52 42.39
CA VAL A 228 17.07 -28.13 42.79
C VAL A 228 15.57 -27.87 42.85
N VAL A 229 15.12 -27.30 43.96
CA VAL A 229 13.71 -26.98 44.13
C VAL A 229 13.51 -25.53 44.54
N LEU A 230 12.54 -24.86 43.91
CA LEU A 230 12.29 -23.45 44.16
C LEU A 230 10.79 -23.23 44.38
N GLY A 231 10.44 -22.62 45.51
CA GLY A 231 9.04 -22.35 45.80
C GLY A 231 8.86 -21.22 46.79
N ARG A 232 7.62 -20.89 47.13
CA ARG A 232 7.34 -19.86 48.13
C ARG A 232 7.61 -20.36 49.55
N GLU A 233 7.56 -21.68 49.73
CA GLU A 233 7.73 -22.32 51.04
C GLU A 233 9.05 -21.90 51.70
N SER A 234 9.09 -21.97 53.03
CA SER A 234 10.31 -21.67 53.77
C SER A 234 11.41 -22.69 53.45
N LEU A 235 12.65 -22.36 53.78
CA LEU A 235 13.75 -23.29 53.56
C LEU A 235 13.55 -24.57 54.38
N ASP A 236 12.99 -24.41 55.58
CA ASP A 236 12.70 -25.56 56.44
C ASP A 236 11.67 -26.49 55.80
N ASP A 237 10.55 -25.93 55.38
CA ASP A 237 9.48 -26.73 54.76
C ASP A 237 9.96 -27.39 53.48
N LEU A 238 10.70 -26.63 52.65
CA LEU A 238 11.22 -27.18 51.41
C LEU A 238 12.15 -28.35 51.70
N THR A 239 12.82 -28.29 52.84
CA THR A 239 13.73 -29.36 53.25
C THR A 239 12.94 -30.64 53.56
N ASN A 240 11.88 -30.48 54.32
CA ASN A 240 11.02 -31.62 54.64
C ASN A 240 10.44 -32.24 53.40
N LEU A 241 9.98 -31.39 52.50
CA LEU A 241 9.36 -31.85 51.26
C LEU A 241 10.34 -32.65 50.41
N VAL A 242 11.53 -32.10 50.19
CA VAL A 242 12.54 -32.75 49.36
C VAL A 242 13.02 -34.05 49.98
N VAL A 243 13.36 -33.98 51.27
CA VAL A 243 13.85 -35.12 52.02
C VAL A 243 12.85 -36.26 52.05
N LYS A 244 11.59 -35.92 52.28
CA LYS A 244 10.50 -36.87 52.27
C LYS A 244 10.46 -37.68 50.97
N LEU A 245 10.60 -36.99 49.84
CA LEU A 245 10.39 -37.61 48.53
C LEU A 245 11.61 -38.28 47.90
N PHE A 246 12.82 -37.77 48.19
CA PHE A 246 13.99 -38.18 47.41
C PHE A 246 14.99 -39.05 48.18
N SER A 247 14.89 -39.06 49.50
CA SER A 247 15.77 -39.91 50.31
C SER A 247 15.43 -41.36 50.05
N GLU A 248 14.24 -41.57 49.50
CA GLU A 248 13.75 -42.88 49.16
C GLU A 248 14.45 -43.44 47.91
N VAL A 249 15.13 -42.56 47.17
CA VAL A 249 15.87 -42.98 45.97
C VAL A 249 17.06 -43.82 46.36
N GLU A 250 17.22 -44.96 45.70
CA GLU A 250 18.23 -45.94 46.07
C GLU A 250 19.62 -45.58 45.55
N ASN A 251 20.64 -45.84 46.36
CA ASN A 251 22.03 -45.54 46.02
C ASN A 251 22.79 -46.80 45.60
N LYS A 252 22.97 -46.96 44.30
CA LYS A 252 23.71 -48.09 43.75
C LYS A 252 25.22 -47.84 43.76
N ASN A 253 25.61 -46.71 44.34
CA ASN A 253 27.00 -46.31 44.39
C ASN A 253 27.76 -46.50 43.08
N VAL A 254 27.21 -45.91 42.02
CA VAL A 254 27.79 -45.99 40.69
C VAL A 254 29.01 -45.09 40.59
N PRO A 255 30.13 -45.63 40.09
CA PRO A 255 31.27 -44.76 39.77
C PRO A 255 30.98 -43.80 38.62
N LEU A 256 31.38 -42.54 38.79
CA LEU A 256 31.17 -41.53 37.76
C LEU A 256 32.07 -41.81 36.57
N PRO A 257 31.49 -41.99 35.39
CA PRO A 257 32.27 -42.29 34.18
C PRO A 257 33.32 -41.21 33.88
N GLU A 258 34.51 -41.62 33.46
CA GLU A 258 35.47 -40.66 32.94
C GLU A 258 36.11 -41.22 31.67
N PHE A 259 36.65 -40.32 30.85
CA PHE A 259 37.14 -40.66 29.52
C PHE A 259 38.51 -40.07 29.31
N PRO A 260 39.51 -40.61 30.01
CA PRO A 260 40.87 -40.07 30.10
C PRO A 260 41.57 -39.98 28.74
N GLU A 261 41.30 -40.95 27.88
CA GLU A 261 41.94 -41.00 26.57
C GLU A 261 41.19 -40.13 25.56
N HIS A 262 41.92 -39.24 24.89
CA HIS A 262 41.29 -38.34 23.93
C HIS A 262 40.78 -39.11 22.71
N PRO A 263 39.59 -38.75 22.22
CA PRO A 263 39.00 -39.39 21.03
C PRO A 263 39.87 -39.18 19.79
N PHE A 264 40.71 -38.14 19.85
CA PHE A 264 41.63 -37.83 18.76
C PHE A 264 43.04 -38.17 19.18
N GLN A 265 43.56 -39.26 18.62
CA GLN A 265 44.92 -39.67 18.89
C GLN A 265 45.84 -39.15 17.79
N GLU A 266 47.07 -39.64 17.75
CA GLU A 266 48.06 -39.12 16.79
C GLU A 266 47.58 -39.29 15.35
N GLU A 267 47.04 -40.47 15.04
CA GLU A 267 46.58 -40.75 13.68
C GLU A 267 45.46 -39.80 13.23
N HIS A 268 44.85 -39.10 14.19
CA HIS A 268 43.73 -38.22 13.88
C HIS A 268 44.15 -36.74 13.84
N LEU A 269 45.44 -36.48 14.00
CA LEU A 269 45.93 -35.11 13.98
C LEU A 269 46.65 -34.81 12.66
N LYS A 270 46.84 -33.53 12.37
CA LYS A 270 47.38 -33.08 11.08
C LYS A 270 46.54 -33.58 9.90
N GLN A 271 45.23 -33.64 10.11
CA GLN A 271 44.29 -34.12 9.10
C GLN A 271 43.40 -32.99 8.58
N LEU A 272 43.07 -33.06 7.30
CA LEU A 272 42.18 -32.09 6.69
C LEU A 272 40.91 -32.75 6.17
N TYR A 273 39.77 -32.13 6.42
CA TYR A 273 38.49 -32.68 5.97
C TYR A 273 37.73 -31.70 5.08
N LYS A 274 37.27 -32.19 3.94
CA LYS A 274 36.48 -31.39 3.01
C LYS A 274 35.05 -31.93 2.98
N ILE A 275 34.10 -31.06 3.28
CA ILE A 275 32.74 -31.50 3.57
C ILE A 275 31.69 -30.78 2.72
N VAL A 276 30.72 -31.53 2.23
CA VAL A 276 29.63 -30.95 1.46
C VAL A 276 28.45 -30.68 2.38
N PRO A 277 28.03 -29.42 2.47
CA PRO A 277 26.90 -28.97 3.29
C PRO A 277 25.58 -29.09 2.54
N ILE A 278 24.47 -28.99 3.28
CA ILE A 278 23.16 -28.93 2.64
C ILE A 278 22.90 -27.51 2.19
N LYS A 279 22.88 -26.57 3.15
CA LYS A 279 22.84 -25.15 2.82
C LYS A 279 24.11 -24.74 2.07
N ASP A 280 24.01 -23.68 1.29
CA ASP A 280 25.21 -23.13 0.66
C ASP A 280 25.94 -22.22 1.66
N ILE A 281 26.88 -22.82 2.37
CA ILE A 281 27.65 -22.12 3.39
C ILE A 281 29.12 -22.38 3.20
N ARG A 282 29.95 -21.47 3.67
CA ARG A 282 31.39 -21.62 3.56
C ARG A 282 32.02 -21.45 4.93
N ASN A 283 32.41 -22.55 5.54
CA ASN A 283 32.97 -22.50 6.88
C ASN A 283 34.32 -23.18 7.00
N LEU A 284 35.11 -22.70 7.95
CA LEU A 284 36.40 -23.27 8.26
C LEU A 284 36.45 -23.60 9.75
N TYR A 285 36.71 -24.86 10.06
CA TYR A 285 36.80 -25.28 11.45
C TYR A 285 38.22 -25.69 11.78
N VAL A 286 38.83 -25.02 12.74
CA VAL A 286 40.13 -25.44 13.25
C VAL A 286 39.94 -25.95 14.68
N THR A 287 40.49 -27.11 14.97
CA THR A 287 40.27 -27.77 16.25
C THR A 287 41.58 -28.27 16.86
N PHE A 288 41.81 -27.95 18.12
CA PHE A 288 42.95 -28.48 18.87
C PHE A 288 42.48 -29.34 20.02
N PRO A 289 42.84 -30.64 20.00
CA PRO A 289 42.57 -31.47 21.18
C PRO A 289 43.34 -30.96 22.40
N ILE A 290 42.68 -30.89 23.54
CA ILE A 290 43.32 -30.45 24.78
C ILE A 290 42.85 -31.26 25.98
N PRO A 291 43.60 -31.17 27.09
CA PRO A 291 43.24 -31.84 28.34
C PRO A 291 41.99 -31.27 28.99
N ASP A 292 41.31 -32.08 29.79
CA ASP A 292 40.14 -31.59 30.53
C ASP A 292 40.54 -30.45 31.47
N LEU A 293 40.06 -29.24 31.17
CA LEU A 293 40.43 -28.07 31.95
C LEU A 293 39.44 -27.76 33.08
N GLN A 294 38.52 -28.67 33.35
CA GLN A 294 37.48 -28.40 34.33
C GLN A 294 38.02 -28.13 35.73
N LYS A 295 39.00 -28.90 36.18
CA LYS A 295 39.62 -28.66 37.49
C LYS A 295 40.18 -27.25 37.62
N TYR A 296 40.77 -26.73 36.55
CA TYR A 296 41.35 -25.40 36.62
C TYR A 296 40.28 -24.31 36.59
N TYR A 297 39.08 -24.61 37.07
CA TYR A 297 37.98 -23.66 36.92
C TYR A 297 38.18 -22.34 37.68
N LYS A 298 39.03 -22.33 38.70
CA LYS A 298 39.22 -21.12 39.51
C LYS A 298 40.02 -20.06 38.76
N SER A 299 40.80 -20.49 37.78
CA SER A 299 41.57 -19.57 36.96
C SER A 299 41.03 -19.51 35.53
N ASN A 300 40.55 -20.66 35.04
CA ASN A 300 39.93 -20.74 33.74
C ASN A 300 40.85 -20.28 32.62
N PRO A 301 41.97 -20.97 32.43
CA PRO A 301 42.93 -20.61 31.38
C PRO A 301 42.27 -20.56 29.99
N GLY A 302 41.39 -21.50 29.69
CA GLY A 302 40.70 -21.54 28.42
C GLY A 302 39.91 -20.27 28.10
N HIS A 303 39.22 -19.71 29.10
CA HIS A 303 38.45 -18.50 28.89
C HIS A 303 39.34 -17.30 28.59
N TYR A 304 40.46 -17.20 29.30
CA TYR A 304 41.46 -16.18 29.01
C TYR A 304 41.89 -16.23 27.54
N LEU A 305 42.31 -17.40 27.09
CA LEU A 305 42.77 -17.55 25.71
C LEU A 305 41.67 -17.34 24.69
N GLY A 306 40.47 -17.86 24.98
CA GLY A 306 39.32 -17.65 24.13
C GLY A 306 38.98 -16.17 24.04
N HIS A 307 39.13 -15.46 25.14
CA HIS A 307 38.84 -14.04 25.17
C HIS A 307 39.69 -13.29 24.15
N LEU A 308 40.97 -13.65 24.07
CA LEU A 308 41.88 -12.94 23.18
C LEU A 308 41.73 -13.38 21.73
N ILE A 309 41.86 -14.68 21.50
CA ILE A 309 41.78 -15.22 20.15
C ILE A 309 40.43 -14.89 19.49
N GLY A 310 39.38 -14.80 20.30
CA GLY A 310 38.06 -14.50 19.80
C GLY A 310 37.68 -13.02 19.84
N HIS A 311 38.63 -12.17 20.20
CA HIS A 311 38.36 -10.74 20.29
C HIS A 311 37.99 -10.18 18.92
N GLU A 312 37.17 -9.14 18.90
CA GLU A 312 36.71 -8.59 17.62
C GLU A 312 37.03 -7.11 17.48
N GLY A 313 37.76 -6.58 18.45
CA GLY A 313 38.18 -5.19 18.37
C GLY A 313 39.48 -5.05 17.60
N PRO A 314 39.99 -3.81 17.50
CA PRO A 314 41.24 -3.44 16.86
C PRO A 314 42.43 -4.31 17.25
N GLY A 315 43.18 -4.78 16.26
CA GLY A 315 44.40 -5.52 16.48
C GLY A 315 44.15 -7.01 16.55
N SER A 316 42.88 -7.38 16.53
CA SER A 316 42.48 -8.78 16.70
C SER A 316 42.72 -9.63 15.46
N LEU A 317 42.76 -10.95 15.65
CA LEU A 317 42.87 -11.89 14.55
C LEU A 317 41.76 -11.68 13.54
N LEU A 318 40.54 -11.46 14.03
CA LEU A 318 39.39 -11.25 13.15
C LEU A 318 39.53 -9.98 12.30
N SER A 319 40.01 -8.90 12.91
CA SER A 319 40.15 -7.63 12.19
C SER A 319 40.95 -7.77 10.92
N GLU A 320 42.11 -8.42 11.02
CA GLU A 320 43.00 -8.58 9.88
C GLU A 320 42.37 -9.50 8.82
N LEU A 321 41.79 -10.61 9.27
CA LEU A 321 41.13 -11.55 8.38
C LEU A 321 39.94 -10.91 7.67
N LYS A 322 39.29 -9.98 8.34
CA LYS A 322 38.15 -9.32 7.75
C LYS A 322 38.62 -8.27 6.73
N SER A 323 39.74 -7.61 7.03
CA SER A 323 40.31 -6.63 6.11
C SER A 323 40.89 -7.28 4.88
N LYS A 324 41.41 -8.50 5.03
CA LYS A 324 41.91 -9.24 3.89
C LYS A 324 40.73 -9.70 3.03
N GLY A 325 39.51 -9.49 3.55
CA GLY A 325 38.30 -9.89 2.87
C GLY A 325 38.11 -11.39 2.89
N TRP A 326 38.65 -12.04 3.91
CA TRP A 326 38.66 -13.49 3.97
C TRP A 326 37.56 -14.10 4.82
N VAL A 327 37.21 -13.43 5.92
CA VAL A 327 36.16 -13.92 6.80
C VAL A 327 35.28 -12.76 7.23
N ASN A 328 34.09 -13.08 7.74
CA ASN A 328 33.18 -12.08 8.27
C ASN A 328 33.03 -12.17 9.78
N THR A 329 33.14 -13.39 10.29
CA THR A 329 32.93 -13.65 11.70
C THR A 329 33.91 -14.70 12.21
N LEU A 330 34.14 -14.70 13.52
CA LEU A 330 35.05 -15.67 14.12
C LEU A 330 34.61 -16.07 15.54
N VAL A 331 34.75 -17.36 15.83
CA VAL A 331 34.54 -17.89 17.17
C VAL A 331 35.78 -18.65 17.62
N GLY A 332 36.20 -18.41 18.85
CA GLY A 332 37.36 -19.09 19.39
C GLY A 332 37.24 -19.33 20.88
N GLY A 333 37.91 -20.38 21.36
CA GLY A 333 37.93 -20.65 22.78
C GLY A 333 37.76 -22.12 23.08
N GLN A 334 37.58 -22.43 24.35
CA GLN A 334 37.51 -23.82 24.79
C GLN A 334 36.11 -24.38 24.52
N LYS A 335 36.05 -25.65 24.16
CA LYS A 335 34.82 -26.34 23.79
C LYS A 335 34.69 -27.67 24.55
N GLU A 336 33.58 -27.84 25.26
CA GLU A 336 33.41 -29.01 26.14
C GLU A 336 33.47 -30.31 25.35
N GLY A 337 33.99 -31.36 25.99
CA GLY A 337 34.02 -32.70 25.41
C GLY A 337 33.31 -33.68 26.33
N ALA A 338 34.08 -34.21 27.27
CA ALA A 338 33.55 -34.99 28.39
C ALA A 338 34.60 -34.97 29.49
N ARG A 339 34.33 -35.65 30.61
CA ARG A 339 35.33 -35.78 31.66
C ARG A 339 36.61 -36.44 31.13
N GLY A 340 37.72 -35.72 31.17
CA GLY A 340 38.98 -36.23 30.68
C GLY A 340 39.45 -35.73 29.33
N PHE A 341 38.60 -35.02 28.58
CA PHE A 341 39.04 -34.43 27.31
C PHE A 341 38.20 -33.22 26.87
N MET A 342 38.87 -32.27 26.21
CA MET A 342 38.22 -31.06 25.73
C MET A 342 38.78 -30.61 24.38
N PHE A 343 38.22 -29.53 23.84
CA PHE A 343 38.70 -28.99 22.58
C PHE A 343 38.96 -27.49 22.66
N PHE A 344 39.95 -27.03 21.89
CA PHE A 344 40.09 -25.61 21.64
C PHE A 344 39.84 -25.39 20.16
N ILE A 345 38.91 -24.50 19.85
CA ILE A 345 38.54 -24.29 18.46
C ILE A 345 38.66 -22.84 17.99
N ILE A 346 38.86 -22.70 16.70
CA ILE A 346 38.79 -21.41 16.02
C ILE A 346 37.96 -21.63 14.78
N ASN A 347 36.77 -21.06 14.77
CA ASN A 347 35.89 -21.20 13.61
C ASN A 347 35.64 -19.87 12.94
N VAL A 348 35.77 -19.83 11.63
CA VAL A 348 35.44 -18.65 10.86
C VAL A 348 34.53 -19.05 9.73
N ASP A 349 33.68 -18.12 9.28
CA ASP A 349 32.98 -18.29 8.01
C ASP A 349 33.88 -17.75 6.90
N LEU A 350 33.63 -18.16 5.67
CA LEU A 350 34.53 -17.79 4.58
C LEU A 350 33.86 -16.97 3.47
N THR A 351 34.57 -15.94 3.00
CA THR A 351 34.20 -15.28 1.76
C THR A 351 34.63 -16.17 0.60
N GLU A 352 34.19 -15.84 -0.61
CA GLU A 352 34.64 -16.58 -1.80
C GLU A 352 36.16 -16.55 -1.88
N GLU A 353 36.72 -15.40 -1.54
CA GLU A 353 38.15 -15.23 -1.48
C GLU A 353 38.77 -16.11 -0.40
N GLY A 354 38.19 -16.05 0.79
CA GLY A 354 38.69 -16.82 1.92
C GLY A 354 38.81 -18.29 1.59
N LEU A 355 37.87 -18.80 0.79
CA LEU A 355 37.82 -20.21 0.45
C LEU A 355 39.05 -20.63 -0.35
N LEU A 356 39.66 -19.67 -1.04
CA LEU A 356 40.86 -19.93 -1.84
C LEU A 356 42.11 -19.60 -1.05
N HIS A 357 41.93 -19.25 0.22
CA HIS A 357 43.06 -18.85 1.06
C HIS A 357 43.02 -19.51 2.43
N VAL A 358 42.43 -20.69 2.51
CA VAL A 358 42.35 -21.41 3.79
C VAL A 358 43.73 -21.59 4.40
N GLU A 359 44.72 -21.82 3.55
CA GLU A 359 46.08 -21.99 4.04
C GLU A 359 46.63 -20.72 4.66
N ASP A 360 46.40 -19.57 4.02
CA ASP A 360 46.91 -18.31 4.55
C ASP A 360 46.14 -17.87 5.78
N ILE A 361 44.84 -18.15 5.81
CA ILE A 361 44.02 -17.83 6.97
C ILE A 361 44.60 -18.50 8.20
N ILE A 362 44.81 -19.80 8.08
CA ILE A 362 45.34 -20.58 9.18
C ILE A 362 46.74 -20.12 9.60
N LEU A 363 47.54 -19.65 8.63
CA LEU A 363 48.84 -19.08 8.95
C LEU A 363 48.65 -17.87 9.86
N HIS A 364 47.75 -16.97 9.47
CA HIS A 364 47.41 -15.81 10.28
C HIS A 364 46.95 -16.22 11.68
N MET A 365 46.27 -17.36 11.78
CA MET A 365 45.84 -17.85 13.08
C MET A 365 47.04 -18.14 13.97
N PHE A 366 48.04 -18.83 13.42
CA PHE A 366 49.22 -19.17 14.21
C PHE A 366 50.13 -17.96 14.47
N GLN A 367 50.08 -16.99 13.57
CA GLN A 367 50.80 -15.75 13.79
C GLN A 367 50.25 -15.05 15.03
N TYR A 368 48.94 -15.01 15.17
CA TYR A 368 48.33 -14.36 16.33
C TYR A 368 48.62 -15.12 17.62
N ILE A 369 48.53 -16.44 17.56
CA ILE A 369 48.86 -17.26 18.71
C ILE A 369 50.29 -17.00 19.12
N GLN A 370 51.17 -16.90 18.12
CA GLN A 370 52.58 -16.64 18.35
C GLN A 370 52.81 -15.29 19.01
N LYS A 371 51.97 -14.31 18.65
CA LYS A 371 52.03 -13.01 19.31
C LYS A 371 51.77 -13.14 20.80
N LEU A 372 50.79 -13.98 21.14
CA LEU A 372 50.42 -14.20 22.54
C LEU A 372 51.57 -14.81 23.33
N ARG A 373 52.29 -15.74 22.71
CA ARG A 373 53.44 -16.36 23.35
C ARG A 373 54.54 -15.32 23.59
N ALA A 374 54.74 -14.45 22.60
CA ALA A 374 55.76 -13.40 22.69
C ALA A 374 55.53 -12.46 23.87
N GLU A 375 54.31 -11.99 24.03
CA GLU A 375 53.98 -11.06 25.09
C GLU A 375 53.83 -11.77 26.43
N GLY A 376 53.42 -13.04 26.37
CA GLY A 376 53.17 -13.81 27.58
C GLY A 376 51.91 -13.33 28.28
N PRO A 377 51.42 -14.11 29.25
CA PRO A 377 50.16 -13.79 29.91
C PRO A 377 50.12 -12.36 30.47
N GLN A 378 48.94 -11.75 30.37
CA GLN A 378 48.73 -10.36 30.78
C GLN A 378 47.81 -10.33 31.98
N GLU A 379 48.38 -10.00 33.14
CA GLU A 379 47.60 -10.02 34.36
C GLU A 379 46.50 -8.96 34.39
N TRP A 380 46.74 -7.80 33.76
CA TRP A 380 45.72 -6.74 33.73
C TRP A 380 44.51 -7.25 32.93
N VAL A 381 44.78 -8.09 31.93
CA VAL A 381 43.73 -8.68 31.15
C VAL A 381 42.89 -9.61 32.00
N PHE A 382 43.55 -10.52 32.71
CA PHE A 382 42.86 -11.41 33.62
C PHE A 382 42.08 -10.60 34.68
N GLN A 383 42.74 -9.59 35.25
CA GLN A 383 42.10 -8.74 36.25
C GLN A 383 40.90 -8.00 35.69
N GLU A 384 40.94 -7.66 34.41
CA GLU A 384 39.82 -6.96 33.81
C GLU A 384 38.65 -7.93 33.71
N LEU A 385 38.92 -9.13 33.22
CA LEU A 385 37.88 -10.15 33.09
C LEU A 385 37.24 -10.44 34.45
N LYS A 386 38.08 -10.55 35.48
CA LYS A 386 37.60 -10.82 36.83
C LYS A 386 36.61 -9.75 37.30
N ASP A 387 37.03 -8.49 37.22
CA ASP A 387 36.21 -7.37 37.66
C ASP A 387 34.90 -7.20 36.90
N LEU A 388 34.90 -7.50 35.60
CA LEU A 388 33.66 -7.47 34.81
C LEU A 388 32.70 -8.54 35.29
N ASN A 389 33.19 -9.78 35.39
CA ASN A 389 32.39 -10.88 35.89
C ASN A 389 31.84 -10.59 37.29
N ALA A 390 32.64 -9.88 38.08
CA ALA A 390 32.20 -9.50 39.41
C ALA A 390 30.97 -8.62 39.31
N VAL A 391 31.06 -7.58 38.48
CA VAL A 391 29.95 -6.66 38.31
C VAL A 391 28.75 -7.36 37.68
N ALA A 392 29.03 -8.22 36.70
CA ALA A 392 28.00 -9.02 36.07
C ALA A 392 27.19 -9.79 37.10
N PHE A 393 27.89 -10.47 38.02
CA PHE A 393 27.25 -11.31 39.03
C PHE A 393 26.47 -10.47 40.05
N ARG A 394 27.04 -9.35 40.47
CA ARG A 394 26.38 -8.50 41.45
C ARG A 394 25.03 -7.99 40.95
N PHE A 395 24.98 -7.58 39.68
CA PHE A 395 23.77 -6.97 39.13
C PHE A 395 23.07 -7.91 38.17
N LYS A 396 23.21 -9.19 38.43
CA LYS A 396 22.59 -10.25 37.64
C LYS A 396 21.07 -10.09 37.62
N ASP A 397 20.46 -10.21 36.44
CA ASP A 397 18.99 -10.21 36.35
C ASP A 397 18.42 -11.40 37.12
N LYS A 398 17.25 -11.23 37.72
CA LYS A 398 16.60 -12.37 38.36
C LYS A 398 16.11 -13.37 37.31
N GLU A 399 16.52 -14.63 37.46
CA GLU A 399 16.18 -15.65 36.46
C GLU A 399 14.75 -16.19 36.59
N ARG A 400 14.21 -16.69 35.48
CA ARG A 400 12.99 -17.48 35.52
C ARG A 400 13.29 -18.82 36.18
N PRO A 401 12.41 -19.25 37.09
CA PRO A 401 12.61 -20.45 37.92
C PRO A 401 12.94 -21.71 37.12
N ARG A 402 12.14 -22.00 36.11
CA ARG A 402 12.28 -23.23 35.34
C ARG A 402 13.68 -23.42 34.79
N GLY A 403 14.23 -22.37 34.18
CA GLY A 403 15.55 -22.43 33.59
C GLY A 403 16.62 -22.40 34.66
N TYR A 404 16.38 -21.63 35.70
CA TYR A 404 17.34 -21.46 36.79
C TYR A 404 17.58 -22.79 37.49
N THR A 405 16.51 -23.50 37.84
CA THR A 405 16.63 -24.77 38.55
C THR A 405 17.31 -25.84 37.69
N SER A 406 17.03 -25.83 36.39
CA SER A 406 17.65 -26.76 35.47
C SER A 406 19.14 -26.48 35.30
N LYS A 407 19.49 -25.21 35.21
CA LYS A 407 20.89 -24.82 35.04
C LYS A 407 21.70 -25.27 36.24
N ILE A 408 21.17 -24.97 37.42
CA ILE A 408 21.87 -25.22 38.66
C ILE A 408 21.95 -26.72 38.98
N ALA A 409 20.87 -27.44 38.72
CA ALA A 409 20.87 -28.89 38.94
C ALA A 409 21.98 -29.51 38.10
N GLY A 410 22.32 -28.87 37.00
CA GLY A 410 23.42 -29.32 36.17
C GLY A 410 24.78 -29.14 36.81
N ILE A 411 25.03 -27.99 37.44
CA ILE A 411 26.39 -27.71 37.90
C ILE A 411 26.66 -28.11 39.36
N LEU A 412 25.64 -28.58 40.08
CA LEU A 412 25.80 -29.07 41.45
C LEU A 412 26.78 -30.23 41.51
N HIS A 413 26.94 -30.92 40.38
CA HIS A 413 27.86 -32.04 40.25
C HIS A 413 29.33 -31.62 40.27
N TYR A 414 29.59 -30.36 39.96
CA TYR A 414 30.95 -29.88 39.71
C TYR A 414 31.51 -28.96 40.80
N TYR A 415 30.64 -28.47 41.67
CA TYR A 415 31.04 -27.51 42.70
C TYR A 415 30.45 -27.83 44.08
N PRO A 416 31.16 -27.41 45.14
CA PRO A 416 30.69 -27.45 46.54
C PRO A 416 29.39 -26.68 46.67
N LEU A 417 28.50 -27.12 47.56
CA LEU A 417 27.18 -26.51 47.69
C LEU A 417 27.23 -24.99 47.77
N GLU A 418 28.18 -24.46 48.53
CA GLU A 418 28.25 -23.03 48.81
C GLU A 418 28.73 -22.24 47.60
N GLU A 419 29.24 -22.93 46.59
CA GLU A 419 29.85 -22.26 45.45
C GLU A 419 29.05 -22.31 44.13
N VAL A 420 27.95 -23.08 44.09
CA VAL A 420 27.20 -23.27 42.84
C VAL A 420 26.71 -21.98 42.17
N LEU A 421 26.24 -21.03 42.98
CA LEU A 421 25.72 -19.78 42.42
C LEU A 421 26.83 -18.92 41.80
N THR A 422 28.00 -18.88 42.44
CA THR A 422 29.09 -18.03 41.96
C THR A 422 30.01 -18.74 40.98
N ALA A 423 30.02 -20.08 41.02
CA ALA A 423 31.00 -20.89 40.29
C ALA A 423 31.13 -20.54 38.81
N GLU A 424 30.00 -20.37 38.13
CA GLU A 424 30.05 -20.14 36.69
C GLU A 424 30.22 -18.67 36.34
N TYR A 425 30.41 -17.82 37.35
CA TYR A 425 30.56 -16.38 37.13
C TYR A 425 31.93 -15.83 37.47
N LEU A 426 32.50 -16.30 38.56
CA LEU A 426 33.68 -15.64 39.11
C LEU A 426 35.01 -16.35 38.80
N LEU A 427 35.98 -15.53 38.40
CA LEU A 427 37.38 -15.90 38.27
C LEU A 427 38.06 -15.50 39.57
N GLU A 428 38.99 -16.31 40.05
CA GLU A 428 39.59 -16.04 41.35
C GLU A 428 41.08 -15.77 41.33
N GLU A 429 41.84 -16.64 40.68
CA GLU A 429 43.30 -16.55 40.75
C GLU A 429 43.93 -16.64 39.37
N PHE A 430 44.84 -15.72 39.08
CA PHE A 430 45.52 -15.71 37.79
C PHE A 430 46.68 -16.71 37.77
N ARG A 431 46.64 -17.62 36.80
CA ARG A 431 47.62 -18.68 36.76
C ARG A 431 48.28 -18.73 35.39
N PRO A 432 49.25 -17.85 35.16
CA PRO A 432 49.98 -17.81 33.89
C PRO A 432 50.63 -19.15 33.53
N ASP A 433 50.99 -19.96 34.51
CA ASP A 433 51.59 -21.26 34.22
C ASP A 433 50.64 -22.15 33.42
N LEU A 434 49.35 -22.13 33.77
CA LEU A 434 48.34 -22.93 33.08
C LEU A 434 47.97 -22.35 31.71
N ILE A 435 47.98 -21.03 31.60
CA ILE A 435 47.70 -20.39 30.33
C ILE A 435 48.76 -20.80 29.31
N GLU A 436 50.02 -20.76 29.73
CA GLU A 436 51.12 -21.14 28.85
C GLU A 436 51.00 -22.63 28.51
N MET A 437 50.51 -23.41 29.46
CA MET A 437 50.35 -24.84 29.24
C MET A 437 49.30 -25.13 28.16
N VAL A 438 48.16 -24.46 28.27
CA VAL A 438 47.10 -24.60 27.29
C VAL A 438 47.56 -24.02 25.95
N LEU A 439 48.23 -22.87 26.01
CA LEU A 439 48.71 -22.20 24.80
C LEU A 439 49.69 -23.10 24.06
N ASP A 440 50.36 -23.96 24.80
CA ASP A 440 51.35 -24.85 24.22
C ASP A 440 50.72 -25.95 23.37
N LYS A 441 49.43 -26.21 23.55
CA LYS A 441 48.75 -27.25 22.79
C LYS A 441 48.30 -26.74 21.42
N LEU A 442 48.18 -25.41 21.32
CA LEU A 442 47.74 -24.78 20.09
C LEU A 442 48.91 -24.66 19.11
N ARG A 443 49.27 -25.79 18.50
CA ARG A 443 50.36 -25.86 17.53
C ARG A 443 49.96 -26.70 16.34
N PRO A 444 50.61 -26.46 15.19
CA PRO A 444 50.34 -27.16 13.93
C PRO A 444 50.38 -28.69 14.02
N GLU A 445 51.23 -29.21 14.89
CA GLU A 445 51.32 -30.67 15.05
C GLU A 445 50.09 -31.24 15.79
N ASN A 446 49.25 -30.37 16.33
CA ASN A 446 48.03 -30.81 17.02
C ASN A 446 46.75 -30.38 16.33
N VAL A 447 46.83 -29.99 15.07
CA VAL A 447 45.66 -29.36 14.49
C VAL A 447 44.84 -30.29 13.62
N ARG A 448 43.54 -30.05 13.62
CA ARG A 448 42.60 -30.67 12.70
C ARG A 448 41.85 -29.57 11.96
N VAL A 449 41.76 -29.70 10.65
CA VAL A 449 41.11 -28.68 9.83
C VAL A 449 39.96 -29.25 9.03
N ALA A 450 38.84 -28.54 9.03
CA ALA A 450 37.68 -28.95 8.24
C ALA A 450 37.15 -27.77 7.43
N ILE A 451 36.88 -28.00 6.15
CA ILE A 451 36.35 -26.96 5.29
C ILE A 451 34.96 -27.37 4.82
N VAL A 452 33.98 -26.48 4.99
CA VAL A 452 32.64 -26.79 4.53
C VAL A 452 32.24 -25.86 3.39
N SER A 453 32.02 -26.46 2.21
CA SER A 453 31.71 -25.71 1.01
C SER A 453 31.07 -26.57 -0.05
N LYS A 454 30.15 -25.98 -0.80
CA LYS A 454 29.52 -26.68 -1.91
C LYS A 454 30.52 -27.02 -3.03
N SER A 455 31.65 -26.31 -3.07
CA SER A 455 32.67 -26.50 -4.09
C SER A 455 33.26 -27.91 -4.10
N PHE A 456 32.99 -28.66 -3.04
CA PHE A 456 33.50 -30.01 -2.92
C PHE A 456 32.54 -31.03 -3.52
N GLU A 457 31.44 -30.56 -4.08
CA GLU A 457 30.43 -31.46 -4.64
C GLU A 457 30.99 -32.33 -5.75
N GLY A 458 30.86 -33.64 -5.58
CA GLY A 458 31.33 -34.60 -6.56
C GLY A 458 32.78 -35.00 -6.38
N LYS A 459 33.45 -34.34 -5.44
CA LYS A 459 34.89 -34.58 -5.22
C LYS A 459 35.21 -35.32 -3.93
N THR A 460 34.18 -35.86 -3.29
CA THR A 460 34.36 -36.56 -2.01
C THR A 460 34.36 -38.07 -2.20
N ASP A 461 35.04 -38.79 -1.30
CA ASP A 461 35.13 -40.25 -1.41
C ASP A 461 34.64 -41.01 -0.18
N ARG A 462 33.97 -40.32 0.74
CA ARG A 462 33.52 -40.96 1.97
C ARG A 462 32.10 -40.56 2.38
N THR A 463 31.44 -41.43 3.12
CA THR A 463 30.09 -41.18 3.62
C THR A 463 29.95 -41.55 5.09
N GLU A 464 29.47 -40.60 5.89
CA GLU A 464 29.18 -40.87 7.30
C GLU A 464 27.87 -41.64 7.37
N GLU A 465 27.87 -42.77 8.10
CA GLU A 465 26.78 -43.74 7.97
C GLU A 465 25.45 -43.28 8.56
N TRP A 466 25.49 -42.38 9.54
CA TRP A 466 24.27 -41.97 10.23
C TRP A 466 23.51 -40.88 9.53
N TYR A 467 24.20 -39.89 8.98
CA TYR A 467 23.53 -38.76 8.33
C TYR A 467 23.71 -38.79 6.82
N GLY A 468 24.74 -39.49 6.37
CA GLY A 468 25.04 -39.64 4.95
C GLY A 468 25.92 -38.54 4.41
N THR A 469 26.51 -37.76 5.30
CA THR A 469 27.32 -36.60 4.94
C THR A 469 28.44 -36.96 3.96
N GLN A 470 28.56 -36.19 2.89
CA GLN A 470 29.59 -36.39 1.85
C GLN A 470 30.90 -35.69 2.20
N TYR A 471 31.99 -36.44 2.34
CA TYR A 471 33.26 -35.79 2.68
C TYR A 471 34.49 -36.57 2.20
N LYS A 472 35.62 -35.87 2.17
CA LYS A 472 36.90 -36.45 1.82
C LYS A 472 37.89 -36.16 2.94
N GLN A 473 38.85 -37.07 3.17
CA GLN A 473 39.86 -36.86 4.18
C GLN A 473 41.26 -36.87 3.57
N GLU A 474 42.06 -35.87 3.91
CA GLU A 474 43.41 -35.77 3.41
C GLU A 474 44.36 -35.55 4.57
N ALA A 475 45.61 -35.95 4.41
CA ALA A 475 46.62 -35.56 5.37
C ALA A 475 47.17 -34.19 4.96
N ILE A 476 47.32 -33.30 5.94
CA ILE A 476 47.95 -32.03 5.69
C ILE A 476 49.44 -32.24 5.39
N PRO A 477 49.92 -31.67 4.28
CA PRO A 477 51.29 -31.80 3.79
C PRO A 477 52.33 -31.29 4.81
N ASP A 478 53.47 -31.97 4.88
CA ASP A 478 54.52 -31.57 5.81
C ASP A 478 54.97 -30.15 5.53
N GLU A 479 55.01 -29.81 4.25
CA GLU A 479 55.39 -28.48 3.81
C GLU A 479 54.53 -27.41 4.49
N VAL A 480 53.22 -27.67 4.54
CA VAL A 480 52.26 -26.73 5.08
C VAL A 480 52.33 -26.64 6.61
N ILE A 481 52.44 -27.81 7.25
CA ILE A 481 52.60 -27.85 8.70
C ILE A 481 53.88 -27.10 9.10
N LYS A 482 54.96 -27.34 8.37
CA LYS A 482 56.24 -26.69 8.65
C LYS A 482 56.11 -25.17 8.48
N LYS A 483 55.44 -24.75 7.42
CA LYS A 483 55.19 -23.35 7.16
C LYS A 483 54.46 -22.66 8.33
N TRP A 484 53.48 -23.37 8.89
CA TRP A 484 52.71 -22.86 10.01
C TRP A 484 53.54 -22.79 11.29
N GLN A 485 54.42 -23.77 11.48
CA GLN A 485 55.26 -23.81 12.68
C GLN A 485 56.24 -22.63 12.72
N ASN A 486 56.61 -22.13 11.55
CA ASN A 486 57.57 -21.03 11.46
C ASN A 486 56.92 -19.65 11.33
N ALA A 487 55.71 -19.53 11.85
CA ALA A 487 54.96 -18.28 11.75
C ALA A 487 55.69 -17.13 12.42
N ASP A 488 56.03 -16.11 11.62
CA ASP A 488 56.70 -14.91 12.13
C ASP A 488 55.66 -13.94 12.67
N LEU A 489 56.11 -12.98 13.48
CA LEU A 489 55.18 -12.00 14.07
C LEU A 489 54.65 -11.01 13.03
N ASN A 490 53.33 -11.02 12.87
CA ASN A 490 52.64 -10.06 12.03
C ASN A 490 52.36 -8.79 12.84
N GLY A 491 52.86 -7.66 12.35
CA GLY A 491 52.70 -6.40 13.07
C GLY A 491 51.27 -5.88 13.06
N LYS A 492 50.38 -6.61 12.41
CA LYS A 492 48.99 -6.20 12.32
C LYS A 492 48.21 -6.65 13.56
N PHE A 493 48.82 -7.54 14.33
CA PHE A 493 48.21 -8.13 15.52
C PHE A 493 48.67 -7.47 16.81
N LYS A 494 47.72 -6.87 17.51
CA LYS A 494 47.98 -6.24 18.81
C LYS A 494 47.03 -6.77 19.87
N LEU A 495 47.47 -6.80 21.13
CA LEU A 495 46.57 -7.11 22.23
C LEU A 495 45.48 -6.07 22.35
N PRO A 496 44.33 -6.45 22.91
CA PRO A 496 43.25 -5.47 23.06
C PRO A 496 43.65 -4.37 24.03
N THR A 497 43.16 -3.17 23.80
CA THR A 497 43.39 -2.07 24.73
C THR A 497 42.43 -2.18 25.92
N LYS A 498 42.72 -1.40 26.96
CA LYS A 498 41.85 -1.39 28.14
C LYS A 498 40.45 -1.05 27.68
N ASN A 499 39.47 -1.76 28.20
CA ASN A 499 38.07 -1.57 27.84
C ASN A 499 37.53 -0.24 28.37
N GLU A 500 37.23 0.67 27.44
CA GLU A 500 36.79 2.01 27.81
C GLU A 500 35.33 2.02 28.24
N PHE A 501 34.62 0.94 27.96
CA PHE A 501 33.18 0.88 28.20
C PHE A 501 32.79 0.30 29.54
N ILE A 502 33.78 -0.09 30.32
CA ILE A 502 33.53 -0.62 31.66
C ILE A 502 32.77 0.41 32.49
N PRO A 503 31.60 0.01 32.99
CA PRO A 503 30.71 0.93 33.73
C PRO A 503 31.27 1.24 35.11
N THR A 504 30.94 2.42 35.62
CA THR A 504 31.49 2.86 36.89
C THR A 504 30.42 3.50 37.77
N ASN A 505 29.33 3.95 37.18
CA ASN A 505 28.28 4.59 37.95
C ASN A 505 27.09 3.65 38.13
N PHE A 506 27.04 2.97 39.28
CA PHE A 506 25.99 2.01 39.55
C PHE A 506 24.92 2.58 40.47
N GLU A 507 24.86 3.91 40.56
CA GLU A 507 23.89 4.54 41.45
C GLU A 507 22.47 4.34 40.94
N ILE A 508 21.60 3.86 41.82
CA ILE A 508 20.19 3.73 41.47
C ILE A 508 19.49 5.06 41.76
N LEU A 509 19.15 5.78 40.69
CA LEU A 509 18.48 7.07 40.81
C LEU A 509 17.20 6.94 41.62
N PRO A 510 16.94 7.92 42.50
CA PRO A 510 15.77 7.88 43.38
C PRO A 510 14.47 7.93 42.58
N LEU A 511 13.43 7.30 43.10
CA LEU A 511 12.14 7.26 42.44
C LEU A 511 11.46 8.63 42.47
N GLU A 512 11.26 9.23 41.31
CA GLU A 512 10.64 10.55 41.20
C GLU A 512 9.23 10.58 41.79
N LYS A 513 8.82 11.75 42.26
CA LYS A 513 7.51 11.89 42.90
C LYS A 513 6.39 11.62 41.91
N GLU A 514 6.54 12.13 40.69
CA GLU A 514 5.52 11.98 39.66
C GLU A 514 5.73 10.70 38.83
N ALA A 515 6.38 9.71 39.44
CA ALA A 515 6.66 8.44 38.76
C ALA A 515 5.40 7.59 38.59
N THR A 516 5.34 6.84 37.50
CA THR A 516 4.16 6.05 37.14
C THR A 516 4.46 4.55 37.03
N PRO A 517 3.48 3.71 37.37
CA PRO A 517 3.53 2.24 37.36
C PRO A 517 3.65 1.65 35.95
N TYR A 518 3.05 2.34 34.98
CA TYR A 518 3.15 1.95 33.59
C TYR A 518 3.82 3.08 32.82
N PRO A 519 4.22 2.80 31.57
CA PRO A 519 4.83 3.84 30.76
C PRO A 519 3.90 5.02 30.56
N ALA A 520 4.44 6.22 30.57
CA ALA A 520 3.66 7.41 30.33
C ALA A 520 4.12 8.09 29.05
N LEU A 521 3.17 8.61 28.27
CA LEU A 521 3.48 9.36 27.07
C LEU A 521 3.98 10.76 27.44
N ILE A 522 5.30 10.95 27.47
CA ILE A 522 5.86 12.20 27.96
C ILE A 522 6.31 13.11 26.82
N LYS A 523 6.08 12.68 25.58
CA LYS A 523 6.37 13.52 24.43
C LYS A 523 5.57 13.01 23.25
N ASP A 524 4.91 13.93 22.56
CA ASP A 524 4.00 13.57 21.48
C ASP A 524 4.01 14.62 20.39
N THR A 525 5.00 14.54 19.51
CA THR A 525 5.11 15.48 18.41
C THR A 525 5.04 14.70 17.10
N ALA A 526 5.05 15.43 15.99
CA ALA A 526 4.96 14.79 14.69
C ALA A 526 6.22 13.96 14.47
N MET A 527 7.31 14.43 15.04
CA MET A 527 8.62 13.80 14.85
C MET A 527 8.72 12.52 15.66
N SER A 528 8.16 12.52 16.86
CA SER A 528 8.39 11.41 17.75
C SER A 528 7.37 11.30 18.90
N LYS A 529 7.09 10.04 19.26
CA LYS A 529 6.19 9.73 20.35
C LYS A 529 7.00 8.98 21.43
N LEU A 530 7.23 9.61 22.57
CA LEU A 530 8.11 9.04 23.59
C LEU A 530 7.41 8.49 24.82
N TRP A 531 7.52 7.18 25.01
CA TRP A 531 6.99 6.50 26.19
C TRP A 531 8.08 6.28 27.24
N PHE A 532 7.78 6.63 28.49
CA PHE A 532 8.78 6.57 29.54
C PHE A 532 8.30 5.89 30.82
N LYS A 533 9.12 5.02 31.38
CA LYS A 533 8.91 4.57 32.75
C LYS A 533 10.21 4.38 33.52
N GLN A 534 10.25 4.94 34.74
CA GLN A 534 11.37 4.72 35.64
C GLN A 534 11.15 3.39 36.36
N ASP A 535 12.15 2.52 36.35
CA ASP A 535 12.03 1.21 36.97
C ASP A 535 11.64 1.29 38.44
N ASP A 536 10.56 0.61 38.81
CA ASP A 536 10.12 0.59 40.20
C ASP A 536 10.04 -0.83 40.77
N LYS A 537 10.55 -1.81 40.03
CA LYS A 537 10.58 -3.19 40.52
C LYS A 537 11.99 -3.71 40.81
N PHE A 538 12.93 -3.55 39.88
CA PHE A 538 14.16 -4.33 39.91
C PHE A 538 15.38 -3.63 40.51
N PHE A 539 15.50 -2.34 40.28
CA PHE A 539 16.53 -1.52 40.95
C PHE A 539 17.95 -1.99 40.68
N LEU A 540 18.21 -2.28 39.42
CA LEU A 540 19.57 -2.51 38.92
C LEU A 540 19.99 -1.31 38.09
N PRO A 541 21.30 -1.05 38.03
CA PRO A 541 21.82 0.10 37.27
C PRO A 541 21.78 -0.15 35.74
N LYS A 542 20.61 -0.54 35.26
CA LYS A 542 20.44 -0.88 33.84
C LYS A 542 19.23 -0.16 33.24
N ALA A 543 19.20 -0.08 31.91
CA ALA A 543 18.10 0.57 31.22
C ALA A 543 17.89 -0.02 29.84
N ASN A 544 16.63 -0.04 29.40
CA ASN A 544 16.31 -0.46 28.05
C ASN A 544 15.80 0.72 27.24
N LEU A 545 16.42 0.93 26.09
CA LEU A 545 16.05 2.04 25.20
C LEU A 545 15.57 1.47 23.88
N ASN A 546 14.27 1.56 23.64
CA ASN A 546 13.68 1.01 22.43
C ASN A 546 13.17 2.09 21.48
N PHE A 547 13.54 1.97 20.21
CA PHE A 547 13.14 2.91 19.17
C PHE A 547 12.60 2.23 17.93
N GLU A 548 11.40 2.63 17.50
CA GLU A 548 10.91 2.25 16.18
C GLU A 548 11.00 3.44 15.23
N PHE A 549 11.75 3.30 14.13
CA PHE A 549 11.80 4.33 13.10
C PHE A 549 10.90 3.96 11.93
N PHE A 550 9.77 4.67 11.76
CA PHE A 550 8.84 4.38 10.66
C PHE A 550 9.21 5.13 9.38
N SER A 551 9.35 4.38 8.29
CA SER A 551 9.52 4.95 6.96
C SER A 551 8.92 4.06 5.88
N PRO A 552 8.11 4.64 5.00
CA PRO A 552 7.46 3.96 3.88
C PRO A 552 8.46 3.27 2.96
N PHE A 553 9.65 3.86 2.83
CA PHE A 553 10.65 3.39 1.89
C PHE A 553 11.44 2.19 2.40
N ALA A 554 11.11 1.74 3.60
CA ALA A 554 11.77 0.57 4.15
C ALA A 554 11.20 -0.71 3.53
N TYR A 555 9.93 -0.69 3.16
CA TYR A 555 9.28 -1.91 2.69
C TYR A 555 8.42 -1.66 1.45
N VAL A 556 8.71 -0.58 0.73
CA VAL A 556 7.88 -0.13 -0.39
C VAL A 556 7.91 -1.12 -1.56
N ASP A 557 9.06 -1.74 -1.79
CA ASP A 557 9.13 -2.83 -2.76
C ASP A 557 10.25 -3.80 -2.37
N PRO A 558 10.35 -4.93 -3.09
CA PRO A 558 11.44 -5.88 -2.82
C PRO A 558 12.83 -5.23 -2.89
N LEU A 559 13.10 -4.38 -3.87
CA LEU A 559 14.41 -3.77 -3.97
C LEU A 559 14.77 -2.95 -2.72
N HIS A 560 13.82 -2.16 -2.26
CA HIS A 560 14.07 -1.29 -1.11
C HIS A 560 14.14 -2.07 0.19
N SER A 561 13.45 -3.20 0.24
CA SER A 561 13.48 -4.06 1.40
C SER A 561 14.89 -4.60 1.55
N ASN A 562 15.48 -5.04 0.44
CA ASN A 562 16.85 -5.49 0.40
C ASN A 562 17.83 -4.43 0.88
N MET A 563 17.56 -3.18 0.52
CA MET A 563 18.49 -2.10 0.81
C MET A 563 18.42 -1.71 2.27
N ALA A 564 17.22 -1.75 2.84
CA ALA A 564 17.07 -1.50 4.27
C ALA A 564 17.88 -2.55 5.03
N TYR A 565 17.82 -3.79 4.56
CA TYR A 565 18.59 -4.85 5.19
C TYR A 565 20.09 -4.58 5.10
N LEU A 566 20.58 -4.39 3.87
CA LEU A 566 22.00 -4.19 3.64
C LEU A 566 22.52 -2.93 4.34
N TYR A 567 21.71 -1.88 4.31
CA TYR A 567 22.07 -0.66 5.01
C TYR A 567 22.42 -0.99 6.45
N LEU A 568 21.48 -1.61 7.17
CA LEU A 568 21.70 -1.92 8.58
C LEU A 568 22.79 -2.97 8.81
N GLU A 569 22.91 -3.97 7.93
CA GLU A 569 23.99 -4.95 8.07
C GLU A 569 25.36 -4.31 7.91
N LEU A 570 25.50 -3.43 6.94
CA LEU A 570 26.77 -2.75 6.67
C LEU A 570 27.15 -1.85 7.83
N LEU A 571 26.13 -1.20 8.39
CA LEU A 571 26.31 -0.30 9.50
C LEU A 571 26.79 -1.06 10.72
N LYS A 572 26.19 -2.23 10.97
CA LYS A 572 26.62 -3.06 12.08
C LYS A 572 28.02 -3.61 11.85
N ASP A 573 28.32 -4.02 10.61
CA ASP A 573 29.65 -4.51 10.28
C ASP A 573 30.69 -3.44 10.52
N SER A 574 30.30 -2.19 10.31
CA SER A 574 31.20 -1.06 10.45
C SER A 574 31.42 -0.71 11.93
N LEU A 575 30.37 -0.85 12.73
CA LEU A 575 30.43 -0.50 14.14
C LEU A 575 31.00 -1.61 15.02
N ASN A 576 31.14 -2.81 14.46
CA ASN A 576 31.45 -3.99 15.28
C ASN A 576 32.69 -3.80 16.15
N GLU A 577 33.80 -3.35 15.57
CA GLU A 577 35.04 -3.17 16.33
C GLU A 577 34.87 -2.22 17.52
N TYR A 578 34.16 -1.13 17.29
CA TYR A 578 33.93 -0.18 18.37
C TYR A 578 32.98 -0.72 19.44
N ALA A 579 31.91 -1.39 19.01
CA ALA A 579 30.84 -1.80 19.92
C ALA A 579 31.12 -3.14 20.60
N TYR A 580 32.11 -3.88 20.11
CA TYR A 580 32.44 -5.16 20.70
C TYR A 580 32.85 -5.00 22.15
N ALA A 581 33.66 -3.99 22.43
CA ALA A 581 34.07 -3.70 23.79
C ALA A 581 32.86 -3.44 24.69
N ALA A 582 31.95 -2.60 24.22
CA ALA A 582 30.76 -2.26 24.99
C ALA A 582 29.97 -3.51 25.32
N GLU A 583 29.95 -4.45 24.38
CA GLU A 583 29.25 -5.71 24.52
C GLU A 583 29.80 -6.50 25.71
N LEU A 584 31.13 -6.54 25.80
CA LEU A 584 31.81 -7.24 26.89
C LEU A 584 31.53 -6.56 28.21
N ALA A 585 31.26 -5.25 28.16
CA ALA A 585 31.02 -4.47 29.36
C ALA A 585 29.53 -4.40 29.69
N GLY A 586 28.76 -5.34 29.16
CA GLY A 586 27.35 -5.47 29.53
C GLY A 586 26.42 -4.44 28.95
N LEU A 587 26.79 -3.93 27.78
CA LEU A 587 26.03 -2.90 27.08
C LEU A 587 25.89 -3.31 25.62
N SER A 588 24.71 -3.78 25.24
CA SER A 588 24.51 -4.29 23.89
C SER A 588 23.48 -3.49 23.10
N TYR A 589 23.51 -3.65 21.77
CA TYR A 589 22.50 -3.01 20.94
C TYR A 589 22.05 -3.97 19.86
N ASP A 590 20.79 -3.80 19.46
CA ASP A 590 20.23 -4.55 18.36
C ASP A 590 19.65 -3.59 17.33
N LEU A 591 20.00 -3.82 16.07
CA LEU A 591 19.60 -2.95 14.97
C LEU A 591 19.18 -3.79 13.78
N GLN A 592 17.88 -3.78 13.47
CA GLN A 592 17.37 -4.57 12.34
C GLN A 592 16.22 -3.86 11.64
N ASN A 593 16.05 -4.18 10.36
CA ASN A 593 14.96 -3.59 9.57
C ASN A 593 13.64 -4.33 9.79
N THR A 594 12.55 -3.59 9.73
CA THR A 594 11.21 -4.13 9.92
C THR A 594 10.36 -3.80 8.69
N ILE A 595 9.10 -4.25 8.68
CA ILE A 595 8.22 -3.96 7.56
C ILE A 595 7.71 -2.52 7.64
N TYR A 596 7.99 -1.86 8.75
CA TYR A 596 7.57 -0.48 8.96
C TYR A 596 8.75 0.50 9.00
N GLY A 597 9.96 -0.02 8.83
CA GLY A 597 11.14 0.81 8.99
C GLY A 597 12.31 0.13 9.70
N MET A 598 12.90 0.83 10.65
CA MET A 598 14.03 0.29 11.41
C MET A 598 13.71 0.07 12.88
N TYR A 599 14.34 -0.94 13.47
CA TYR A 599 14.24 -1.18 14.91
C TYR A 599 15.61 -1.07 15.57
N LEU A 600 15.68 -0.34 16.67
CA LEU A 600 16.93 -0.15 17.39
C LEU A 600 16.70 -0.32 18.86
N SER A 601 17.44 -1.23 19.49
CA SER A 601 17.35 -1.39 20.92
C SER A 601 18.72 -1.33 21.57
N VAL A 602 18.83 -0.53 22.63
CA VAL A 602 20.06 -0.51 23.41
C VAL A 602 19.74 -0.91 24.84
N LYS A 603 20.38 -1.99 25.29
CA LYS A 603 20.12 -2.57 26.61
C LYS A 603 21.41 -2.73 27.41
N GLY A 604 21.33 -2.56 28.72
CA GLY A 604 22.48 -2.81 29.57
C GLY A 604 22.67 -1.81 30.69
N TYR A 605 23.89 -1.73 31.23
CA TYR A 605 24.20 -0.75 32.26
C TYR A 605 24.00 0.66 31.73
N ASN A 606 23.23 1.45 32.46
CA ASN A 606 22.82 2.76 31.99
C ASN A 606 23.96 3.78 31.96
N ASP A 607 25.04 3.50 32.67
CA ASP A 607 26.16 4.43 32.82
C ASP A 607 26.67 5.03 31.49
N LYS A 608 27.04 4.16 30.55
CA LYS A 608 27.63 4.66 29.32
C LYS A 608 26.71 4.50 28.09
N GLN A 609 25.42 4.26 28.33
CA GLN A 609 24.45 4.06 27.25
C GLN A 609 24.35 5.26 26.30
N PRO A 610 24.27 6.47 26.84
CA PRO A 610 24.22 7.63 25.95
C PRO A 610 25.39 7.69 24.97
N ILE A 611 26.57 7.21 25.35
CA ILE A 611 27.71 7.27 24.44
C ILE A 611 27.52 6.35 23.23
N LEU A 612 27.16 5.10 23.50
CA LEU A 612 26.96 4.12 22.42
C LEU A 612 25.76 4.50 21.55
N LEU A 613 24.68 4.95 22.18
CA LEU A 613 23.50 5.36 21.44
C LEU A 613 23.83 6.47 20.45
N LYS A 614 24.48 7.52 20.94
CA LYS A 614 24.87 8.64 20.08
C LYS A 614 25.74 8.17 18.93
N LYS A 615 26.69 7.29 19.22
CA LYS A 615 27.59 6.79 18.20
C LYS A 615 26.82 6.12 17.05
N ILE A 616 25.80 5.33 17.40
CA ILE A 616 24.98 4.61 16.43
C ILE A 616 24.15 5.55 15.56
N ILE A 617 23.46 6.50 16.20
CA ILE A 617 22.61 7.43 15.47
C ILE A 617 23.47 8.26 14.51
N GLU A 618 24.63 8.71 14.96
CA GLU A 618 25.55 9.44 14.10
C GLU A 618 26.04 8.60 12.92
N LYS A 619 26.31 7.33 13.18
CA LYS A 619 26.83 6.46 12.14
C LYS A 619 25.74 6.26 11.09
N MET A 620 24.50 6.15 11.55
CA MET A 620 23.37 6.03 10.64
C MET A 620 23.29 7.22 9.68
N ALA A 621 23.30 8.41 10.27
CA ALA A 621 23.07 9.65 9.53
C ALA A 621 24.22 10.06 8.62
N THR A 622 25.44 9.60 8.93
CA THR A 622 26.64 10.04 8.23
C THR A 622 27.40 8.86 7.63
N PHE A 623 26.69 7.77 7.38
CA PHE A 623 27.33 6.50 7.01
C PHE A 623 28.00 6.51 5.62
N GLU A 624 29.26 6.08 5.56
CA GLU A 624 29.97 5.94 4.28
C GLU A 624 30.28 4.47 3.98
N ILE A 625 29.64 3.93 2.95
CA ILE A 625 29.77 2.50 2.64
C ILE A 625 31.13 2.11 2.05
N ASP A 626 31.75 1.08 2.63
CA ASP A 626 32.94 0.48 2.08
C ASP A 626 32.53 -0.46 0.96
N GLU A 627 33.06 -0.24 -0.24
CA GLU A 627 32.64 -1.03 -1.39
C GLU A 627 32.98 -2.50 -1.23
N LYS A 628 34.14 -2.78 -0.63
CA LYS A 628 34.60 -4.15 -0.44
C LYS A 628 33.68 -4.88 0.55
N ARG A 629 33.26 -4.16 1.59
CA ARG A 629 32.33 -4.72 2.57
C ARG A 629 30.96 -4.97 1.94
N PHE A 630 30.54 -4.03 1.10
CA PHE A 630 29.27 -4.10 0.41
C PHE A 630 29.17 -5.36 -0.45
N GLU A 631 30.20 -5.62 -1.24
CA GLU A 631 30.17 -6.77 -2.14
C GLU A 631 30.07 -8.07 -1.35
N ILE A 632 30.82 -8.13 -0.26
CA ILE A 632 30.89 -9.35 0.55
C ILE A 632 29.57 -9.64 1.26
N ILE A 633 29.02 -8.62 1.90
CA ILE A 633 27.80 -8.79 2.65
C ILE A 633 26.61 -9.13 1.76
N LYS A 634 26.51 -8.43 0.63
CA LYS A 634 25.48 -8.71 -0.37
C LYS A 634 25.55 -10.16 -0.84
N GLU A 635 26.76 -10.65 -1.07
CA GLU A 635 26.93 -12.01 -1.57
C GLU A 635 26.40 -13.00 -0.56
N ALA A 636 26.72 -12.75 0.71
CA ALA A 636 26.29 -13.60 1.80
C ALA A 636 24.76 -13.53 1.96
N TYR A 637 24.22 -12.33 1.82
CA TYR A 637 22.78 -12.12 1.89
C TYR A 637 22.03 -12.88 0.81
N MET A 638 22.64 -12.98 -0.36
CA MET A 638 22.09 -13.77 -1.44
C MET A 638 21.94 -15.24 -1.04
N ARG A 639 23.03 -15.84 -0.57
CA ARG A 639 23.01 -17.23 -0.11
C ARG A 639 22.01 -17.41 1.02
N SER A 640 21.94 -16.43 1.89
CA SER A 640 20.99 -16.46 2.98
C SER A 640 19.57 -16.68 2.45
N LEU A 641 19.22 -15.95 1.39
CA LEU A 641 17.89 -16.08 0.79
C LEU A 641 17.72 -17.46 0.17
N ASN A 642 18.73 -17.94 -0.55
CA ASN A 642 18.70 -19.27 -1.14
C ASN A 642 18.56 -20.39 -0.11
N ASN A 643 19.30 -20.28 0.99
CA ASN A 643 19.37 -21.35 1.98
C ASN A 643 18.04 -21.60 2.67
N PHE A 644 17.07 -20.71 2.48
CA PHE A 644 15.75 -20.91 3.07
C PHE A 644 15.11 -22.21 2.58
N ARG A 645 15.58 -22.68 1.43
CA ARG A 645 15.07 -23.91 0.85
C ARG A 645 15.34 -25.11 1.76
N ALA A 646 16.30 -24.93 2.68
CA ALA A 646 16.75 -26.02 3.56
C ALA A 646 16.17 -25.93 4.97
N GLU A 647 15.24 -25.01 5.18
CA GLU A 647 14.57 -24.88 6.46
C GLU A 647 13.56 -26.02 6.67
N GLN A 648 13.17 -26.24 7.92
CA GLN A 648 12.22 -27.30 8.23
C GLN A 648 10.88 -27.04 7.58
N PRO A 649 10.19 -28.11 7.18
CA PRO A 649 8.85 -28.01 6.59
C PRO A 649 7.89 -27.18 7.46
N HIS A 650 7.89 -27.40 8.76
CA HIS A 650 6.96 -26.68 9.61
C HIS A 650 7.27 -25.18 9.60
N GLN A 651 8.51 -24.82 9.29
CA GLN A 651 8.86 -23.41 9.19
C GLN A 651 8.37 -22.82 7.88
N HIS A 652 8.53 -23.57 6.80
CA HIS A 652 7.97 -23.19 5.51
C HIS A 652 6.46 -22.97 5.64
N ALA A 653 5.80 -23.86 6.36
CA ALA A 653 4.36 -23.74 6.57
C ALA A 653 3.99 -22.43 7.26
N MET A 654 4.68 -22.09 8.34
CA MET A 654 4.38 -20.85 9.08
C MET A 654 4.68 -19.64 8.19
N TYR A 655 5.73 -19.77 7.39
CA TYR A 655 6.15 -18.73 6.47
C TYR A 655 5.05 -18.41 5.44
N TYR A 656 4.68 -19.43 4.66
CA TYR A 656 3.66 -19.27 3.63
C TYR A 656 2.37 -18.68 4.21
N LEU A 657 2.01 -19.10 5.43
CA LEU A 657 0.80 -18.58 6.06
C LEU A 657 0.93 -17.09 6.34
N ARG A 658 2.10 -16.67 6.83
CA ARG A 658 2.35 -15.25 7.10
C ARG A 658 2.22 -14.44 5.80
N LEU A 659 2.73 -14.99 4.69
CA LEU A 659 2.59 -14.34 3.38
C LEU A 659 1.13 -14.22 2.96
N LEU A 660 0.39 -15.33 3.06
CA LEU A 660 -1.00 -15.38 2.65
C LEU A 660 -1.90 -14.38 3.37
N MET A 661 -1.71 -14.23 4.68
CA MET A 661 -2.68 -13.52 5.50
C MET A 661 -2.38 -12.05 5.70
N THR A 662 -1.22 -11.60 5.23
CA THR A 662 -0.87 -10.18 5.35
C THR A 662 -1.09 -9.44 4.03
N GLU A 663 -1.57 -8.20 4.16
CA GLU A 663 -1.82 -7.33 3.03
C GLU A 663 -0.64 -7.26 2.08
N VAL A 664 0.53 -6.92 2.62
CA VAL A 664 1.74 -6.83 1.82
C VAL A 664 2.80 -7.74 2.40
N ALA A 665 3.49 -8.45 1.52
CA ALA A 665 4.56 -9.37 1.92
C ALA A 665 5.41 -9.75 0.72
N TRP A 666 6.71 -9.51 0.81
CA TRP A 666 7.63 -9.90 -0.26
C TRP A 666 8.23 -11.26 0.03
N THR A 667 8.15 -12.14 -0.96
CA THR A 667 8.65 -13.51 -0.84
C THR A 667 10.16 -13.55 -1.00
N LYS A 668 10.76 -14.68 -0.61
CA LYS A 668 12.20 -14.87 -0.74
C LYS A 668 12.63 -14.71 -2.19
N ASP A 669 11.84 -15.26 -3.10
CA ASP A 669 12.21 -15.22 -4.53
C ASP A 669 12.15 -13.81 -5.08
N GLU A 670 11.11 -13.08 -4.71
CA GLU A 670 10.97 -11.69 -5.13
C GLU A 670 12.16 -10.86 -4.64
N LEU A 671 12.56 -11.08 -3.39
CA LEU A 671 13.70 -10.40 -2.80
C LEU A 671 15.01 -10.75 -3.49
N LYS A 672 15.19 -12.03 -3.80
CA LYS A 672 16.44 -12.52 -4.35
C LYS A 672 16.66 -12.03 -5.79
N GLU A 673 15.58 -11.93 -6.56
CA GLU A 673 15.63 -11.39 -7.91
C GLU A 673 15.98 -9.91 -7.91
N ALA A 674 15.32 -9.18 -7.03
CA ALA A 674 15.55 -7.74 -6.88
C ALA A 674 16.92 -7.45 -6.28
N LEU A 675 17.57 -8.48 -5.73
CA LEU A 675 18.86 -8.30 -5.10
C LEU A 675 19.93 -8.00 -6.15
N ASP A 676 19.79 -8.67 -7.29
CA ASP A 676 20.75 -8.54 -8.37
C ASP A 676 20.83 -7.09 -8.84
N ASP A 677 19.74 -6.36 -8.63
CA ASP A 677 19.63 -4.99 -9.10
C ASP A 677 20.07 -3.95 -8.06
N VAL A 678 20.67 -4.41 -6.98
CA VAL A 678 21.15 -3.49 -5.95
C VAL A 678 22.60 -3.16 -6.18
N THR A 679 22.86 -1.94 -6.62
CA THR A 679 24.22 -1.47 -6.85
C THR A 679 24.65 -0.52 -5.74
N LEU A 680 25.96 -0.35 -5.58
CA LEU A 680 26.50 0.55 -4.55
C LEU A 680 25.91 1.96 -4.67
N PRO A 681 25.86 2.49 -5.90
CA PRO A 681 25.21 3.79 -6.11
C PRO A 681 23.78 3.83 -5.61
N ARG A 682 22.96 2.83 -5.98
CA ARG A 682 21.56 2.84 -5.57
C ARG A 682 21.42 2.79 -4.06
N LEU A 683 22.29 2.02 -3.40
CA LEU A 683 22.28 1.95 -1.95
C LEU A 683 22.68 3.29 -1.34
N LYS A 684 23.74 3.90 -1.87
CA LYS A 684 24.19 5.22 -1.39
C LYS A 684 23.08 6.25 -1.53
N ALA A 685 22.30 6.13 -2.59
CA ALA A 685 21.18 7.03 -2.80
C ALA A 685 20.05 6.72 -1.82
N PHE A 686 19.83 5.43 -1.58
CA PHE A 686 18.72 4.96 -0.76
C PHE A 686 18.73 5.53 0.67
N ILE A 687 19.91 5.60 1.30
CA ILE A 687 19.99 5.91 2.72
C ILE A 687 19.49 7.32 3.10
N PRO A 688 19.97 8.36 2.40
CA PRO A 688 19.50 9.73 2.65
C PRO A 688 18.00 9.86 2.36
N GLN A 689 17.53 9.11 1.37
CA GLN A 689 16.12 9.04 1.03
C GLN A 689 15.32 8.41 2.16
N LEU A 690 15.83 7.30 2.69
CA LEU A 690 15.20 6.58 3.78
C LEU A 690 15.08 7.41 5.04
N LEU A 691 16.10 8.24 5.27
CA LEU A 691 16.18 9.01 6.51
C LEU A 691 15.49 10.37 6.43
N SER A 692 15.16 10.82 5.24
CA SER A 692 14.67 12.18 5.03
C SER A 692 13.37 12.47 5.80
N ARG A 693 12.49 11.48 5.85
CA ARG A 693 11.25 11.63 6.63
C ARG A 693 10.98 10.39 7.48
N LEU A 694 10.88 10.61 8.79
CA LEU A 694 10.69 9.53 9.74
C LEU A 694 9.69 9.89 10.83
N HIS A 695 9.20 8.86 11.51
CA HIS A 695 8.49 9.05 12.76
C HIS A 695 9.17 8.12 13.76
N ILE A 696 9.40 8.62 14.96
CA ILE A 696 10.10 7.83 15.94
C ILE A 696 9.20 7.57 17.13
N GLU A 697 8.96 6.29 17.40
CA GLU A 697 8.21 5.93 18.59
C GLU A 697 9.13 5.14 19.50
N ALA A 698 9.29 5.60 20.74
CA ALA A 698 10.30 5.06 21.63
C ALA A 698 9.77 4.68 23.01
N LEU A 699 10.33 3.61 23.55
CA LEU A 699 10.09 3.24 24.95
C LEU A 699 11.41 3.30 25.71
N LEU A 700 11.47 4.18 26.72
CA LEU A 700 12.66 4.27 27.55
C LEU A 700 12.30 3.86 28.94
N HIS A 701 12.87 2.73 29.37
CA HIS A 701 12.45 2.07 30.59
C HIS A 701 13.68 1.60 31.35
N GLY A 702 13.80 2.03 32.60
CA GLY A 702 14.91 1.60 33.42
C GLY A 702 15.37 2.58 34.47
N ASN A 703 16.66 2.54 34.77
CA ASN A 703 17.25 3.46 35.74
C ASN A 703 17.55 4.82 35.12
N ILE A 704 16.49 5.57 34.82
CA ILE A 704 16.63 6.93 34.29
C ILE A 704 15.48 7.76 34.79
N THR A 705 15.64 9.08 34.75
CA THR A 705 14.58 9.99 35.14
C THR A 705 13.89 10.56 33.91
N LYS A 706 12.74 11.19 34.12
CA LYS A 706 11.96 11.76 33.03
C LYS A 706 12.77 12.75 32.19
N GLN A 707 13.59 13.56 32.86
CA GLN A 707 14.39 14.56 32.14
C GLN A 707 15.47 13.85 31.33
N ALA A 708 16.09 12.85 31.95
CA ALA A 708 17.08 12.05 31.26
C ALA A 708 16.49 11.45 29.99
N ALA A 709 15.26 10.95 30.12
CA ALA A 709 14.60 10.29 29.01
C ALA A 709 14.41 11.29 27.88
N LEU A 710 13.84 12.43 28.23
CA LEU A 710 13.62 13.53 27.30
C LEU A 710 14.93 13.94 26.62
N GLY A 711 16.00 13.94 27.40
CA GLY A 711 17.30 14.28 26.89
C GLY A 711 17.82 13.27 25.89
N ILE A 712 17.59 12.00 26.19
CA ILE A 712 18.01 10.94 25.28
C ILE A 712 17.26 11.07 23.95
N MET A 713 15.95 11.24 24.05
CA MET A 713 15.11 11.37 22.88
C MET A 713 15.54 12.57 22.03
N GLN A 714 15.82 13.69 22.69
CA GLN A 714 16.20 14.90 21.97
C GLN A 714 17.50 14.74 21.21
N MET A 715 18.48 14.06 21.80
CA MET A 715 19.74 13.79 21.10
C MET A 715 19.52 13.01 19.80
N VAL A 716 18.68 11.98 19.89
CA VAL A 716 18.36 11.16 18.73
C VAL A 716 17.79 12.03 17.61
N GLU A 717 16.80 12.84 17.95
CA GLU A 717 16.20 13.76 16.98
C GLU A 717 17.22 14.74 16.40
N ASP A 718 17.92 15.43 17.30
CA ASP A 718 18.91 16.44 16.93
C ASP A 718 19.97 15.91 15.99
N THR A 719 20.42 14.69 16.27
CA THR A 719 21.45 14.06 15.45
C THR A 719 20.92 13.76 14.05
N LEU A 720 19.70 13.24 13.99
CA LEU A 720 19.05 12.93 12.71
C LEU A 720 18.80 14.20 11.90
N ILE A 721 18.28 15.22 12.56
CA ILE A 721 17.99 16.49 11.91
C ILE A 721 19.25 17.16 11.36
N GLU A 722 20.30 17.22 12.17
CA GLU A 722 21.51 17.92 11.78
C GLU A 722 22.25 17.22 10.65
N HIS A 723 22.34 15.89 10.71
CA HIS A 723 23.13 15.15 9.74
C HIS A 723 22.32 14.57 8.58
N ALA A 724 21.01 14.45 8.75
CA ALA A 724 20.19 13.77 7.75
C ALA A 724 19.00 14.62 7.30
N HIS A 725 18.82 15.76 7.96
CA HIS A 725 17.81 16.72 7.56
C HIS A 725 16.43 16.11 7.65
N THR A 726 16.26 15.24 8.64
CA THR A 726 15.02 14.53 8.86
C THR A 726 13.85 15.47 9.16
N LYS A 727 12.71 15.19 8.54
CA LYS A 727 11.48 15.91 8.82
C LYS A 727 10.39 14.89 9.19
N PRO A 728 9.30 15.37 9.81
CA PRO A 728 8.22 14.47 10.25
C PRO A 728 7.43 13.82 9.10
N LEU A 729 6.86 12.64 9.35
CA LEU A 729 5.88 12.06 8.43
C LEU A 729 4.52 12.68 8.67
N LEU A 730 3.61 12.47 7.73
CA LEU A 730 2.21 12.83 7.95
C LEU A 730 1.51 11.70 8.68
N PRO A 731 0.57 12.04 9.57
CA PRO A 731 -0.24 11.07 10.29
C PRO A 731 -0.89 10.08 9.33
N SER A 732 -1.20 10.56 8.13
CA SER A 732 -1.85 9.74 7.12
C SER A 732 -0.92 8.71 6.48
N GLN A 733 0.38 8.83 6.76
CA GLN A 733 1.36 7.88 6.24
C GLN A 733 1.65 6.75 7.20
N LEU A 734 1.03 6.78 8.36
CA LEU A 734 1.38 5.88 9.45
C LEU A 734 0.41 4.72 9.53
N VAL A 735 -0.01 4.23 8.37
CA VAL A 735 -0.93 3.08 8.30
C VAL A 735 -0.19 1.77 8.53
N ARG A 736 -0.76 0.91 9.36
CA ARG A 736 -0.20 -0.43 9.57
C ARG A 736 -0.89 -1.39 8.59
N TYR A 737 -0.32 -2.57 8.39
CA TYR A 737 -0.89 -3.50 7.42
C TYR A 737 -2.09 -4.26 7.97
N ARG A 738 -2.99 -4.68 7.07
CA ARG A 738 -4.21 -5.37 7.48
C ARG A 738 -4.08 -6.87 7.27
N GLU A 739 -4.95 -7.63 7.92
CA GLU A 739 -5.01 -9.07 7.69
C GLU A 739 -6.19 -9.41 6.78
N VAL A 740 -5.96 -10.36 5.88
CA VAL A 740 -7.00 -10.87 4.98
C VAL A 740 -8.20 -11.39 5.77
N GLN A 741 -9.40 -10.94 5.41
CA GLN A 741 -10.63 -11.36 6.08
C GLN A 741 -11.24 -12.53 5.33
N LEU A 742 -11.13 -13.72 5.89
CA LEU A 742 -11.65 -14.92 5.25
C LEU A 742 -13.16 -15.00 5.37
N PRO A 743 -13.81 -15.55 4.32
CA PRO A 743 -15.27 -15.71 4.22
C PRO A 743 -15.84 -16.75 5.18
N ASP A 744 -17.07 -16.55 5.64
CA ASP A 744 -17.74 -17.56 6.46
C ASP A 744 -17.79 -18.90 5.73
N ARG A 745 -17.44 -19.96 6.43
CA ARG A 745 -17.46 -21.31 5.87
C ARG A 745 -16.47 -21.48 4.72
N GLY A 746 -15.50 -20.57 4.64
CA GLY A 746 -14.50 -20.70 3.60
C GLY A 746 -13.42 -21.68 4.01
N TRP A 747 -12.89 -22.45 3.06
CA TRP A 747 -11.72 -23.25 3.35
C TRP A 747 -10.74 -23.19 2.17
N PHE A 748 -9.60 -22.56 2.39
CA PHE A 748 -8.60 -22.45 1.34
C PHE A 748 -7.39 -23.31 1.68
N VAL A 749 -6.76 -23.88 0.65
CA VAL A 749 -5.54 -24.65 0.83
C VAL A 749 -4.45 -24.16 -0.09
N TYR A 750 -3.24 -24.05 0.45
CA TYR A 750 -2.07 -23.65 -0.32
C TYR A 750 -1.03 -24.73 -0.19
N GLN A 751 -0.50 -25.19 -1.32
CA GLN A 751 0.41 -26.33 -1.35
C GLN A 751 1.80 -25.98 -1.89
N GLN A 752 2.84 -26.47 -1.22
CA GLN A 752 4.21 -26.29 -1.66
C GLN A 752 5.01 -27.55 -1.38
N ARG A 753 6.21 -27.63 -1.92
CA ARG A 753 7.08 -28.77 -1.65
C ARG A 753 8.38 -28.31 -0.99
N ASN A 754 8.82 -29.05 0.02
CA ASN A 754 10.14 -28.84 0.58
C ASN A 754 11.14 -29.71 -0.16
N GLU A 755 12.11 -29.10 -0.83
CA GLU A 755 13.03 -29.85 -1.68
C GLU A 755 14.15 -30.54 -0.91
N VAL A 756 14.31 -30.21 0.37
CA VAL A 756 15.43 -30.71 1.16
C VAL A 756 15.04 -31.83 2.10
N HIS A 757 13.94 -31.64 2.82
CA HIS A 757 13.54 -32.59 3.85
C HIS A 757 12.51 -33.61 3.38
N ASN A 758 12.60 -34.83 3.89
CA ASN A 758 11.66 -35.86 3.51
C ASN A 758 10.62 -36.07 4.60
N ASN A 759 10.23 -34.95 5.20
CA ASN A 759 9.09 -34.89 6.11
C ASN A 759 8.13 -33.87 5.55
N SER A 760 6.85 -33.98 5.87
CA SER A 760 5.91 -32.97 5.44
C SER A 760 5.57 -32.05 6.61
N GLY A 761 5.08 -30.85 6.31
CA GLY A 761 4.67 -29.92 7.33
C GLY A 761 3.26 -29.47 7.06
N ILE A 762 2.60 -28.93 8.09
CA ILE A 762 1.26 -28.40 7.94
C ILE A 762 0.93 -27.37 9.01
N GLU A 763 0.35 -26.26 8.60
CA GLU A 763 -0.26 -25.36 9.56
C GLU A 763 -1.74 -25.21 9.23
N ILE A 764 -2.59 -25.29 10.25
CA ILE A 764 -4.00 -25.02 10.08
C ILE A 764 -4.42 -23.83 10.92
N TYR A 765 -5.04 -22.85 10.27
CA TYR A 765 -5.40 -21.62 10.92
C TYR A 765 -6.93 -21.39 10.88
N TYR A 766 -7.54 -21.37 12.05
CA TYR A 766 -8.95 -21.01 12.20
C TYR A 766 -9.09 -19.56 12.64
N GLN A 767 -9.29 -18.68 11.65
CA GLN A 767 -9.42 -17.26 11.91
C GLN A 767 -10.72 -16.95 12.65
N THR A 768 -10.64 -16.56 13.92
CA THR A 768 -11.86 -16.13 14.62
C THR A 768 -12.27 -14.68 14.33
N ASP A 769 -11.53 -13.71 14.85
CA ASP A 769 -11.94 -12.30 14.79
C ASP A 769 -10.92 -11.29 15.30
N MET A 770 -11.25 -10.01 15.14
CA MET A 770 -10.43 -8.93 15.67
C MET A 770 -10.20 -9.15 17.14
N GLN A 771 -9.01 -8.81 17.61
CA GLN A 771 -8.70 -8.93 19.02
C GLN A 771 -9.56 -7.98 19.81
N SER A 772 -9.98 -8.43 20.97
CA SER A 772 -10.77 -7.66 21.92
C SER A 772 -10.85 -8.51 23.17
N THR A 773 -11.17 -7.91 24.31
CA THR A 773 -11.16 -8.64 25.58
C THR A 773 -11.95 -9.94 25.53
N SER A 774 -13.19 -9.89 25.06
CA SER A 774 -14.02 -11.09 24.97
C SER A 774 -13.46 -12.12 23.98
N GLU A 775 -13.16 -11.68 22.77
CA GLU A 775 -12.68 -12.58 21.74
C GLU A 775 -11.31 -13.15 22.11
N ASN A 776 -10.48 -12.32 22.75
CA ASN A 776 -9.17 -12.76 23.19
C ASN A 776 -9.25 -13.92 24.16
N MET A 777 -10.16 -13.79 25.13
CA MET A 777 -10.26 -14.75 26.23
C MET A 777 -11.05 -16.01 25.88
N PHE A 778 -11.95 -15.93 24.91
CA PHE A 778 -12.56 -17.14 24.37
C PHE A 778 -11.47 -18.03 23.78
N LEU A 779 -10.68 -17.45 22.89
CA LEU A 779 -9.60 -18.16 22.22
C LEU A 779 -8.58 -18.69 23.22
N GLU A 780 -8.11 -17.82 24.12
CA GLU A 780 -7.06 -18.19 25.04
C GLU A 780 -7.51 -19.30 25.98
N LEU A 781 -8.75 -19.21 26.43
CA LEU A 781 -9.31 -20.23 27.31
C LEU A 781 -9.52 -21.53 26.53
N PHE A 782 -10.02 -21.43 25.30
CA PHE A 782 -10.22 -22.63 24.52
C PHE A 782 -8.87 -23.31 24.25
N ALA A 783 -7.88 -22.49 23.93
CA ALA A 783 -6.55 -23.00 23.64
C ALA A 783 -5.93 -23.69 24.86
N GLN A 784 -6.23 -23.15 26.04
CA GLN A 784 -5.73 -23.71 27.29
C GLN A 784 -6.32 -25.11 27.53
N ILE A 785 -7.61 -25.23 27.30
CA ILE A 785 -8.34 -26.49 27.48
C ILE A 785 -7.87 -27.59 26.53
N ILE A 786 -7.54 -27.24 25.30
CA ILE A 786 -7.18 -28.24 24.30
C ILE A 786 -5.69 -28.47 24.21
N SER A 787 -4.91 -27.63 24.89
CA SER A 787 -3.46 -27.65 24.79
C SER A 787 -2.86 -29.03 25.04
N GLU A 788 -3.09 -29.55 26.25
CA GLU A 788 -2.50 -30.82 26.66
C GLU A 788 -3.09 -31.98 25.86
N PRO A 789 -4.41 -32.03 25.75
CA PRO A 789 -5.06 -33.09 24.95
C PRO A 789 -4.56 -33.12 23.50
N ALA A 790 -4.35 -31.95 22.90
CA ALA A 790 -3.87 -31.86 21.53
C ALA A 790 -2.51 -32.54 21.38
N PHE A 791 -1.63 -32.30 22.34
CA PHE A 791 -0.31 -32.92 22.34
C PHE A 791 -0.44 -34.42 22.57
N ASN A 792 -1.18 -34.78 23.61
CA ASN A 792 -1.28 -36.18 23.96
C ASN A 792 -1.97 -37.02 22.88
N THR A 793 -2.92 -36.42 22.17
CA THR A 793 -3.65 -37.15 21.14
C THR A 793 -2.85 -37.24 19.83
N LEU A 794 -2.44 -36.08 19.30
CA LEU A 794 -1.81 -36.03 17.99
C LEU A 794 -0.38 -36.56 17.98
N ARG A 795 0.32 -36.39 19.10
CA ARG A 795 1.67 -36.93 19.18
C ARG A 795 1.73 -38.21 20.03
N THR A 796 1.29 -38.14 21.28
CA THR A 796 1.55 -39.25 22.22
C THR A 796 0.80 -40.52 21.82
N LYS A 797 -0.47 -40.39 21.45
CA LYS A 797 -1.24 -41.55 21.00
C LYS A 797 -1.04 -41.85 19.51
N GLU A 798 -1.38 -40.88 18.66
CA GLU A 798 -1.40 -41.16 17.23
C GLU A 798 -0.01 -41.08 16.62
N GLN A 799 0.93 -40.46 17.36
CA GLN A 799 2.33 -40.35 16.96
C GLN A 799 2.53 -39.85 15.53
N LEU A 800 1.87 -38.72 15.23
CA LEU A 800 1.94 -38.13 13.89
C LEU A 800 3.32 -37.55 13.64
N GLY A 801 3.94 -37.05 14.69
CA GLY A 801 5.28 -36.52 14.58
C GLY A 801 5.82 -35.95 15.88
N TYR A 802 7.13 -35.75 15.91
CA TYR A 802 7.80 -35.13 17.03
C TYR A 802 7.28 -33.72 17.28
N ILE A 803 7.17 -32.93 16.21
CA ILE A 803 6.67 -31.58 16.36
C ILE A 803 5.16 -31.52 16.23
N VAL A 804 4.48 -31.31 17.36
CA VAL A 804 3.05 -31.07 17.37
C VAL A 804 2.74 -29.88 18.25
N PHE A 805 2.05 -28.91 17.66
CA PHE A 805 1.79 -27.64 18.34
C PHE A 805 0.38 -27.16 18.10
N SER A 806 -0.23 -26.61 19.14
CA SER A 806 -1.51 -25.94 18.98
C SER A 806 -1.46 -24.70 19.85
N GLY A 807 -2.25 -23.69 19.49
CA GLY A 807 -2.30 -22.47 20.26
C GLY A 807 -2.85 -21.31 19.48
N PRO A 808 -2.98 -20.15 20.15
CA PRO A 808 -3.43 -18.89 19.53
C PRO A 808 -2.50 -18.40 18.43
N ARG A 809 -3.03 -17.65 17.48
CA ARG A 809 -2.21 -16.92 16.53
C ARG A 809 -2.68 -15.46 16.48
N ARG A 810 -1.74 -14.53 16.66
CA ARG A 810 -2.07 -13.10 16.59
C ARG A 810 -1.21 -12.37 15.55
N ALA A 811 -1.86 -11.63 14.67
CA ALA A 811 -1.17 -10.87 13.63
C ALA A 811 -2.07 -9.74 13.14
N ASN A 812 -1.49 -8.55 13.01
CA ASN A 812 -2.21 -7.38 12.51
C ASN A 812 -3.52 -7.10 13.23
N GLY A 813 -3.60 -7.41 14.53
CA GLY A 813 -4.78 -7.10 15.31
C GLY A 813 -5.87 -8.14 15.19
N ILE A 814 -5.60 -9.16 14.39
CA ILE A 814 -6.51 -10.28 14.18
C ILE A 814 -5.95 -11.51 14.91
N GLN A 815 -6.77 -12.55 15.03
CA GLN A 815 -6.35 -13.74 15.75
C GLN A 815 -7.15 -14.97 15.37
N GLY A 816 -6.65 -16.14 15.77
CA GLY A 816 -7.30 -17.40 15.49
C GLY A 816 -6.58 -18.56 16.15
N LEU A 817 -7.10 -19.77 15.97
CA LEU A 817 -6.48 -20.96 16.50
C LEU A 817 -5.60 -21.60 15.44
N ARG A 818 -4.42 -22.06 15.83
CA ARG A 818 -3.54 -22.69 14.86
C ARG A 818 -2.99 -24.03 15.33
N PHE A 819 -2.90 -24.96 14.40
CA PHE A 819 -2.24 -26.25 14.62
C PHE A 819 -1.04 -26.31 13.72
N ILE A 820 0.08 -26.82 14.24
CA ILE A 820 1.29 -26.97 13.44
C ILE A 820 1.85 -28.35 13.68
N ILE A 821 2.07 -29.09 12.61
CA ILE A 821 2.55 -30.46 12.72
C ILE A 821 3.60 -30.78 11.67
N GLN A 822 4.65 -31.49 12.06
CA GLN A 822 5.61 -31.98 11.09
C GLN A 822 5.64 -33.49 11.17
N SER A 823 5.38 -34.14 10.04
CA SER A 823 5.11 -35.57 10.02
C SER A 823 5.63 -36.26 8.75
N GLU A 824 5.64 -37.58 8.76
CA GLU A 824 5.94 -38.37 7.56
C GLU A 824 4.67 -38.69 6.79
N LYS A 825 3.54 -38.64 7.49
CA LYS A 825 2.26 -38.82 6.84
C LYS A 825 1.94 -37.59 5.97
N PRO A 826 1.14 -37.78 4.91
CA PRO A 826 0.73 -36.68 4.03
C PRO A 826 -0.10 -35.64 4.78
N PRO A 827 0.03 -34.37 4.42
CA PRO A 827 -0.73 -33.32 5.10
C PRO A 827 -2.25 -33.54 5.04
N HIS A 828 -2.76 -34.03 3.91
CA HIS A 828 -4.20 -34.20 3.80
C HIS A 828 -4.69 -35.21 4.84
N TYR A 829 -3.81 -36.12 5.24
CA TYR A 829 -4.14 -37.05 6.32
C TYR A 829 -4.16 -36.30 7.66
N LEU A 830 -3.11 -35.52 7.92
CA LEU A 830 -3.00 -34.76 9.15
C LEU A 830 -4.24 -33.89 9.35
N GLU A 831 -4.76 -33.37 8.23
CA GLU A 831 -5.98 -32.57 8.22
C GLU A 831 -7.13 -33.27 8.93
N SER A 832 -7.39 -34.51 8.55
CA SER A 832 -8.50 -35.24 9.12
C SER A 832 -8.30 -35.51 10.61
N ARG A 833 -7.05 -35.82 10.98
CA ARG A 833 -6.73 -36.19 12.35
C ARG A 833 -6.89 -35.01 13.31
N VAL A 834 -6.57 -33.81 12.82
CA VAL A 834 -6.80 -32.60 13.58
C VAL A 834 -8.31 -32.38 13.69
N GLU A 835 -9.01 -32.59 12.59
CA GLU A 835 -10.44 -32.40 12.55
C GLU A 835 -11.13 -33.44 13.42
N ALA A 836 -10.59 -34.65 13.41
CA ALA A 836 -11.12 -35.74 14.23
C ALA A 836 -10.97 -35.36 15.70
N PHE A 837 -9.83 -34.77 16.02
CA PHE A 837 -9.51 -34.38 17.38
C PHE A 837 -10.47 -33.30 17.90
N LEU A 838 -10.81 -32.33 17.06
CA LEU A 838 -11.70 -31.27 17.50
C LEU A 838 -13.06 -31.78 17.99
N ILE A 839 -13.59 -32.77 17.27
CA ILE A 839 -14.84 -33.40 17.66
C ILE A 839 -14.68 -34.11 19.00
N THR A 840 -13.53 -34.75 19.18
CA THR A 840 -13.15 -35.39 20.43
C THR A 840 -13.18 -34.40 21.58
N MET A 841 -12.67 -33.20 21.31
CA MET A 841 -12.63 -32.15 22.33
C MET A 841 -14.01 -31.58 22.61
N GLU A 842 -14.85 -31.51 21.58
CA GLU A 842 -16.20 -31.00 21.76
C GLU A 842 -16.95 -31.87 22.78
N LYS A 843 -16.91 -33.18 22.58
CA LYS A 843 -17.53 -34.10 23.52
C LYS A 843 -16.85 -34.06 24.89
N SER A 844 -15.53 -34.02 24.88
CA SER A 844 -14.75 -33.95 26.11
C SER A 844 -15.12 -32.74 26.99
N ILE A 845 -15.37 -31.60 26.38
CA ILE A 845 -15.71 -30.39 27.14
C ILE A 845 -17.14 -30.41 27.67
N GLU A 846 -18.05 -30.98 26.87
CA GLU A 846 -19.45 -31.13 27.25
C GLU A 846 -19.54 -32.02 28.48
N ASP A 847 -18.56 -32.91 28.62
CA ASP A 847 -18.48 -33.84 29.73
C ASP A 847 -17.80 -33.27 30.97
N MET A 848 -16.82 -32.39 30.79
CA MET A 848 -15.94 -32.04 31.90
C MET A 848 -16.67 -31.33 33.03
N THR A 849 -16.31 -31.67 34.26
CA THR A 849 -16.96 -31.09 35.43
C THR A 849 -16.70 -29.60 35.53
N GLU A 850 -17.57 -28.94 36.29
CA GLU A 850 -17.40 -27.52 36.53
C GLU A 850 -16.08 -27.27 37.26
N GLU A 851 -15.70 -28.20 38.11
CA GLU A 851 -14.46 -28.05 38.88
C GLU A 851 -13.26 -28.12 37.95
N ALA A 852 -13.32 -29.02 36.97
CA ALA A 852 -12.27 -29.15 35.98
C ALA A 852 -12.17 -27.91 35.09
N PHE A 853 -13.32 -27.33 34.77
CA PHE A 853 -13.37 -26.13 33.97
C PHE A 853 -12.77 -24.93 34.71
N GLN A 854 -13.03 -24.84 36.01
CA GLN A 854 -12.47 -23.75 36.80
C GLN A 854 -10.97 -23.92 36.96
N LYS A 855 -10.51 -25.17 36.95
CA LYS A 855 -9.08 -25.46 37.02
C LYS A 855 -8.36 -24.80 35.86
N HIS A 856 -8.92 -24.93 34.66
CA HIS A 856 -8.30 -24.36 33.48
C HIS A 856 -8.31 -22.84 33.55
N ILE A 857 -9.44 -22.28 33.99
CA ILE A 857 -9.53 -20.84 34.19
C ILE A 857 -8.45 -20.33 35.14
N GLN A 858 -8.25 -21.04 36.24
CA GLN A 858 -7.23 -20.67 37.19
C GLN A 858 -5.83 -20.78 36.59
N ALA A 859 -5.60 -21.83 35.80
CA ALA A 859 -4.30 -22.04 35.16
C ALA A 859 -3.99 -20.91 34.21
N LEU A 860 -4.94 -20.58 33.36
CA LEU A 860 -4.74 -19.53 32.39
C LEU A 860 -4.42 -18.20 33.10
N ALA A 861 -5.17 -17.94 34.16
CA ALA A 861 -5.01 -16.74 34.97
C ALA A 861 -3.60 -16.64 35.56
N ILE A 862 -3.14 -17.73 36.16
CA ILE A 862 -1.79 -17.77 36.69
C ILE A 862 -0.74 -17.44 35.62
N ARG A 863 -0.91 -18.01 34.42
CA ARG A 863 0.03 -17.79 33.33
C ARG A 863 0.01 -16.34 32.86
N ARG A 864 -1.17 -15.75 32.78
CA ARG A 864 -1.29 -14.39 32.31
C ARG A 864 -0.79 -13.37 33.34
N LEU A 865 -0.93 -13.71 34.62
CA LEU A 865 -0.57 -12.81 35.71
C LEU A 865 0.84 -13.02 36.27
N ASP A 866 1.53 -14.03 35.77
CA ASP A 866 2.93 -14.26 36.14
C ASP A 866 3.75 -12.96 35.96
N LYS A 867 4.34 -12.47 37.05
CA LYS A 867 5.12 -11.23 37.04
C LYS A 867 6.40 -11.38 36.22
N PRO A 868 6.83 -10.30 35.54
CA PRO A 868 8.16 -10.27 34.91
C PRO A 868 9.28 -10.29 35.97
N LYS A 869 10.36 -11.07 35.76
CA LYS A 869 11.41 -11.19 36.78
C LYS A 869 12.54 -10.19 36.53
N LYS A 870 12.70 -9.79 35.28
CA LYS A 870 13.79 -8.87 34.93
C LYS A 870 13.28 -7.72 34.09
N LEU A 871 14.05 -6.63 34.06
CA LEU A 871 13.65 -5.41 33.35
C LEU A 871 13.30 -5.70 31.90
N SER A 872 14.13 -6.48 31.22
CA SER A 872 13.94 -6.74 29.78
C SER A 872 12.63 -7.45 29.47
N ALA A 873 12.15 -8.26 30.41
CA ALA A 873 10.89 -8.99 30.22
C ALA A 873 9.71 -8.05 30.30
N GLU A 874 9.77 -7.13 31.26
CA GLU A 874 8.72 -6.14 31.45
C GLU A 874 8.72 -5.14 30.29
N SER A 875 9.90 -4.78 29.80
CA SER A 875 10.00 -3.86 28.67
C SER A 875 9.44 -4.48 27.39
N ALA A 876 9.71 -5.76 27.19
CA ALA A 876 9.20 -6.46 26.02
C ALA A 876 7.67 -6.48 26.06
N LYS A 877 7.13 -6.70 27.25
CA LYS A 877 5.68 -6.66 27.46
C LYS A 877 5.09 -5.29 27.06
N TYR A 878 5.70 -4.20 27.53
CA TYR A 878 5.24 -2.87 27.15
C TYR A 878 5.42 -2.63 25.66
N TRP A 879 6.59 -3.01 25.15
CA TRP A 879 6.93 -2.77 23.75
C TRP A 879 5.94 -3.44 22.81
N GLY A 880 5.46 -4.61 23.22
CA GLY A 880 4.47 -5.33 22.43
C GLY A 880 3.20 -4.51 22.32
N GLU A 881 2.79 -3.90 23.42
CA GLU A 881 1.61 -3.04 23.43
C GLU A 881 1.79 -1.79 22.57
N ILE A 882 3.03 -1.34 22.41
CA ILE A 882 3.30 -0.09 21.69
C ILE A 882 3.41 -0.30 20.17
N ILE A 883 4.18 -1.28 19.73
CA ILE A 883 4.28 -1.52 18.28
C ILE A 883 2.96 -2.04 17.73
N SER A 884 2.17 -2.67 18.60
CA SER A 884 0.87 -3.17 18.18
C SER A 884 -0.15 -2.05 18.17
N GLN A 885 0.27 -0.89 18.63
CA GLN A 885 -0.58 0.30 18.65
C GLN A 885 -1.82 0.12 19.51
N GLN A 886 -1.79 -0.84 20.43
CA GLN A 886 -2.93 -1.07 21.29
C GLN A 886 -2.79 -0.35 22.62
N TYR A 887 -1.54 -0.21 23.09
CA TYR A 887 -1.24 0.61 24.26
C TYR A 887 -2.04 0.22 25.50
N ASN A 888 -2.36 -1.07 25.61
CA ASN A 888 -3.15 -1.58 26.72
C ASN A 888 -2.23 -2.15 27.82
N PHE A 889 -1.61 -1.25 28.57
CA PHE A 889 -0.57 -1.64 29.54
C PHE A 889 -1.10 -2.39 30.76
N ASP A 890 -2.39 -2.21 31.05
CA ASP A 890 -3.05 -2.87 32.18
C ASP A 890 -3.83 -4.10 31.70
N ARG A 891 -3.51 -4.58 30.50
CA ARG A 891 -4.27 -5.62 29.83
C ARG A 891 -4.53 -6.85 30.70
N ASP A 892 -3.49 -7.32 31.39
CA ASP A 892 -3.56 -8.57 32.13
C ASP A 892 -4.65 -8.57 33.20
N ASN A 893 -4.73 -7.49 33.96
CA ASN A 893 -5.71 -7.40 35.04
C ASN A 893 -7.11 -7.38 34.46
N THR A 894 -7.29 -6.58 33.42
CA THR A 894 -8.56 -6.48 32.71
C THR A 894 -8.99 -7.82 32.13
N GLU A 895 -8.12 -8.43 31.34
CA GLU A 895 -8.48 -9.64 30.61
C GLU A 895 -8.66 -10.85 31.52
N VAL A 896 -7.85 -10.96 32.57
CA VAL A 896 -8.00 -12.07 33.50
C VAL A 896 -9.34 -11.97 34.25
N ALA A 897 -9.67 -10.74 34.65
CA ALA A 897 -10.92 -10.45 35.34
C ALA A 897 -12.13 -10.89 34.52
N TYR A 898 -12.15 -10.52 33.25
CA TYR A 898 -13.20 -10.98 32.34
C TYR A 898 -13.19 -12.50 32.22
N LEU A 899 -11.99 -13.07 32.12
CA LEU A 899 -11.81 -14.51 31.97
C LEU A 899 -12.57 -15.29 33.03
N LYS A 900 -12.52 -14.81 34.25
CA LYS A 900 -13.10 -15.52 35.38
C LYS A 900 -14.63 -15.54 35.34
N THR A 901 -15.21 -14.76 34.43
CA THR A 901 -16.67 -14.69 34.32
C THR A 901 -17.19 -15.59 33.20
N LEU A 902 -16.28 -16.22 32.47
CA LEU A 902 -16.66 -17.13 31.39
C LEU A 902 -17.19 -18.45 31.94
N THR A 903 -18.13 -19.06 31.22
CA THR A 903 -18.67 -20.36 31.64
C THR A 903 -18.37 -21.42 30.58
N LYS A 904 -18.61 -22.67 30.93
CA LYS A 904 -18.44 -23.74 29.96
C LYS A 904 -19.37 -23.52 28.77
N GLU A 905 -20.59 -23.08 29.06
CA GLU A 905 -21.59 -22.83 28.02
C GLU A 905 -21.13 -21.73 27.05
N ASP A 906 -20.42 -20.73 27.59
CA ASP A 906 -19.80 -19.67 26.78
C ASP A 906 -18.78 -20.23 25.78
N ILE A 907 -17.92 -21.13 26.25
CA ILE A 907 -16.89 -21.72 25.40
C ILE A 907 -17.50 -22.66 24.38
N ILE A 908 -18.54 -23.40 24.77
CA ILE A 908 -19.21 -24.28 23.84
C ILE A 908 -19.84 -23.51 22.68
N LYS A 909 -20.47 -22.38 23.01
CA LYS A 909 -21.08 -21.51 22.00
C LYS A 909 -20.01 -20.99 21.03
N PHE A 910 -18.90 -20.54 21.60
CA PHE A 910 -17.74 -20.09 20.83
C PHE A 910 -17.30 -21.17 19.85
N TYR A 911 -17.12 -22.39 20.33
CA TYR A 911 -16.69 -23.49 19.48
C TYR A 911 -17.70 -23.80 18.39
N LYS A 912 -18.96 -23.89 18.78
CA LYS A 912 -20.02 -24.24 17.85
C LYS A 912 -20.20 -23.17 16.77
N GLU A 913 -19.85 -21.93 17.12
CA GLU A 913 -20.07 -20.81 16.22
C GLU A 913 -18.85 -20.48 15.34
N MET A 914 -17.64 -20.68 15.87
CA MET A 914 -16.42 -20.23 15.19
C MET A 914 -15.51 -21.34 14.67
N LEU A 915 -15.50 -22.49 15.34
CA LEU A 915 -14.44 -23.49 15.14
C LEU A 915 -14.93 -24.83 14.60
N ALA A 916 -16.12 -25.24 15.05
CA ALA A 916 -16.68 -26.55 14.69
C ALA A 916 -16.76 -26.75 13.18
N VAL A 917 -16.66 -28.00 12.75
CA VAL A 917 -16.58 -28.34 11.32
C VAL A 917 -17.76 -27.76 10.53
N ASP A 918 -18.94 -27.77 11.15
CA ASP A 918 -20.13 -27.20 10.54
C ASP A 918 -20.54 -25.88 11.22
N ALA A 919 -19.55 -25.13 11.68
CA ALA A 919 -19.79 -23.82 12.26
C ALA A 919 -20.08 -22.78 11.17
N PRO A 920 -21.09 -21.93 11.39
CA PRO A 920 -21.55 -20.86 10.50
C PRO A 920 -20.48 -19.81 10.20
N ARG A 921 -19.62 -19.52 11.16
CA ARG A 921 -18.59 -18.52 10.98
C ARG A 921 -17.18 -19.13 10.99
N ARG A 922 -17.05 -20.36 10.50
CA ARG A 922 -15.75 -20.99 10.43
C ARG A 922 -14.92 -20.36 9.31
N HIS A 923 -13.69 -19.97 9.61
CA HIS A 923 -12.80 -19.36 8.62
C HIS A 923 -11.47 -20.09 8.57
N LYS A 924 -11.39 -21.12 7.75
CA LYS A 924 -10.23 -21.99 7.76
C LYS A 924 -9.33 -21.84 6.54
N VAL A 925 -8.04 -21.68 6.80
CA VAL A 925 -7.04 -21.75 5.74
C VAL A 925 -5.95 -22.74 6.17
N SER A 926 -5.50 -23.57 5.24
CA SER A 926 -4.52 -24.60 5.52
C SER A 926 -3.31 -24.49 4.61
N VAL A 927 -2.11 -24.59 5.17
CA VAL A 927 -0.90 -24.63 4.36
C VAL A 927 -0.29 -26.02 4.44
N HIS A 928 -0.03 -26.62 3.28
CA HIS A 928 0.52 -27.96 3.19
C HIS A 928 1.91 -27.92 2.56
N VAL A 929 2.94 -28.33 3.30
CA VAL A 929 4.25 -28.48 2.69
C VAL A 929 4.58 -29.97 2.53
N LEU A 930 4.66 -30.42 1.29
CA LEU A 930 4.92 -31.83 0.99
C LEU A 930 6.40 -32.16 1.13
N ALA A 931 6.67 -33.38 1.58
CA ALA A 931 8.04 -33.87 1.71
C ALA A 931 8.75 -33.92 0.37
N ARG A 932 10.06 -34.11 0.41
CA ARG A 932 10.89 -34.13 -0.79
C ARG A 932 10.35 -35.13 -1.82
N GLU A 933 9.94 -36.31 -1.33
CA GLU A 933 9.56 -37.42 -2.21
C GLU A 933 8.06 -37.57 -2.43
N MET A 934 7.25 -36.72 -1.80
CA MET A 934 5.79 -36.90 -1.83
C MET A 934 5.16 -36.60 -3.18
N ASP A 935 3.91 -37.03 -3.34
CA ASP A 935 3.17 -36.84 -4.58
C ASP A 935 2.06 -35.81 -4.40
N SER A 936 1.54 -35.26 -5.50
CA SER A 936 0.54 -34.19 -5.41
C SER A 936 -0.80 -34.71 -4.86
N ASN A 937 -1.41 -33.94 -3.95
CA ASN A 937 -2.70 -34.28 -3.36
C ASN A 937 -3.20 -33.18 -2.40
N LEU A 951 -8.70 -45.65 16.28
CA LEU A 951 -8.73 -44.25 15.84
C LEU A 951 -10.14 -43.67 15.84
N SER A 952 -10.25 -42.45 16.36
CA SER A 952 -11.53 -41.75 16.36
C SER A 952 -11.91 -41.42 14.92
N GLN A 953 -13.19 -41.23 14.67
CA GLN A 953 -13.66 -41.02 13.31
C GLN A 953 -13.43 -39.58 12.90
N ALA A 954 -12.93 -39.38 11.68
CA ALA A 954 -12.76 -38.04 11.14
C ALA A 954 -14.03 -37.60 10.41
N PRO A 955 -14.45 -36.34 10.61
CA PRO A 955 -15.63 -35.79 9.93
C PRO A 955 -15.35 -35.59 8.46
N ALA A 956 -16.38 -35.61 7.62
CA ALA A 956 -16.22 -35.35 6.20
C ALA A 956 -15.98 -33.86 5.98
N LEU A 957 -15.01 -33.55 5.12
CA LEU A 957 -14.65 -32.16 4.88
C LEU A 957 -15.12 -31.66 3.52
N PRO A 958 -15.49 -30.38 3.45
CA PRO A 958 -15.91 -29.77 2.19
C PRO A 958 -14.76 -29.70 1.18
N GLN A 959 -15.09 -29.45 -0.09
CA GLN A 959 -14.09 -29.26 -1.11
C GLN A 959 -13.32 -27.99 -0.80
N PRO A 960 -12.00 -28.07 -0.70
CA PRO A 960 -11.24 -26.86 -0.38
C PRO A 960 -10.94 -26.05 -1.63
N GLU A 961 -10.92 -24.73 -1.47
CA GLU A 961 -10.53 -23.81 -2.54
C GLU A 961 -9.02 -23.76 -2.65
N VAL A 962 -8.46 -24.40 -3.66
CA VAL A 962 -7.00 -24.43 -3.81
C VAL A 962 -6.42 -23.11 -4.30
N ILE A 963 -5.58 -22.51 -3.47
CA ILE A 963 -4.92 -21.27 -3.80
C ILE A 963 -3.82 -21.50 -4.80
N GLN A 964 -4.01 -20.94 -6.00
CA GLN A 964 -3.06 -21.08 -7.09
C GLN A 964 -2.05 -19.93 -7.07
N ASN A 965 -2.45 -18.80 -6.49
CA ASN A 965 -1.68 -17.58 -6.57
C ASN A 965 -1.96 -16.61 -5.43
N MET A 966 -0.96 -16.32 -4.60
CA MET A 966 -1.15 -15.49 -3.41
C MET A 966 -1.75 -14.11 -3.72
N THR A 967 -1.26 -13.50 -4.80
CA THR A 967 -1.76 -12.20 -5.19
C THR A 967 -3.22 -12.31 -5.60
N GLU A 968 -3.55 -13.31 -6.41
CA GLU A 968 -4.93 -13.52 -6.82
C GLU A 968 -5.80 -13.84 -5.60
N PHE A 969 -5.21 -14.55 -4.65
CA PHE A 969 -5.92 -14.92 -3.42
C PHE A 969 -6.30 -13.70 -2.60
N LYS A 970 -5.35 -12.81 -2.37
CA LYS A 970 -5.61 -11.63 -1.57
C LYS A 970 -6.59 -10.68 -2.26
N ARG A 971 -6.51 -10.60 -3.58
CA ARG A 971 -7.37 -9.70 -4.36
C ARG A 971 -8.84 -10.04 -4.18
N GLY A 972 -9.14 -11.33 -4.09
CA GLY A 972 -10.52 -11.76 -4.00
C GLY A 972 -11.13 -11.68 -2.63
N LEU A 973 -10.40 -11.16 -1.65
CA LEU A 973 -10.89 -11.07 -0.28
C LEU A 973 -10.83 -9.68 0.33
N PRO A 974 -11.73 -9.41 1.28
CA PRO A 974 -11.70 -8.14 1.99
C PRO A 974 -10.56 -8.11 3.01
N LEU A 975 -10.27 -6.94 3.54
CA LEU A 975 -9.24 -6.79 4.55
C LEU A 975 -9.87 -6.32 5.85
N PHE A 976 -9.44 -6.88 6.97
CA PHE A 976 -9.98 -6.45 8.26
C PHE A 976 -9.72 -4.98 8.50
N PRO A 977 -10.43 -4.38 9.46
CA PRO A 977 -10.04 -3.04 9.93
C PRO A 977 -8.75 -3.16 10.69
N LEU A 978 -8.21 -2.04 11.17
CA LEU A 978 -7.09 -2.08 12.10
C LEU A 978 -7.63 -1.87 13.52
N VAL A 979 -7.00 -2.50 14.50
CA VAL A 979 -7.49 -2.35 15.87
C VAL A 979 -7.27 -0.92 16.32
N LYS A 980 -8.27 -0.36 17.00
CA LYS A 980 -8.18 0.99 17.51
C LYS A 980 -7.45 1.00 18.87
N PRO A 981 -6.55 1.97 19.08
CA PRO A 981 -5.79 2.13 20.33
C PRO A 981 -6.66 2.30 21.58
N HIS A 982 -6.07 2.05 22.75
CA HIS A 982 -6.79 2.10 24.03
C HIS A 982 -6.67 3.48 24.69
N ASN B 14 -46.25 19.38 -56.06
CA ASN B 14 -45.68 20.71 -55.79
C ASN B 14 -46.23 21.29 -54.48
N ASN B 15 -45.52 21.01 -53.40
CA ASN B 15 -45.98 21.38 -52.06
C ASN B 15 -45.93 22.87 -51.77
N PRO B 16 -47.06 23.43 -51.33
CA PRO B 16 -47.25 24.84 -50.97
C PRO B 16 -46.62 25.18 -49.64
N ALA B 17 -46.35 24.16 -48.82
CA ALA B 17 -45.74 24.37 -47.52
C ALA B 17 -44.23 24.55 -47.64
N ILE B 18 -43.71 24.21 -48.81
CA ILE B 18 -42.29 24.30 -49.07
C ILE B 18 -41.95 25.38 -50.10
N LYS B 19 -41.14 26.35 -49.69
CA LYS B 19 -40.74 27.42 -50.57
C LYS B 19 -39.62 26.97 -51.50
N ARG B 20 -38.76 26.10 -51.01
CA ARG B 20 -37.55 25.72 -51.73
C ARG B 20 -36.98 24.40 -51.22
N ILE B 21 -36.39 23.63 -52.14
CA ILE B 21 -35.69 22.40 -51.76
C ILE B 21 -34.29 22.51 -52.32
N GLY B 22 -33.32 22.62 -51.41
CA GLY B 22 -31.96 22.86 -51.82
C GLY B 22 -31.39 21.69 -52.57
N ASN B 23 -30.21 21.91 -53.14
CA ASN B 23 -29.65 20.99 -54.09
C ASN B 23 -28.79 20.02 -53.30
N HIS B 24 -27.87 19.36 -53.99
CA HIS B 24 -26.94 18.47 -53.31
C HIS B 24 -26.23 19.11 -52.15
N ILE B 25 -26.49 18.61 -50.95
CA ILE B 25 -25.81 19.14 -49.78
C ILE B 25 -24.43 18.51 -49.72
N THR B 26 -23.41 19.34 -49.92
CA THR B 26 -22.02 18.88 -49.98
C THR B 26 -21.61 18.24 -48.68
N LYS B 27 -21.22 16.97 -48.74
CA LYS B 27 -20.77 16.28 -47.53
C LYS B 27 -19.40 15.64 -47.72
N SER B 28 -18.91 14.99 -46.68
CA SER B 28 -17.66 14.26 -46.82
C SER B 28 -17.87 12.96 -47.58
N PRO B 29 -16.88 12.56 -48.38
CA PRO B 29 -16.97 11.31 -49.17
C PRO B 29 -17.10 10.11 -48.24
N GLU B 30 -16.76 10.32 -46.97
CA GLU B 30 -16.79 9.28 -45.96
C GLU B 30 -18.08 9.28 -45.13
N ASP B 31 -18.84 10.36 -45.24
CA ASP B 31 -20.13 10.47 -44.56
C ASP B 31 -21.19 9.60 -45.28
N LYS B 32 -21.71 8.62 -44.55
CA LYS B 32 -22.70 7.69 -45.09
C LYS B 32 -24.12 8.23 -44.91
N ARG B 33 -24.27 9.25 -44.07
CA ARG B 33 -25.56 9.83 -43.80
C ARG B 33 -26.08 10.55 -45.05
N GLU B 34 -27.40 10.62 -45.21
CA GLU B 34 -28.01 11.28 -46.36
C GLU B 34 -28.61 12.61 -45.93
N TYR B 35 -28.52 13.62 -46.79
CA TYR B 35 -28.98 14.95 -46.41
C TYR B 35 -29.95 15.57 -47.40
N ARG B 36 -30.88 16.36 -46.88
CA ARG B 36 -31.73 17.21 -47.71
C ARG B 36 -32.03 18.50 -46.99
N GLY B 37 -31.68 19.63 -47.60
CA GLY B 37 -32.02 20.93 -47.05
C GLY B 37 -33.25 21.50 -47.73
N LEU B 38 -33.95 22.39 -47.02
CA LEU B 38 -35.07 23.11 -47.63
C LEU B 38 -35.51 24.30 -46.80
N GLU B 39 -36.24 25.22 -47.43
CA GLU B 39 -36.79 26.38 -46.74
C GLU B 39 -38.31 26.28 -46.79
N LEU B 40 -38.95 26.33 -45.62
CA LEU B 40 -40.39 26.22 -45.56
C LEU B 40 -41.05 27.50 -46.09
N ALA B 41 -42.36 27.43 -46.32
CA ALA B 41 -43.10 28.59 -46.77
C ALA B 41 -43.03 29.73 -45.75
N ASN B 42 -43.01 29.39 -44.47
CA ASN B 42 -42.92 30.40 -43.43
C ASN B 42 -41.50 30.89 -43.13
N GLY B 43 -40.52 30.42 -43.88
CA GLY B 43 -39.16 30.93 -43.76
C GLY B 43 -38.22 30.15 -42.86
N ILE B 44 -38.70 29.05 -42.28
CA ILE B 44 -37.85 28.19 -41.48
C ILE B 44 -36.86 27.49 -42.38
N LYS B 45 -35.57 27.61 -42.08
CA LYS B 45 -34.57 26.85 -42.82
C LYS B 45 -34.38 25.48 -42.15
N VAL B 46 -34.42 24.43 -42.96
CA VAL B 46 -34.43 23.07 -42.44
C VAL B 46 -33.35 22.17 -43.05
N LEU B 47 -32.74 21.34 -42.22
CA LEU B 47 -31.84 20.30 -42.71
C LEU B 47 -32.27 18.94 -42.20
N LEU B 48 -32.47 18.00 -43.11
CA LEU B 48 -32.90 16.66 -42.76
C LEU B 48 -31.75 15.67 -42.91
N ILE B 49 -31.54 14.85 -41.88
CA ILE B 49 -30.42 13.90 -41.89
C ILE B 49 -30.94 12.47 -41.72
N SER B 50 -30.70 11.64 -42.72
CA SER B 50 -31.17 10.25 -42.71
C SER B 50 -30.04 9.29 -42.40
N ASP B 51 -30.19 8.58 -41.28
CA ASP B 51 -29.18 7.64 -40.82
C ASP B 51 -29.89 6.37 -40.34
N PRO B 52 -30.07 5.41 -41.26
CA PRO B 52 -30.78 4.15 -41.00
C PRO B 52 -30.12 3.26 -39.95
N THR B 53 -28.96 3.66 -39.46
CA THR B 53 -28.23 2.85 -38.48
C THR B 53 -28.32 3.41 -37.07
N THR B 54 -28.70 4.68 -36.96
CA THR B 54 -28.63 5.41 -35.70
C THR B 54 -29.52 4.80 -34.64
N ASP B 55 -28.99 4.68 -33.42
CA ASP B 55 -29.77 4.14 -32.32
C ASP B 55 -30.63 5.24 -31.70
N LYS B 56 -30.07 6.43 -31.58
CA LYS B 56 -30.85 7.58 -31.12
C LYS B 56 -31.15 8.53 -32.28
N SER B 57 -32.36 9.07 -32.30
CA SER B 57 -32.69 10.15 -33.23
C SER B 57 -32.59 11.48 -32.49
N SER B 58 -32.66 12.57 -33.23
CA SER B 58 -32.48 13.87 -32.62
C SER B 58 -33.03 15.00 -33.48
N ALA B 59 -33.43 16.07 -32.81
CA ALA B 59 -33.77 17.30 -33.52
C ALA B 59 -33.29 18.51 -32.72
N ALA B 60 -33.14 19.63 -33.39
CA ALA B 60 -32.74 20.86 -32.72
C ALA B 60 -33.31 22.05 -33.45
N LEU B 61 -33.68 23.07 -32.69
CA LEU B 61 -34.18 24.30 -33.28
C LEU B 61 -33.42 25.46 -32.68
N ASP B 62 -32.95 26.33 -33.56
CA ASP B 62 -32.19 27.50 -33.16
C ASP B 62 -32.95 28.75 -33.56
N VAL B 63 -33.31 29.56 -32.58
CA VAL B 63 -33.92 30.85 -32.87
C VAL B 63 -32.83 31.90 -32.90
N HIS B 64 -32.91 32.80 -33.87
CA HIS B 64 -31.82 33.76 -34.07
C HIS B 64 -32.08 35.00 -33.24
N ILE B 65 -32.74 34.81 -32.10
CA ILE B 65 -32.88 35.86 -31.10
C ILE B 65 -32.20 35.41 -29.82
N GLY B 66 -31.58 36.36 -29.12
CA GLY B 66 -30.84 36.07 -27.90
C GLY B 66 -30.90 37.19 -26.87
N SER B 67 -30.02 37.14 -25.88
CA SER B 67 -30.11 38.06 -24.75
C SER B 67 -29.77 39.51 -25.13
N LEU B 68 -29.12 39.72 -26.27
CA LEU B 68 -28.87 41.09 -26.75
C LEU B 68 -30.20 41.82 -27.05
N SER B 69 -31.28 41.05 -27.16
CA SER B 69 -32.60 41.60 -27.43
C SER B 69 -33.47 41.60 -26.17
N ASP B 70 -32.87 41.39 -25.01
CA ASP B 70 -33.65 41.47 -23.77
C ASP B 70 -34.20 42.87 -23.60
N PRO B 71 -35.43 42.98 -23.09
CA PRO B 71 -35.94 44.29 -22.71
C PRO B 71 -34.99 44.95 -21.72
N PRO B 72 -34.73 46.24 -21.89
CA PRO B 72 -33.77 46.94 -21.03
C PRO B 72 -34.16 46.91 -19.56
N ASN B 73 -35.45 46.72 -19.29
CA ASN B 73 -35.93 46.71 -17.90
C ASN B 73 -36.15 45.30 -17.33
N ILE B 74 -35.88 44.29 -18.13
CA ILE B 74 -36.01 42.91 -17.68
C ILE B 74 -34.83 42.06 -18.14
N ALA B 75 -33.69 42.25 -17.47
CA ALA B 75 -32.46 41.53 -17.81
C ALA B 75 -32.66 40.03 -17.70
N GLY B 76 -32.29 39.32 -18.76
CA GLY B 76 -32.30 37.88 -18.76
C GLY B 76 -33.62 37.24 -19.17
N LEU B 77 -34.51 38.01 -19.78
CA LEU B 77 -35.80 37.48 -20.18
C LEU B 77 -35.68 36.38 -21.24
N SER B 78 -34.82 36.57 -22.23
CA SER B 78 -34.60 35.55 -23.24
C SER B 78 -34.11 34.24 -22.62
N HIS B 79 -33.16 34.34 -21.70
CA HIS B 79 -32.64 33.17 -21.00
C HIS B 79 -33.74 32.51 -20.18
N PHE B 80 -34.50 33.31 -19.45
CA PHE B 80 -35.58 32.79 -18.61
C PHE B 80 -36.65 32.09 -19.45
N LEU B 81 -37.02 32.72 -20.56
CA LEU B 81 -37.99 32.15 -21.48
C LEU B 81 -37.50 30.78 -21.95
N GLU B 82 -36.19 30.66 -22.16
CA GLU B 82 -35.60 29.42 -22.62
C GLU B 82 -35.90 28.30 -21.64
N HIS B 83 -35.73 28.58 -20.35
CA HIS B 83 -36.11 27.66 -19.28
C HIS B 83 -37.61 27.31 -19.33
N MET B 84 -38.44 28.33 -19.50
CA MET B 84 -39.88 28.16 -19.34
C MET B 84 -40.50 27.28 -20.41
N LEU B 85 -39.91 27.21 -21.60
CA LEU B 85 -40.51 26.42 -22.67
C LEU B 85 -40.57 24.92 -22.34
N PHE B 86 -39.72 24.46 -21.45
CA PHE B 86 -39.71 23.05 -21.09
C PHE B 86 -40.88 22.70 -20.17
N LEU B 87 -41.48 23.73 -19.60
CA LEU B 87 -42.39 23.57 -18.48
C LEU B 87 -43.88 23.60 -18.84
N GLY B 88 -44.22 23.28 -20.08
CA GLY B 88 -45.62 23.11 -20.44
C GLY B 88 -46.12 23.89 -21.64
N THR B 89 -46.92 23.23 -22.46
CA THR B 89 -47.55 23.85 -23.62
C THR B 89 -49.06 23.57 -23.57
N LYS B 90 -49.81 24.17 -24.48
CA LYS B 90 -51.26 23.98 -24.46
C LYS B 90 -51.63 22.53 -24.81
N LYS B 91 -50.92 21.94 -25.77
CA LYS B 91 -51.19 20.57 -26.19
C LYS B 91 -50.65 19.53 -25.20
N TYR B 92 -49.55 19.88 -24.53
CA TYR B 92 -48.96 19.02 -23.52
C TYR B 92 -48.74 19.85 -22.27
N PRO B 93 -49.83 20.08 -21.51
CA PRO B 93 -49.89 21.00 -20.37
C PRO B 93 -49.16 20.51 -19.12
N LYS B 94 -48.92 19.20 -19.02
CA LYS B 94 -48.25 18.65 -17.83
C LYS B 94 -46.84 19.21 -17.73
N GLU B 95 -46.53 19.83 -16.60
CA GLU B 95 -45.30 20.61 -16.45
C GLU B 95 -44.07 19.88 -17.00
N ASN B 96 -43.93 18.60 -16.70
CA ASN B 96 -42.76 17.83 -17.12
C ASN B 96 -43.03 16.72 -18.16
N GLU B 97 -44.11 16.86 -18.93
CA GLU B 97 -44.43 15.89 -19.96
C GLU B 97 -43.27 15.71 -20.91
N TYR B 98 -42.66 16.82 -21.29
CA TYR B 98 -41.56 16.77 -22.24
C TYR B 98 -40.37 15.99 -21.69
N SER B 99 -39.93 16.36 -20.49
CA SER B 99 -38.78 15.72 -19.87
C SER B 99 -39.07 14.26 -19.58
N GLN B 100 -40.30 13.98 -19.17
CA GLN B 100 -40.70 12.62 -18.83
C GLN B 100 -40.78 11.73 -20.06
N PHE B 101 -41.32 12.26 -21.16
CA PHE B 101 -41.41 11.48 -22.38
C PHE B 101 -40.01 11.10 -22.86
N LEU B 102 -39.08 12.04 -22.80
CA LEU B 102 -37.71 11.77 -23.24
C LEU B 102 -37.01 10.74 -22.36
N SER B 103 -37.19 10.87 -21.04
CA SER B 103 -36.54 9.97 -20.10
C SER B 103 -36.98 8.53 -20.31
N GLU B 104 -38.27 8.35 -20.52
CA GLU B 104 -38.85 7.02 -20.67
C GLU B 104 -38.58 6.45 -22.04
N HIS B 105 -37.89 7.21 -22.88
CA HIS B 105 -37.60 6.73 -24.22
C HIS B 105 -36.14 6.94 -24.61
N ALA B 106 -35.26 6.78 -23.62
CA ALA B 106 -33.81 6.80 -23.84
C ALA B 106 -33.32 8.18 -24.33
N GLY B 107 -34.07 9.23 -24.00
CA GLY B 107 -33.73 10.57 -24.45
C GLY B 107 -33.20 11.54 -23.41
N SER B 108 -32.83 12.71 -23.90
CA SER B 108 -32.34 13.79 -23.09
C SER B 108 -32.43 15.07 -23.88
N SER B 109 -32.36 16.19 -23.18
CA SER B 109 -32.56 17.47 -23.80
C SER B 109 -31.80 18.56 -23.07
N ASN B 110 -31.43 19.59 -23.81
CA ASN B 110 -30.85 20.79 -23.22
C ASN B 110 -31.08 21.99 -24.12
N ALA B 111 -30.65 23.15 -23.65
CA ALA B 111 -30.75 24.36 -24.43
C ALA B 111 -29.79 25.39 -23.87
N PHE B 112 -29.48 26.42 -24.66
CA PHE B 112 -28.62 27.49 -24.17
C PHE B 112 -29.02 28.81 -24.83
N THR B 113 -28.68 29.91 -24.17
CA THR B 113 -28.96 31.24 -24.69
C THR B 113 -27.68 32.04 -24.82
N SER B 114 -27.36 32.46 -26.04
CA SER B 114 -26.28 33.42 -26.24
C SER B 114 -26.90 34.77 -26.62
N GLY B 115 -26.07 35.75 -26.94
CA GLY B 115 -26.57 37.09 -27.25
C GLY B 115 -27.45 37.17 -28.48
N GLU B 116 -27.33 36.19 -29.38
CA GLU B 116 -28.01 36.26 -30.68
C GLU B 116 -28.73 34.97 -31.02
N HIS B 117 -28.68 33.99 -30.13
CA HIS B 117 -29.28 32.70 -30.40
C HIS B 117 -29.91 32.10 -29.17
N THR B 118 -31.03 31.41 -29.37
CA THR B 118 -31.54 30.49 -28.36
C THR B 118 -31.66 29.11 -29.02
N ASN B 119 -30.95 28.14 -28.47
CA ASN B 119 -30.75 26.85 -29.14
C ASN B 119 -31.36 25.71 -28.33
N TYR B 120 -32.31 24.98 -28.93
CA TYR B 120 -32.99 23.87 -28.26
C TYR B 120 -32.72 22.54 -28.97
N TYR B 121 -32.41 21.50 -28.20
CA TYR B 121 -32.11 20.20 -28.78
C TYR B 121 -32.44 19.05 -27.84
N PHE B 122 -32.63 17.87 -28.44
CA PHE B 122 -32.91 16.64 -27.71
C PHE B 122 -32.43 15.44 -28.53
N ASP B 123 -32.21 14.32 -27.84
CA ASP B 123 -32.14 13.04 -28.54
C ASP B 123 -33.14 12.05 -27.93
N VAL B 124 -33.37 10.94 -28.61
CA VAL B 124 -34.40 9.99 -28.21
C VAL B 124 -34.22 8.68 -28.95
N SER B 125 -34.73 7.59 -28.38
CA SER B 125 -34.82 6.31 -29.07
C SER B 125 -35.31 6.54 -30.50
N HIS B 126 -34.66 5.91 -31.48
CA HIS B 126 -34.98 6.17 -32.88
C HIS B 126 -36.44 5.88 -33.21
N GLU B 127 -37.08 5.03 -32.41
CA GLU B 127 -38.48 4.66 -32.66
C GLU B 127 -39.50 5.66 -32.13
N HIS B 128 -39.03 6.71 -31.47
CA HIS B 128 -39.95 7.67 -30.87
C HIS B 128 -39.57 9.10 -31.25
N LEU B 129 -39.00 9.25 -32.44
CA LEU B 129 -38.63 10.55 -32.93
C LEU B 129 -39.86 11.45 -33.03
N GLU B 130 -40.90 10.95 -33.69
CA GLU B 130 -42.10 11.78 -33.91
C GLU B 130 -42.78 12.19 -32.59
N GLY B 131 -42.82 11.29 -31.63
CA GLY B 131 -43.42 11.59 -30.35
C GLY B 131 -42.66 12.69 -29.65
N ALA B 132 -41.34 12.56 -29.66
CA ALA B 132 -40.48 13.56 -29.06
C ALA B 132 -40.61 14.88 -29.83
N LEU B 133 -40.60 14.78 -31.15
CA LEU B 133 -40.59 15.96 -31.99
C LEU B 133 -41.90 16.74 -31.87
N ASP B 134 -43.01 16.01 -31.77
CA ASP B 134 -44.30 16.66 -31.62
C ASP B 134 -44.37 17.47 -30.33
N ARG B 135 -43.97 16.86 -29.22
CA ARG B 135 -43.97 17.56 -27.95
C ARG B 135 -43.04 18.75 -28.02
N PHE B 136 -41.99 18.59 -28.81
CA PHE B 136 -40.95 19.61 -28.97
C PHE B 136 -41.47 20.82 -29.74
N ALA B 137 -42.18 20.57 -30.84
CA ALA B 137 -42.64 21.65 -31.71
C ALA B 137 -43.50 22.63 -30.94
N GLN B 138 -44.24 22.13 -29.96
CA GLN B 138 -45.16 22.94 -29.19
C GLN B 138 -44.46 24.07 -28.45
N PHE B 139 -43.16 23.94 -28.22
CA PHE B 139 -42.41 25.02 -27.57
C PHE B 139 -42.57 26.31 -28.34
N PHE B 140 -42.75 26.17 -29.65
CA PHE B 140 -42.65 27.32 -30.55
C PHE B 140 -44.01 27.72 -31.11
N LEU B 141 -45.05 27.09 -30.58
CA LEU B 141 -46.41 27.56 -30.75
C LEU B 141 -47.17 27.32 -29.46
N SER B 142 -47.52 28.38 -28.76
CA SER B 142 -48.36 28.26 -27.55
C SER B 142 -47.77 27.46 -26.39
N PRO B 143 -46.66 27.94 -25.84
CA PRO B 143 -46.25 27.53 -24.48
C PRO B 143 -47.18 28.09 -23.41
N LEU B 144 -47.27 27.44 -22.27
CA LEU B 144 -48.19 27.86 -21.20
C LEU B 144 -47.71 29.10 -20.46
N PHE B 145 -46.41 29.12 -20.16
CA PHE B 145 -45.84 30.11 -19.25
C PHE B 145 -46.66 30.16 -17.97
N ASP B 146 -47.02 29.00 -17.44
CA ASP B 146 -47.79 28.90 -16.22
C ASP B 146 -47.25 29.79 -15.10
N GLU B 147 -48.16 30.51 -14.44
CA GLU B 147 -47.78 31.44 -13.38
C GLU B 147 -47.09 30.73 -12.22
N SER B 148 -47.60 29.55 -11.87
CA SER B 148 -47.02 28.75 -10.79
C SER B 148 -45.60 28.31 -11.12
N ALA B 149 -45.41 27.83 -12.35
CA ALA B 149 -44.10 27.40 -12.80
C ALA B 149 -43.13 28.57 -12.83
N LYS B 150 -43.61 29.72 -13.31
CA LYS B 150 -42.79 30.93 -13.37
C LYS B 150 -42.24 31.32 -12.01
N ASP B 151 -43.12 31.36 -11.02
CA ASP B 151 -42.71 31.70 -9.66
C ASP B 151 -41.66 30.74 -9.10
N ARG B 152 -41.68 29.50 -9.60
CA ARG B 152 -40.72 28.49 -9.14
C ARG B 152 -39.40 28.55 -9.91
N GLU B 153 -39.50 28.50 -11.24
CA GLU B 153 -38.32 28.35 -12.08
C GLU B 153 -37.40 29.58 -12.07
N VAL B 154 -37.92 30.73 -11.64
CA VAL B 154 -37.07 31.91 -11.51
C VAL B 154 -35.95 31.60 -10.52
N ASN B 155 -36.23 30.67 -9.62
CA ASN B 155 -35.25 30.26 -8.62
C ASN B 155 -34.08 29.47 -9.20
N ALA B 156 -34.35 28.67 -10.21
CA ALA B 156 -33.31 27.89 -10.86
C ALA B 156 -32.30 28.83 -11.53
N VAL B 157 -32.81 29.83 -12.22
CA VAL B 157 -31.96 30.79 -12.91
C VAL B 157 -31.11 31.58 -11.91
N ASP B 158 -31.73 32.02 -10.82
CA ASP B 158 -30.98 32.69 -9.77
C ASP B 158 -29.82 31.81 -9.34
N SER B 159 -30.09 30.53 -9.10
CA SER B 159 -29.06 29.59 -8.65
C SER B 159 -27.97 29.40 -9.71
N GLU B 160 -28.37 29.40 -10.98
CA GLU B 160 -27.42 29.33 -12.09
C GLU B 160 -26.50 30.54 -12.07
N HIS B 161 -27.06 31.73 -11.83
CA HIS B 161 -26.25 32.92 -11.76
C HIS B 161 -25.34 32.92 -10.53
N GLU B 162 -25.91 32.50 -9.40
CA GLU B 162 -25.20 32.47 -8.13
C GLU B 162 -23.94 31.60 -8.24
N LYS B 163 -24.09 30.49 -8.93
CA LYS B 163 -22.99 29.60 -9.24
C LYS B 163 -21.83 30.31 -9.95
N ASN B 164 -22.14 31.40 -10.66
CA ASN B 164 -21.14 32.07 -11.48
C ASN B 164 -20.52 33.32 -10.88
N VAL B 165 -21.05 33.79 -9.75
CA VAL B 165 -20.63 35.07 -9.21
C VAL B 165 -19.16 35.08 -8.84
N MET B 166 -18.68 34.03 -8.18
CA MET B 166 -17.29 33.96 -7.76
C MET B 166 -16.43 33.18 -8.75
N ASN B 167 -16.89 33.11 -9.99
CA ASN B 167 -16.13 32.50 -11.06
C ASN B 167 -15.42 33.54 -11.93
N ASP B 168 -14.09 33.46 -12.01
CA ASP B 168 -13.31 34.51 -12.69
C ASP B 168 -13.61 34.65 -14.18
N ALA B 169 -14.00 33.55 -14.82
CA ALA B 169 -14.36 33.59 -16.24
C ALA B 169 -15.62 34.41 -16.47
N TRP B 170 -16.63 34.18 -15.65
CA TRP B 170 -17.87 34.93 -15.77
C TRP B 170 -17.69 36.39 -15.38
N ARG B 171 -16.91 36.63 -14.33
CA ARG B 171 -16.67 37.98 -13.84
C ARG B 171 -16.00 38.84 -14.90
N LEU B 172 -15.00 38.27 -15.57
CA LEU B 172 -14.27 38.95 -16.65
C LEU B 172 -15.13 39.10 -17.89
N PHE B 173 -15.91 38.06 -18.18
CA PHE B 173 -16.84 38.10 -19.30
C PHE B 173 -17.76 39.33 -19.20
N GLN B 174 -18.37 39.53 -18.04
CA GLN B 174 -19.31 40.63 -17.84
C GLN B 174 -18.58 41.96 -17.59
N LEU B 175 -17.36 41.90 -17.05
CA LEU B 175 -16.57 43.12 -16.85
C LEU B 175 -16.25 43.78 -18.17
N GLU B 176 -15.98 42.99 -19.19
CA GLU B 176 -15.70 43.55 -20.50
C GLU B 176 -16.91 44.34 -20.96
N LYS B 177 -18.08 43.73 -20.84
CA LYS B 177 -19.33 44.36 -21.26
C LYS B 177 -19.58 45.66 -20.50
N ALA B 178 -19.16 45.69 -19.25
CA ALA B 178 -19.43 46.84 -18.39
C ALA B 178 -18.50 48.01 -18.68
N THR B 179 -17.45 47.76 -19.47
CA THR B 179 -16.43 48.79 -19.70
C THR B 179 -16.50 49.37 -21.11
N GLY B 180 -17.49 48.96 -21.87
CA GLY B 180 -17.72 49.57 -23.17
C GLY B 180 -18.93 50.49 -23.08
N ASN B 181 -19.33 51.02 -24.23
CA ASN B 181 -20.49 51.89 -24.34
C ASN B 181 -21.71 51.30 -23.64
N PRO B 182 -22.13 51.95 -22.54
CA PRO B 182 -23.28 51.49 -21.75
C PRO B 182 -24.59 51.51 -22.53
N LYS B 183 -24.68 52.42 -23.51
CA LYS B 183 -25.88 52.53 -24.31
C LYS B 183 -26.03 51.32 -25.23
N HIS B 184 -24.95 50.56 -25.36
CA HIS B 184 -24.87 49.45 -26.30
C HIS B 184 -25.40 48.15 -25.69
N PRO B 185 -26.18 47.38 -26.48
CA PRO B 185 -26.75 46.10 -26.05
C PRO B 185 -25.69 45.12 -25.54
N PHE B 186 -24.45 45.31 -25.96
CA PHE B 186 -23.34 44.45 -25.56
C PHE B 186 -23.16 44.53 -24.04
N SER B 187 -23.62 45.61 -23.43
CA SER B 187 -23.41 45.83 -22.00
C SER B 187 -24.42 45.13 -21.11
N LYS B 188 -25.40 44.44 -21.73
CA LYS B 188 -26.46 43.78 -20.99
C LYS B 188 -26.01 42.58 -20.16
N PHE B 189 -26.72 42.35 -19.07
CA PHE B 189 -26.54 41.18 -18.21
C PHE B 189 -27.49 40.10 -18.69
N GLY B 190 -26.95 39.07 -19.34
CA GLY B 190 -27.76 38.12 -20.07
C GLY B 190 -28.41 37.02 -19.26
N THR B 191 -27.76 36.60 -18.18
CA THR B 191 -28.25 35.48 -17.37
C THR B 191 -29.56 35.79 -16.65
N GLY B 192 -29.61 36.94 -16.02
CA GLY B 192 -30.73 37.29 -15.16
C GLY B 192 -30.57 36.63 -13.81
N ASN B 193 -31.38 37.06 -12.84
CA ASN B 193 -31.43 36.44 -11.52
C ASN B 193 -32.77 36.73 -10.86
N LYS B 194 -32.92 36.36 -9.59
CA LYS B 194 -34.19 36.52 -8.92
C LYS B 194 -34.57 38.00 -8.88
N TYR B 195 -33.56 38.85 -8.73
CA TYR B 195 -33.81 40.28 -8.64
C TYR B 195 -34.38 40.82 -9.93
N THR B 196 -33.71 40.57 -11.06
CA THR B 196 -34.09 41.17 -12.33
C THR B 196 -35.26 40.45 -13.00
N LEU B 197 -35.49 39.21 -12.61
CA LEU B 197 -36.58 38.42 -13.18
C LEU B 197 -37.87 38.46 -12.34
N GLU B 198 -37.73 38.41 -11.02
CA GLU B 198 -38.93 38.48 -10.18
C GLU B 198 -39.04 39.75 -9.35
N THR B 199 -38.04 40.02 -8.53
CA THR B 199 -38.14 41.00 -7.45
C THR B 199 -38.42 42.40 -7.98
N ARG B 200 -37.50 42.92 -8.78
CA ARG B 200 -37.63 44.25 -9.37
C ARG B 200 -38.88 44.39 -10.24
N PRO B 201 -39.16 43.41 -11.11
CA PRO B 201 -40.34 43.49 -11.98
C PRO B 201 -41.65 43.61 -11.18
N ASN B 202 -41.64 43.15 -9.94
CA ASN B 202 -42.81 43.28 -9.08
C ASN B 202 -42.92 44.70 -8.56
N GLN B 203 -41.77 45.27 -8.18
CA GLN B 203 -41.70 46.66 -7.76
C GLN B 203 -42.19 47.58 -8.87
N GLU B 204 -41.76 47.30 -10.08
CA GLU B 204 -42.05 48.15 -11.21
C GLU B 204 -43.34 47.70 -11.87
N GLY B 205 -44.09 46.86 -11.15
CA GLY B 205 -45.41 46.46 -11.54
C GLY B 205 -45.53 45.76 -12.89
N ILE B 206 -44.51 44.98 -13.25
CA ILE B 206 -44.53 44.26 -14.52
C ILE B 206 -45.15 42.87 -14.36
N ASP B 207 -46.00 42.51 -15.31
CA ASP B 207 -46.51 41.14 -15.39
C ASP B 207 -45.52 40.32 -16.21
N VAL B 208 -44.62 39.62 -15.52
CA VAL B 208 -43.57 38.89 -16.21
C VAL B 208 -44.13 37.86 -17.19
N ARG B 209 -45.26 37.24 -16.85
CA ARG B 209 -45.84 36.27 -17.74
C ARG B 209 -46.33 36.93 -19.04
N GLN B 210 -46.76 38.18 -18.94
CA GLN B 210 -47.17 38.91 -20.13
C GLN B 210 -45.93 39.23 -20.95
N GLU B 211 -44.87 39.64 -20.27
CA GLU B 211 -43.60 39.95 -20.94
C GLU B 211 -43.05 38.74 -21.67
N LEU B 212 -43.12 37.58 -21.02
CA LEU B 212 -42.75 36.31 -21.64
C LEU B 212 -43.59 36.06 -22.89
N LEU B 213 -44.90 36.15 -22.75
CA LEU B 213 -45.80 36.00 -23.89
C LEU B 213 -45.51 37.03 -24.97
N LYS B 214 -45.25 38.27 -24.53
CA LYS B 214 -45.01 39.37 -25.45
C LYS B 214 -43.79 39.03 -26.30
N PHE B 215 -42.70 38.70 -25.62
CA PHE B 215 -41.42 38.37 -26.25
C PHE B 215 -41.51 37.18 -27.20
N HIS B 216 -42.12 36.10 -26.74
CA HIS B 216 -42.27 34.90 -27.54
C HIS B 216 -42.99 35.22 -28.83
N SER B 217 -44.10 35.94 -28.70
CA SER B 217 -44.96 36.28 -29.82
C SER B 217 -44.24 37.18 -30.81
N ALA B 218 -43.41 38.07 -30.27
CA ALA B 218 -42.74 39.08 -31.08
C ALA B 218 -41.53 38.52 -31.82
N TYR B 219 -40.74 37.69 -31.14
CA TYR B 219 -39.44 37.31 -31.68
C TYR B 219 -39.32 35.85 -32.12
N TYR B 220 -40.10 34.97 -31.54
CA TYR B 220 -40.03 33.58 -31.96
C TYR B 220 -40.79 33.44 -33.28
N SER B 221 -40.31 34.14 -34.29
CA SER B 221 -40.95 34.15 -35.60
C SER B 221 -40.34 33.10 -36.51
N SER B 222 -41.12 32.57 -37.44
CA SER B 222 -40.61 31.47 -38.25
C SER B 222 -39.46 31.90 -39.17
N ASN B 223 -39.41 33.18 -39.50
CA ASN B 223 -38.39 33.65 -40.44
C ASN B 223 -37.01 33.67 -39.78
N LEU B 224 -37.00 33.55 -38.46
CA LEU B 224 -35.77 33.59 -37.69
C LEU B 224 -35.36 32.22 -37.14
N MET B 225 -35.88 31.15 -37.72
CA MET B 225 -35.66 29.81 -37.19
C MET B 225 -34.96 28.86 -38.12
N ALA B 226 -34.11 28.03 -37.53
CA ALA B 226 -33.48 26.92 -38.24
C ALA B 226 -33.72 25.63 -37.47
N VAL B 227 -34.04 24.58 -38.20
CA VAL B 227 -34.38 23.29 -37.61
C VAL B 227 -33.57 22.19 -38.27
N VAL B 228 -33.02 21.30 -37.44
CA VAL B 228 -32.34 20.13 -37.95
C VAL B 228 -32.93 18.87 -37.31
N VAL B 229 -33.29 17.92 -38.16
CA VAL B 229 -33.83 16.67 -37.68
C VAL B 229 -33.06 15.48 -38.26
N LEU B 230 -32.75 14.53 -37.39
CA LEU B 230 -31.96 13.38 -37.76
C LEU B 230 -32.66 12.10 -37.27
N GLY B 231 -32.95 11.19 -38.18
CA GLY B 231 -33.58 9.94 -37.82
C GLY B 231 -33.35 8.83 -38.83
N ARG B 232 -33.88 7.64 -38.55
CA ARG B 232 -33.73 6.51 -39.47
C ARG B 232 -34.64 6.63 -40.68
N GLU B 233 -35.72 7.41 -40.56
CA GLU B 233 -36.68 7.58 -41.66
C GLU B 233 -36.02 8.11 -42.93
N SER B 234 -36.64 7.83 -44.08
CA SER B 234 -36.12 8.33 -45.34
C SER B 234 -36.17 9.86 -45.39
N LEU B 235 -35.45 10.47 -46.33
CA LEU B 235 -35.50 11.93 -46.46
C LEU B 235 -36.91 12.39 -46.80
N ASP B 236 -37.64 11.62 -47.59
CA ASP B 236 -39.03 11.93 -47.92
C ASP B 236 -39.89 11.90 -46.66
N ASP B 237 -39.79 10.82 -45.89
CA ASP B 237 -40.58 10.69 -44.67
C ASP B 237 -40.24 11.81 -43.67
N LEU B 238 -38.96 12.12 -43.51
CA LEU B 238 -38.55 13.22 -42.63
C LEU B 238 -39.09 14.58 -43.10
N THR B 239 -39.22 14.75 -44.42
CA THR B 239 -39.75 15.99 -44.97
C THR B 239 -41.22 16.21 -44.61
N ASN B 240 -42.02 15.16 -44.80
CA ASN B 240 -43.44 15.23 -44.44
C ASN B 240 -43.57 15.56 -42.96
N LEU B 241 -42.77 14.89 -42.15
CA LEU B 241 -42.81 15.07 -40.71
C LEU B 241 -42.52 16.51 -40.31
N VAL B 242 -41.43 17.06 -40.84
CA VAL B 242 -41.03 18.42 -40.46
C VAL B 242 -42.05 19.42 -40.96
N VAL B 243 -42.44 19.30 -42.22
CA VAL B 243 -43.47 20.18 -42.79
C VAL B 243 -44.78 20.08 -42.00
N LYS B 244 -45.19 18.86 -41.68
CA LYS B 244 -46.38 18.61 -40.90
C LYS B 244 -46.40 19.39 -39.59
N LEU B 245 -45.30 19.33 -38.83
CA LEU B 245 -45.31 19.89 -37.47
C LEU B 245 -44.90 21.35 -37.41
N PHE B 246 -44.11 21.83 -38.37
CA PHE B 246 -43.49 23.14 -38.22
C PHE B 246 -44.01 24.22 -39.17
N SER B 247 -44.71 23.83 -40.22
CA SER B 247 -45.26 24.81 -41.17
C SER B 247 -46.34 25.65 -40.48
N GLU B 248 -46.81 25.17 -39.33
CA GLU B 248 -47.80 25.87 -38.53
C GLU B 248 -47.23 27.09 -37.78
N VAL B 249 -45.91 27.18 -37.68
CA VAL B 249 -45.27 28.29 -36.98
C VAL B 249 -45.49 29.61 -37.72
N GLU B 250 -45.92 30.63 -36.99
CA GLU B 250 -46.34 31.88 -37.61
C GLU B 250 -45.17 32.82 -37.95
N ASN B 251 -45.27 33.50 -39.09
CA ASN B 251 -44.19 34.39 -39.55
C ASN B 251 -44.50 35.86 -39.28
N LYS B 252 -43.88 36.41 -38.24
CA LYS B 252 -44.04 37.82 -37.87
C LYS B 252 -43.07 38.70 -38.66
N ASN B 253 -42.34 38.10 -39.60
CA ASN B 253 -41.34 38.77 -40.43
C ASN B 253 -40.46 39.73 -39.66
N VAL B 254 -39.86 39.24 -38.58
CA VAL B 254 -38.99 40.07 -37.78
C VAL B 254 -37.67 40.28 -38.49
N PRO B 255 -37.25 41.54 -38.62
CA PRO B 255 -35.91 41.85 -39.12
C PRO B 255 -34.86 41.33 -38.15
N LEU B 256 -33.80 40.76 -38.70
CA LEU B 256 -32.70 40.23 -37.90
C LEU B 256 -31.91 41.35 -37.23
N PRO B 257 -31.83 41.32 -35.90
CA PRO B 257 -31.10 42.38 -35.18
C PRO B 257 -29.66 42.48 -35.67
N GLU B 258 -29.16 43.70 -35.80
CA GLU B 258 -27.75 43.92 -36.10
C GLU B 258 -27.20 45.04 -35.24
N PHE B 259 -25.89 45.05 -35.06
CA PHE B 259 -25.25 45.94 -34.11
C PHE B 259 -24.03 46.61 -34.74
N PRO B 260 -24.28 47.49 -35.73
CA PRO B 260 -23.24 48.05 -36.59
C PRO B 260 -22.17 48.86 -35.85
N GLU B 261 -22.58 49.59 -34.81
CA GLU B 261 -21.62 50.42 -34.11
C GLU B 261 -20.93 49.63 -33.00
N HIS B 262 -19.60 49.65 -33.00
CA HIS B 262 -18.83 48.86 -32.04
C HIS B 262 -19.01 49.34 -30.59
N PRO B 263 -19.13 48.39 -29.66
CA PRO B 263 -19.30 48.69 -28.24
C PRO B 263 -18.10 49.45 -27.69
N PHE B 264 -16.96 49.33 -28.37
CA PHE B 264 -15.78 50.03 -27.94
C PHE B 264 -15.49 51.16 -28.90
N GLN B 265 -15.78 52.38 -28.45
CA GLN B 265 -15.51 53.58 -29.23
C GLN B 265 -14.18 54.19 -28.80
N GLU B 266 -13.94 55.42 -29.23
CA GLU B 266 -12.64 56.02 -28.98
C GLU B 266 -12.30 56.14 -27.50
N GLU B 267 -13.27 56.58 -26.68
CA GLU B 267 -12.99 56.76 -25.25
C GLU B 267 -12.64 55.45 -24.58
N HIS B 268 -12.92 54.34 -25.26
CA HIS B 268 -12.69 53.02 -24.69
C HIS B 268 -11.39 52.38 -25.20
N LEU B 269 -10.64 53.12 -26.01
CA LEU B 269 -9.38 52.58 -26.52
C LEU B 269 -8.19 53.22 -25.81
N LYS B 270 -7.02 52.58 -25.92
CA LYS B 270 -5.82 52.99 -25.20
C LYS B 270 -6.10 53.02 -23.69
N GLN B 271 -6.91 52.08 -23.25
CA GLN B 271 -7.29 52.00 -21.85
C GLN B 271 -6.68 50.79 -21.18
N LEU B 272 -6.33 50.95 -19.92
CA LEU B 272 -5.75 49.85 -19.13
C LEU B 272 -6.65 49.51 -17.94
N TYR B 273 -6.83 48.22 -17.67
CA TYR B 273 -7.66 47.80 -16.56
C TYR B 273 -6.88 46.90 -15.60
N LYS B 274 -6.97 47.19 -14.31
CA LYS B 274 -6.33 46.35 -13.31
C LYS B 274 -7.42 45.66 -12.52
N ILE B 275 -7.39 44.34 -12.49
CA ILE B 275 -8.52 43.55 -12.00
C ILE B 275 -8.09 42.57 -10.92
N VAL B 276 -8.90 42.46 -9.88
CA VAL B 276 -8.64 41.51 -8.81
C VAL B 276 -9.40 40.21 -9.05
N PRO B 277 -8.67 39.10 -9.13
CA PRO B 277 -9.27 37.79 -9.36
C PRO B 277 -9.68 37.12 -8.05
N ILE B 278 -10.52 36.09 -8.14
CA ILE B 278 -10.85 35.29 -6.97
C ILE B 278 -9.74 34.27 -6.75
N LYS B 279 -9.54 33.42 -7.75
CA LYS B 279 -8.38 32.54 -7.75
C LYS B 279 -7.11 33.37 -7.84
N ASP B 280 -5.99 32.83 -7.34
CA ASP B 280 -4.71 33.48 -7.48
C ASP B 280 -4.10 33.18 -8.84
N ILE B 281 -4.40 34.05 -9.81
CA ILE B 281 -3.97 33.86 -11.18
C ILE B 281 -3.33 35.13 -11.73
N ARG B 282 -2.51 34.99 -12.76
CA ARG B 282 -1.88 36.15 -13.40
C ARG B 282 -2.14 36.16 -14.89
N ASN B 283 -3.08 36.98 -15.34
CA ASN B 283 -3.38 36.98 -16.75
C ASN B 283 -3.32 38.37 -17.38
N LEU B 284 -3.00 38.40 -18.66
CA LEU B 284 -2.95 39.61 -19.45
C LEU B 284 -3.81 39.46 -20.70
N TYR B 285 -4.77 40.36 -20.85
CA TYR B 285 -5.67 40.32 -22.00
C TYR B 285 -5.43 41.56 -22.87
N VAL B 286 -5.08 41.33 -24.14
CA VAL B 286 -4.97 42.41 -25.10
C VAL B 286 -6.07 42.28 -26.16
N THR B 287 -6.78 43.37 -26.43
CA THR B 287 -7.96 43.32 -27.30
C THR B 287 -8.00 44.43 -28.35
N PHE B 288 -8.26 44.04 -29.60
CA PHE B 288 -8.47 45.01 -30.68
C PHE B 288 -9.87 44.91 -31.27
N PRO B 289 -10.66 45.99 -31.18
CA PRO B 289 -11.92 46.01 -31.93
C PRO B 289 -11.70 45.89 -33.42
N ILE B 290 -12.49 45.07 -34.09
CA ILE B 290 -12.40 44.90 -35.52
C ILE B 290 -13.80 44.78 -36.11
N PRO B 291 -13.92 44.92 -37.43
CA PRO B 291 -15.18 44.78 -38.14
C PRO B 291 -15.70 43.34 -38.13
N ASP B 292 -17.00 43.16 -38.33
CA ASP B 292 -17.59 41.84 -38.45
C ASP B 292 -17.01 41.10 -39.66
N LEU B 293 -16.22 40.06 -39.39
CA LEU B 293 -15.55 39.30 -40.44
C LEU B 293 -16.34 38.07 -40.89
N GLN B 294 -17.62 37.96 -40.51
CA GLN B 294 -18.39 36.74 -40.81
C GLN B 294 -18.56 36.53 -42.30
N LYS B 295 -18.95 37.58 -43.03
CA LYS B 295 -18.83 37.54 -44.49
C LYS B 295 -17.33 37.37 -44.67
N TYR B 296 -16.86 36.94 -45.83
CA TYR B 296 -15.42 36.67 -45.99
C TYR B 296 -15.10 35.35 -45.33
N TYR B 297 -16.11 34.52 -45.10
CA TYR B 297 -15.85 33.28 -44.40
C TYR B 297 -15.04 32.34 -45.32
N LYS B 298 -15.13 32.56 -46.62
CA LYS B 298 -14.45 31.71 -47.60
C LYS B 298 -12.94 31.98 -47.68
N SER B 299 -12.51 33.15 -47.19
CA SER B 299 -11.08 33.47 -47.16
C SER B 299 -10.59 33.44 -45.72
N ASN B 300 -11.45 33.90 -44.83
CA ASN B 300 -11.22 33.83 -43.40
C ASN B 300 -9.93 34.50 -42.94
N PRO B 301 -9.84 35.82 -43.17
CA PRO B 301 -8.66 36.60 -42.83
C PRO B 301 -8.30 36.50 -41.35
N GLY B 302 -9.31 36.51 -40.49
CA GLY B 302 -9.09 36.41 -39.05
C GLY B 302 -8.34 35.16 -38.59
N HIS B 303 -8.64 34.01 -39.17
CA HIS B 303 -8.01 32.75 -38.80
C HIS B 303 -6.53 32.71 -39.23
N TYR B 304 -6.24 33.22 -40.42
CA TYR B 304 -4.88 33.31 -40.92
C TYR B 304 -4.01 34.00 -39.86
N LEU B 305 -4.46 35.17 -39.42
CA LEU B 305 -3.70 35.96 -38.46
C LEU B 305 -3.63 35.27 -37.09
N GLY B 306 -4.74 34.67 -36.67
CA GLY B 306 -4.76 33.90 -35.44
C GLY B 306 -3.80 32.72 -35.49
N HIS B 307 -3.72 32.07 -36.65
CA HIS B 307 -2.80 30.97 -36.84
C HIS B 307 -1.35 31.38 -36.64
N LEU B 308 -0.98 32.55 -37.15
CA LEU B 308 0.39 33.01 -37.03
C LEU B 308 0.67 33.58 -35.65
N ILE B 309 -0.14 34.55 -35.24
CA ILE B 309 0.06 35.22 -33.95
C ILE B 309 -0.03 34.24 -32.79
N GLY B 310 -0.86 33.21 -32.92
CA GLY B 310 -1.00 32.23 -31.87
C GLY B 310 -0.12 31.00 -32.00
N HIS B 311 0.79 31.02 -32.96
CA HIS B 311 1.66 29.87 -33.19
C HIS B 311 2.54 29.61 -31.95
N GLU B 312 2.92 28.36 -31.75
CA GLU B 312 3.69 28.00 -30.56
C GLU B 312 4.98 27.26 -30.95
N GLY B 313 5.23 27.18 -32.25
CA GLY B 313 6.44 26.54 -32.73
C GLY B 313 7.59 27.52 -32.76
N PRO B 314 8.75 27.05 -33.23
CA PRO B 314 9.97 27.84 -33.39
C PRO B 314 9.73 29.18 -34.08
N GLY B 315 10.26 30.25 -33.51
CA GLY B 315 10.21 31.56 -34.11
C GLY B 315 9.00 32.34 -33.72
N SER B 316 8.10 31.69 -32.98
CA SER B 316 6.82 32.29 -32.63
C SER B 316 6.94 33.30 -31.49
N LEU B 317 5.93 34.14 -31.38
CA LEU B 317 5.80 35.10 -30.29
C LEU B 317 5.82 34.41 -28.93
N LEU B 318 5.07 33.31 -28.79
CA LEU B 318 5.00 32.60 -27.52
C LEU B 318 6.36 32.10 -27.12
N SER B 319 7.09 31.57 -28.10
CA SER B 319 8.42 31.02 -27.87
C SER B 319 9.32 32.03 -27.18
N GLU B 320 9.35 33.26 -27.69
CA GLU B 320 10.24 34.27 -27.12
C GLU B 320 9.79 34.71 -25.73
N LEU B 321 8.49 34.93 -25.57
CA LEU B 321 7.94 35.32 -24.28
C LEU B 321 8.18 34.23 -23.25
N LYS B 322 8.21 32.99 -23.71
CA LYS B 322 8.41 31.87 -22.80
C LYS B 322 9.89 31.78 -22.39
N SER B 323 10.80 32.03 -23.33
CA SER B 323 12.24 32.01 -23.07
C SER B 323 12.70 33.18 -22.20
N LYS B 324 12.04 34.32 -22.36
CA LYS B 324 12.29 35.50 -21.54
C LYS B 324 11.81 35.26 -20.11
N GLY B 325 11.13 34.13 -19.92
CA GLY B 325 10.59 33.74 -18.62
C GLY B 325 9.37 34.56 -18.20
N TRP B 326 8.66 35.10 -19.17
CA TRP B 326 7.55 36.03 -18.89
C TRP B 326 6.14 35.41 -18.94
N VAL B 327 5.93 34.46 -19.86
CA VAL B 327 4.64 33.81 -19.99
C VAL B 327 4.81 32.32 -20.20
N ASN B 328 3.75 31.55 -19.93
CA ASN B 328 3.75 30.10 -20.13
C ASN B 328 2.90 29.63 -21.31
N THR B 329 1.81 30.37 -21.57
CA THR B 329 0.88 30.02 -22.62
C THR B 329 0.32 31.25 -23.32
N LEU B 330 -0.19 31.08 -24.53
CA LEU B 330 -0.76 32.20 -25.28
C LEU B 330 -1.95 31.79 -26.15
N VAL B 331 -2.94 32.67 -26.23
CA VAL B 331 -4.05 32.49 -27.15
C VAL B 331 -4.17 33.71 -28.05
N GLY B 332 -4.37 33.49 -29.35
CA GLY B 332 -4.54 34.61 -30.27
C GLY B 332 -5.51 34.31 -31.41
N GLY B 333 -6.17 35.35 -31.90
CA GLY B 333 -7.06 35.16 -33.03
C GLY B 333 -8.35 35.94 -32.87
N GLN B 334 -9.29 35.70 -33.78
CA GLN B 334 -10.53 36.46 -33.79
C GLN B 334 -11.50 35.91 -32.75
N LYS B 335 -12.27 36.81 -32.15
CA LYS B 335 -13.20 36.47 -31.09
C LYS B 335 -14.55 37.05 -31.43
N GLU B 336 -15.56 36.18 -31.51
CA GLU B 336 -16.88 36.59 -31.99
C GLU B 336 -17.43 37.64 -31.05
N GLY B 337 -18.23 38.55 -31.61
CA GLY B 337 -18.88 39.57 -30.82
C GLY B 337 -20.39 39.46 -31.01
N ALA B 338 -20.88 40.10 -32.05
CA ALA B 338 -22.26 39.94 -32.50
C ALA B 338 -22.30 40.33 -33.97
N ARG B 339 -23.47 40.28 -34.61
CA ARG B 339 -23.57 40.78 -35.98
C ARG B 339 -23.18 42.24 -36.01
N GLY B 340 -22.13 42.54 -36.77
CA GLY B 340 -21.65 43.91 -36.87
C GLY B 340 -20.40 44.30 -36.10
N PHE B 341 -19.92 43.46 -35.20
CA PHE B 341 -18.65 43.75 -34.52
C PHE B 341 -17.96 42.49 -34.01
N MET B 342 -16.62 42.54 -34.00
CA MET B 342 -15.79 41.41 -33.54
C MET B 342 -14.57 41.91 -32.78
N PHE B 343 -13.77 40.98 -32.29
CA PHE B 343 -12.56 41.32 -31.58
C PHE B 343 -11.37 40.50 -32.06
N PHE B 344 -10.18 41.09 -31.98
CA PHE B 344 -8.98 40.31 -32.11
C PHE B 344 -8.29 40.35 -30.77
N ILE B 345 -7.96 39.18 -30.23
CA ILE B 345 -7.37 39.15 -28.89
C ILE B 345 -6.03 38.45 -28.89
N ILE B 346 -5.20 38.83 -27.92
CA ILE B 346 -3.98 38.12 -27.61
C ILE B 346 -3.91 38.04 -26.10
N ASN B 347 -4.11 36.85 -25.55
CA ASN B 347 -4.13 36.67 -24.11
C ASN B 347 -3.00 35.75 -23.67
N VAL B 348 -2.27 36.14 -22.63
CA VAL B 348 -1.22 35.29 -22.07
C VAL B 348 -1.41 35.17 -20.56
N ASP B 349 -0.94 34.06 -20.00
CA ASP B 349 -0.82 33.99 -18.54
C ASP B 349 0.52 34.63 -18.18
N LEU B 350 0.68 35.03 -16.91
CA LEU B 350 1.88 35.74 -16.51
C LEU B 350 2.66 35.03 -15.42
N THR B 351 3.97 34.98 -15.61
CA THR B 351 4.88 34.56 -14.54
C THR B 351 5.01 35.71 -13.56
N GLU B 352 5.63 35.45 -12.41
CA GLU B 352 5.89 36.52 -11.45
C GLU B 352 6.68 37.64 -12.11
N GLU B 353 7.68 37.26 -12.91
CA GLU B 353 8.48 38.24 -13.64
C GLU B 353 7.65 38.94 -14.71
N GLY B 354 6.92 38.16 -15.48
CA GLY B 354 6.09 38.67 -16.57
C GLY B 354 5.18 39.79 -16.10
N LEU B 355 4.72 39.69 -14.86
CA LEU B 355 3.81 40.67 -14.29
C LEU B 355 4.47 42.06 -14.20
N LEU B 356 5.80 42.04 -14.12
CA LEU B 356 6.59 43.28 -13.99
C LEU B 356 7.11 43.76 -15.32
N HIS B 357 6.71 43.07 -16.40
CA HIS B 357 7.21 43.40 -17.72
C HIS B 357 6.08 43.45 -18.74
N VAL B 358 4.88 43.75 -18.25
CA VAL B 358 3.70 43.81 -19.11
C VAL B 358 3.93 44.75 -20.28
N GLU B 359 4.67 45.82 -20.03
CA GLU B 359 4.95 46.78 -21.07
C GLU B 359 5.81 46.15 -22.17
N ASP B 360 6.83 45.40 -21.75
CA ASP B 360 7.73 44.79 -22.71
C ASP B 360 7.04 43.63 -23.43
N ILE B 361 6.18 42.92 -22.70
CA ILE B 361 5.43 41.83 -23.32
C ILE B 361 4.59 42.37 -24.47
N ILE B 362 3.84 43.42 -24.22
CA ILE B 362 3.00 43.99 -25.26
C ILE B 362 3.86 44.53 -26.40
N LEU B 363 5.06 45.02 -26.09
CA LEU B 363 5.98 45.47 -27.13
C LEU B 363 6.34 44.35 -28.09
N HIS B 364 6.78 43.23 -27.51
CA HIS B 364 7.10 42.03 -28.29
C HIS B 364 5.92 41.63 -29.17
N MET B 365 4.71 41.81 -28.65
CA MET B 365 3.51 41.52 -29.43
C MET B 365 3.45 42.37 -30.68
N PHE B 366 3.70 43.67 -30.56
CA PHE B 366 3.63 44.54 -31.72
C PHE B 366 4.83 44.33 -32.62
N GLN B 367 5.95 43.90 -32.06
CA GLN B 367 7.09 43.52 -32.89
C GLN B 367 6.75 42.34 -33.80
N TYR B 368 6.07 41.34 -33.24
CA TYR B 368 5.71 40.18 -34.04
C TYR B 368 4.70 40.62 -35.09
N ILE B 369 3.74 41.44 -34.68
CA ILE B 369 2.75 41.98 -35.61
C ILE B 369 3.45 42.74 -36.74
N GLN B 370 4.46 43.52 -36.38
CA GLN B 370 5.20 44.32 -37.34
C GLN B 370 5.95 43.43 -38.33
N LYS B 371 6.47 42.29 -37.86
CA LYS B 371 7.13 41.33 -38.74
C LYS B 371 6.15 40.83 -39.80
N LEU B 372 4.92 40.58 -39.39
CA LEU B 372 3.89 40.12 -40.30
C LEU B 372 3.63 41.16 -41.39
N ARG B 373 3.58 42.43 -41.01
CA ARG B 373 3.40 43.49 -41.99
C ARG B 373 4.59 43.50 -42.94
N ALA B 374 5.79 43.31 -42.37
CA ALA B 374 7.03 43.28 -43.14
C ALA B 374 7.05 42.17 -44.19
N GLU B 375 6.60 40.97 -43.81
CA GLU B 375 6.62 39.84 -44.72
C GLU B 375 5.47 39.90 -45.71
N GLY B 376 4.34 40.48 -45.28
CA GLY B 376 3.14 40.51 -46.10
C GLY B 376 2.52 39.13 -46.20
N PRO B 377 1.28 39.06 -46.73
CA PRO B 377 0.51 37.81 -46.82
C PRO B 377 1.25 36.66 -47.54
N GLN B 378 1.09 35.45 -47.02
CA GLN B 378 1.77 34.28 -47.54
C GLN B 378 0.79 33.25 -48.12
N GLU B 379 0.75 33.09 -49.44
CA GLU B 379 -0.19 32.13 -50.00
C GLU B 379 0.14 30.69 -49.55
N TRP B 380 1.41 30.40 -49.35
CA TRP B 380 1.78 29.05 -48.95
C TRP B 380 1.20 28.72 -47.56
N VAL B 381 1.12 29.74 -46.71
CA VAL B 381 0.49 29.61 -45.40
C VAL B 381 -1.01 29.35 -45.56
N PHE B 382 -1.65 30.18 -46.39
CA PHE B 382 -3.05 30.01 -46.72
C PHE B 382 -3.28 28.63 -47.34
N GLN B 383 -2.40 28.28 -48.27
CA GLN B 383 -2.55 27.01 -48.94
C GLN B 383 -2.38 25.86 -47.93
N GLU B 384 -1.55 26.07 -46.91
CA GLU B 384 -1.34 25.04 -45.90
C GLU B 384 -2.58 24.88 -45.03
N LEU B 385 -3.12 25.99 -44.54
CA LEU B 385 -4.35 25.94 -43.73
C LEU B 385 -5.50 25.29 -44.51
N LYS B 386 -5.62 25.65 -45.78
CA LYS B 386 -6.62 25.05 -46.65
C LYS B 386 -6.47 23.52 -46.71
N ASP B 387 -5.27 23.05 -47.04
CA ASP B 387 -5.04 21.62 -47.19
C ASP B 387 -5.36 20.87 -45.90
N LEU B 388 -5.04 21.49 -44.77
CA LEU B 388 -5.34 20.86 -43.49
C LEU B 388 -6.84 20.75 -43.25
N ASN B 389 -7.55 21.87 -43.35
CA ASN B 389 -8.99 21.87 -43.17
C ASN B 389 -9.68 20.89 -44.11
N ALA B 390 -9.17 20.76 -45.33
CA ALA B 390 -9.74 19.82 -46.28
C ALA B 390 -9.61 18.39 -45.75
N VAL B 391 -8.41 18.02 -45.30
CA VAL B 391 -8.20 16.69 -44.77
C VAL B 391 -9.04 16.48 -43.51
N ALA B 392 -9.11 17.52 -42.67
CA ALA B 392 -9.93 17.48 -41.47
C ALA B 392 -11.37 17.13 -41.81
N PHE B 393 -11.93 17.80 -42.81
CA PHE B 393 -13.33 17.58 -43.18
C PHE B 393 -13.56 16.21 -43.82
N ARG B 394 -12.66 15.79 -44.70
CA ARG B 394 -12.80 14.52 -45.39
C ARG B 394 -12.87 13.36 -44.41
N PHE B 395 -12.04 13.38 -43.39
CA PHE B 395 -11.98 12.28 -42.44
C PHE B 395 -12.57 12.66 -41.10
N LYS B 396 -13.53 13.58 -41.11
CA LYS B 396 -14.18 13.99 -39.89
C LYS B 396 -14.88 12.80 -39.23
N ASP B 397 -14.68 12.66 -37.92
CA ASP B 397 -15.38 11.63 -37.15
C ASP B 397 -16.88 11.82 -37.26
N LYS B 398 -17.65 10.73 -37.22
CA LYS B 398 -19.10 10.83 -37.18
C LYS B 398 -19.56 11.38 -35.83
N GLU B 399 -20.36 12.44 -35.87
CA GLU B 399 -20.79 13.12 -34.66
C GLU B 399 -21.94 12.38 -33.95
N ARG B 400 -22.05 12.58 -32.64
CA ARG B 400 -23.25 12.15 -31.92
C ARG B 400 -24.39 13.04 -32.39
N PRO B 401 -25.55 12.45 -32.68
CA PRO B 401 -26.70 13.14 -33.26
C PRO B 401 -27.10 14.41 -32.49
N ARG B 402 -27.21 14.32 -31.16
CA ARG B 402 -27.64 15.45 -30.35
C ARG B 402 -26.81 16.71 -30.56
N GLY B 403 -25.49 16.57 -30.55
CA GLY B 403 -24.61 17.70 -30.72
C GLY B 403 -24.60 18.18 -32.15
N TYR B 404 -24.69 17.23 -33.06
CA TYR B 404 -24.63 17.50 -34.47
C TYR B 404 -25.80 18.37 -34.90
N THR B 405 -27.00 18.01 -34.47
CA THR B 405 -28.20 18.75 -34.85
C THR B 405 -28.19 20.14 -34.24
N SER B 406 -27.64 20.26 -33.03
CA SER B 406 -27.55 21.56 -32.39
C SER B 406 -26.57 22.46 -33.13
N LYS B 407 -25.42 21.91 -33.51
CA LYS B 407 -24.38 22.71 -34.17
C LYS B 407 -24.88 23.25 -35.52
N ILE B 408 -25.48 22.37 -36.32
CA ILE B 408 -25.90 22.75 -37.66
C ILE B 408 -27.06 23.74 -37.65
N ALA B 409 -27.98 23.54 -36.71
CA ALA B 409 -29.11 24.44 -36.56
C ALA B 409 -28.64 25.88 -36.30
N GLY B 410 -27.50 26.00 -35.63
CA GLY B 410 -26.92 27.30 -35.36
C GLY B 410 -26.39 27.98 -36.61
N ILE B 411 -25.74 27.21 -37.48
CA ILE B 411 -25.08 27.79 -38.64
C ILE B 411 -25.93 27.80 -39.90
N LEU B 412 -27.13 27.21 -39.83
CA LEU B 412 -28.05 27.29 -40.97
C LEU B 412 -28.40 28.75 -41.23
N HIS B 413 -28.29 29.57 -40.19
CA HIS B 413 -28.57 30.99 -40.27
C HIS B 413 -27.54 31.77 -41.07
N TYR B 414 -26.34 31.19 -41.19
CA TYR B 414 -25.20 31.91 -41.76
C TYR B 414 -24.75 31.42 -43.15
N TYR B 415 -25.21 30.25 -43.58
CA TYR B 415 -24.71 29.71 -44.83
C TYR B 415 -25.81 29.15 -45.73
N PRO B 416 -25.56 29.14 -47.05
CA PRO B 416 -26.47 28.48 -47.99
C PRO B 416 -26.69 27.02 -47.60
N LEU B 417 -27.90 26.49 -47.84
CA LEU B 417 -28.22 25.13 -47.45
C LEU B 417 -27.14 24.14 -47.89
N GLU B 418 -26.66 24.30 -49.11
CA GLU B 418 -25.75 23.33 -49.71
C GLU B 418 -24.35 23.42 -49.10
N GLU B 419 -24.10 24.47 -48.33
CA GLU B 419 -22.78 24.70 -47.77
C GLU B 419 -22.68 24.51 -46.26
N VAL B 420 -23.79 24.27 -45.56
CA VAL B 420 -23.77 24.23 -44.08
C VAL B 420 -22.75 23.27 -43.53
N LEU B 421 -22.61 22.11 -44.16
CA LEU B 421 -21.66 21.13 -43.69
C LEU B 421 -20.21 21.58 -43.94
N THR B 422 -19.93 22.10 -45.13
CA THR B 422 -18.56 22.43 -45.51
C THR B 422 -18.13 23.85 -45.14
N ALA B 423 -19.10 24.73 -44.96
CA ALA B 423 -18.81 26.16 -44.82
C ALA B 423 -17.75 26.46 -43.79
N GLU B 424 -17.85 25.84 -42.62
CA GLU B 424 -16.94 26.17 -41.54
C GLU B 424 -15.65 25.36 -41.62
N TYR B 425 -15.49 24.60 -42.69
CA TYR B 425 -14.28 23.80 -42.85
C TYR B 425 -13.45 24.25 -44.03
N LEU B 426 -14.09 24.59 -45.15
CA LEU B 426 -13.32 24.73 -46.38
C LEU B 426 -13.02 26.19 -46.68
N LEU B 427 -11.76 26.44 -47.03
CA LEU B 427 -11.30 27.72 -47.55
C LEU B 427 -11.29 27.68 -49.07
N GLU B 428 -11.72 28.76 -49.69
CA GLU B 428 -11.87 28.77 -51.14
C GLU B 428 -11.00 29.82 -51.78
N GLU B 429 -10.97 30.99 -51.15
CA GLU B 429 -10.35 32.13 -51.79
C GLU B 429 -9.31 32.83 -50.92
N PHE B 430 -8.15 33.06 -51.53
CA PHE B 430 -7.03 33.76 -50.89
C PHE B 430 -7.18 35.29 -51.01
N ARG B 431 -7.21 35.98 -49.88
CA ARG B 431 -7.49 37.41 -49.88
C ARG B 431 -6.47 38.23 -49.12
N PRO B 432 -5.33 38.51 -49.74
CA PRO B 432 -4.31 39.33 -49.09
C PRO B 432 -4.83 40.70 -48.67
N ASP B 433 -5.81 41.24 -49.41
CA ASP B 433 -6.38 42.54 -49.08
C ASP B 433 -7.03 42.53 -47.71
N LEU B 434 -7.76 41.45 -47.43
CA LEU B 434 -8.48 41.32 -46.18
C LEU B 434 -7.51 41.08 -45.05
N ILE B 435 -6.46 40.33 -45.34
CA ILE B 435 -5.42 40.06 -44.35
C ILE B 435 -4.73 41.35 -43.94
N GLU B 436 -4.39 42.18 -44.93
CA GLU B 436 -3.77 43.46 -44.66
C GLU B 436 -4.74 44.36 -43.90
N MET B 437 -6.02 44.25 -44.24
CA MET B 437 -7.05 45.08 -43.63
C MET B 437 -7.24 44.79 -42.14
N VAL B 438 -7.32 43.51 -41.77
CA VAL B 438 -7.45 43.14 -40.38
C VAL B 438 -6.17 43.51 -39.63
N LEU B 439 -5.04 43.26 -40.28
CA LEU B 439 -3.73 43.50 -39.70
C LEU B 439 -3.54 44.99 -39.39
N ASP B 440 -4.21 45.86 -40.15
CA ASP B 440 -4.11 47.30 -39.98
C ASP B 440 -4.82 47.79 -38.70
N LYS B 441 -5.73 46.97 -38.17
CA LYS B 441 -6.46 47.31 -36.96
C LYS B 441 -5.67 46.95 -35.71
N LEU B 442 -4.70 46.07 -35.86
CA LEU B 442 -3.87 45.65 -34.75
C LEU B 442 -2.77 46.68 -34.50
N ARG B 443 -3.15 47.81 -33.92
CA ARG B 443 -2.21 48.88 -33.63
C ARG B 443 -2.45 49.45 -32.22
N PRO B 444 -1.42 50.04 -31.61
CA PRO B 444 -1.55 50.59 -30.25
C PRO B 444 -2.68 51.62 -30.09
N GLU B 445 -2.97 52.38 -31.14
CA GLU B 445 -4.01 53.39 -31.04
C GLU B 445 -5.39 52.77 -30.96
N ASN B 446 -5.46 51.47 -31.22
CA ASN B 446 -6.73 50.74 -31.17
C ASN B 446 -6.75 49.64 -30.10
N VAL B 447 -5.83 49.71 -29.14
CA VAL B 447 -5.63 48.59 -28.23
C VAL B 447 -6.27 48.76 -26.86
N ARG B 448 -6.68 47.65 -26.27
CA ARG B 448 -7.14 47.62 -24.88
C ARG B 448 -6.36 46.58 -24.08
N VAL B 449 -5.91 46.96 -22.89
CA VAL B 449 -5.11 46.08 -22.06
C VAL B 449 -5.77 45.85 -20.70
N ALA B 450 -5.80 44.58 -20.27
CA ALA B 450 -6.34 44.23 -18.96
C ALA B 450 -5.38 43.29 -18.23
N ILE B 451 -5.09 43.61 -16.97
CA ILE B 451 -4.21 42.81 -16.15
C ILE B 451 -4.97 42.26 -14.96
N VAL B 452 -4.87 40.95 -14.76
CA VAL B 452 -5.54 40.32 -13.63
C VAL B 452 -4.49 39.78 -12.66
N SER B 453 -4.49 40.30 -11.45
CA SER B 453 -3.52 39.87 -10.44
C SER B 453 -4.02 40.22 -9.05
N LYS B 454 -3.70 39.36 -8.07
CA LYS B 454 -4.03 39.62 -6.69
C LYS B 454 -3.30 40.86 -6.18
N SER B 455 -2.22 41.23 -6.86
CA SER B 455 -1.41 42.37 -6.48
C SER B 455 -2.18 43.71 -6.51
N PHE B 456 -3.33 43.71 -7.17
CA PHE B 456 -4.14 44.92 -7.27
C PHE B 456 -5.13 44.99 -6.11
N GLU B 457 -5.05 44.00 -5.22
CA GLU B 457 -5.96 43.92 -4.07
C GLU B 457 -5.78 45.16 -3.21
N GLY B 458 -6.87 45.87 -2.97
CA GLY B 458 -6.83 47.06 -2.14
C GLY B 458 -6.46 48.33 -2.88
N LYS B 459 -6.08 48.20 -4.15
CA LYS B 459 -5.65 49.35 -4.94
C LYS B 459 -6.65 49.74 -6.03
N THR B 460 -7.86 49.18 -5.96
CA THR B 460 -8.88 49.44 -6.98
C THR B 460 -9.91 50.47 -6.51
N ASP B 461 -10.52 51.20 -7.44
CA ASP B 461 -11.50 52.23 -7.09
C ASP B 461 -12.86 52.03 -7.75
N ARG B 462 -13.09 50.88 -8.36
CA ARG B 462 -14.36 50.63 -9.06
C ARG B 462 -14.89 49.24 -8.78
N THR B 463 -16.19 49.09 -8.92
CA THR B 463 -16.89 47.83 -8.71
C THR B 463 -17.87 47.56 -9.84
N GLU B 464 -17.77 46.37 -10.44
CA GLU B 464 -18.74 45.97 -11.46
C GLU B 464 -20.03 45.53 -10.77
N GLU B 465 -21.17 46.04 -11.23
CA GLU B 465 -22.41 45.91 -10.46
C GLU B 465 -23.00 44.50 -10.39
N TRP B 466 -22.80 43.68 -11.41
CA TRP B 466 -23.45 42.36 -11.42
C TRP B 466 -22.70 41.28 -10.64
N TYR B 467 -21.37 41.25 -10.73
CA TYR B 467 -20.58 40.22 -10.06
C TYR B 467 -19.83 40.77 -8.86
N GLY B 468 -19.61 42.08 -8.85
CA GLY B 468 -18.89 42.74 -7.78
C GLY B 468 -17.40 42.86 -8.01
N THR B 469 -16.98 42.63 -9.24
CA THR B 469 -15.57 42.61 -9.62
C THR B 469 -14.81 43.87 -9.20
N GLN B 470 -13.70 43.67 -8.50
CA GLN B 470 -12.86 44.77 -8.02
C GLN B 470 -11.82 45.19 -9.07
N TYR B 471 -11.90 46.43 -9.55
CA TYR B 471 -10.96 46.86 -10.58
C TYR B 471 -10.70 48.36 -10.63
N LYS B 472 -9.63 48.72 -11.32
CA LYS B 472 -9.23 50.09 -11.52
C LYS B 472 -9.10 50.36 -13.02
N GLN B 473 -9.42 51.58 -13.46
CA GLN B 473 -9.27 51.94 -14.86
C GLN B 473 -8.33 53.13 -15.08
N GLU B 474 -7.39 52.96 -16.01
CA GLU B 474 -6.41 54.00 -16.34
C GLU B 474 -6.31 54.22 -17.84
N ALA B 475 -5.79 55.39 -18.22
CA ALA B 475 -5.42 55.60 -19.61
C ALA B 475 -4.00 55.11 -19.81
N ILE B 476 -3.76 54.39 -20.89
CA ILE B 476 -2.39 54.03 -21.24
C ILE B 476 -1.69 55.31 -21.68
N PRO B 477 -0.55 55.63 -21.06
CA PRO B 477 0.22 56.84 -21.34
C PRO B 477 0.65 56.96 -22.81
N ASP B 478 0.62 58.19 -23.34
CA ASP B 478 1.01 58.44 -24.73
C ASP B 478 2.47 58.02 -24.96
N GLU B 479 3.30 58.19 -23.93
CA GLU B 479 4.70 57.74 -23.95
C GLU B 479 4.75 56.25 -24.30
N VAL B 480 3.88 55.48 -23.65
CA VAL B 480 3.84 54.03 -23.85
C VAL B 480 3.22 53.65 -25.19
N ILE B 481 2.13 54.31 -25.58
CA ILE B 481 1.54 54.05 -26.88
C ILE B 481 2.57 54.27 -27.99
N LYS B 482 3.31 55.38 -27.89
CA LYS B 482 4.32 55.73 -28.88
C LYS B 482 5.42 54.68 -28.97
N LYS B 483 5.90 54.23 -27.80
CA LYS B 483 6.95 53.23 -27.75
C LYS B 483 6.49 51.97 -28.51
N TRP B 484 5.22 51.62 -28.35
CA TRP B 484 4.63 50.48 -29.05
C TRP B 484 4.50 50.75 -30.55
N GLN B 485 4.17 51.98 -30.92
CA GLN B 485 4.02 52.33 -32.34
C GLN B 485 5.34 52.25 -33.07
N ASN B 486 6.44 52.49 -32.34
CA ASN B 486 7.77 52.49 -32.94
C ASN B 486 8.50 51.17 -32.79
N ALA B 487 7.75 50.08 -32.69
CA ALA B 487 8.33 48.74 -32.55
C ALA B 487 9.17 48.34 -33.76
N ASP B 488 10.46 48.14 -33.53
CA ASP B 488 11.38 47.72 -34.58
C ASP B 488 11.33 46.20 -34.70
N LEU B 489 11.80 45.66 -35.81
CA LEU B 489 11.76 44.21 -36.00
C LEU B 489 12.71 43.48 -35.05
N ASN B 490 12.14 42.57 -34.28
CA ASN B 490 12.90 41.67 -33.41
C ASN B 490 13.36 40.45 -34.22
N GLY B 491 14.66 40.21 -34.22
CA GLY B 491 15.22 39.13 -35.01
C GLY B 491 14.94 37.74 -34.50
N LYS B 492 14.25 37.67 -33.37
CA LYS B 492 13.90 36.38 -32.78
C LYS B 492 12.63 35.83 -33.39
N PHE B 493 11.92 36.67 -34.15
CA PHE B 493 10.64 36.28 -34.70
C PHE B 493 10.73 35.87 -36.17
N LYS B 494 10.39 34.61 -36.44
CA LYS B 494 10.34 34.11 -37.80
C LYS B 494 8.98 33.49 -38.08
N LEU B 495 8.54 33.55 -39.34
CA LEU B 495 7.34 32.83 -39.74
C LEU B 495 7.56 31.33 -39.59
N PRO B 496 6.48 30.57 -39.40
CA PRO B 496 6.65 29.13 -39.26
C PRO B 496 7.13 28.53 -40.55
N THR B 497 7.92 27.48 -40.46
CA THR B 497 8.33 26.73 -41.63
C THR B 497 7.22 25.74 -42.00
N LYS B 498 7.33 25.12 -43.16
CA LYS B 498 6.36 24.11 -43.60
C LYS B 498 6.13 23.05 -42.53
N ASN B 499 4.87 22.70 -42.30
CA ASN B 499 4.50 21.68 -41.32
C ASN B 499 4.88 20.29 -41.81
N GLU B 500 5.88 19.70 -41.16
CA GLU B 500 6.40 18.40 -41.58
C GLU B 500 5.47 17.26 -41.16
N PHE B 501 4.53 17.56 -40.27
CA PHE B 501 3.68 16.53 -39.69
C PHE B 501 2.38 16.32 -40.45
N ILE B 502 2.20 17.08 -41.52
CA ILE B 502 1.05 16.90 -42.38
C ILE B 502 1.05 15.49 -42.97
N PRO B 503 -0.03 14.74 -42.76
CA PRO B 503 -0.11 13.35 -43.21
C PRO B 503 -0.33 13.23 -44.72
N THR B 504 0.10 12.11 -45.29
CA THR B 504 -0.01 11.91 -46.74
C THR B 504 -0.47 10.50 -47.06
N ASN B 505 -0.34 9.60 -46.08
CA ASN B 505 -0.77 8.22 -46.26
C ASN B 505 -2.08 7.94 -45.55
N PHE B 506 -3.18 8.04 -46.30
CA PHE B 506 -4.51 7.81 -45.75
C PHE B 506 -5.06 6.43 -46.15
N GLU B 507 -4.16 5.52 -46.52
CA GLU B 507 -4.58 4.19 -46.93
C GLU B 507 -5.17 3.42 -45.77
N ILE B 508 -6.35 2.84 -45.97
CA ILE B 508 -6.94 1.97 -44.97
C ILE B 508 -6.41 0.55 -45.17
N LEU B 509 -5.54 0.10 -44.26
CA LEU B 509 -4.96 -1.24 -44.36
C LEU B 509 -6.06 -2.30 -44.43
N PRO B 510 -5.86 -3.31 -45.29
CA PRO B 510 -6.91 -4.30 -45.47
C PRO B 510 -7.14 -5.09 -44.17
N LEU B 511 -8.38 -5.50 -43.95
CA LEU B 511 -8.76 -6.21 -42.74
C LEU B 511 -8.20 -7.62 -42.68
N GLU B 512 -7.30 -7.86 -41.72
CA GLU B 512 -6.66 -9.16 -41.55
C GLU B 512 -7.67 -10.27 -41.27
N LYS B 513 -7.32 -11.48 -41.68
CA LYS B 513 -8.20 -12.65 -41.58
C LYS B 513 -8.54 -13.01 -40.12
N GLU B 514 -7.53 -12.97 -39.27
CA GLU B 514 -7.70 -13.31 -37.86
C GLU B 514 -8.08 -12.09 -37.02
N ALA B 515 -8.72 -11.11 -37.66
CA ALA B 515 -9.15 -9.89 -36.99
C ALA B 515 -10.34 -10.18 -36.06
N THR B 516 -10.40 -9.46 -34.94
CA THR B 516 -11.39 -9.73 -33.89
C THR B 516 -12.32 -8.54 -33.60
N PRO B 517 -13.57 -8.83 -33.18
CA PRO B 517 -14.59 -7.82 -32.84
C PRO B 517 -14.21 -6.98 -31.64
N TYR B 518 -13.48 -7.57 -30.69
CA TYR B 518 -12.98 -6.87 -29.52
C TYR B 518 -11.45 -6.92 -29.45
N PRO B 519 -10.85 -6.09 -28.57
CA PRO B 519 -9.39 -6.13 -28.42
C PRO B 519 -8.90 -7.52 -27.98
N ALA B 520 -7.77 -7.95 -28.53
CA ALA B 520 -7.19 -9.24 -28.16
C ALA B 520 -5.85 -9.04 -27.48
N LEU B 521 -5.59 -9.85 -26.47
CA LEU B 521 -4.31 -9.80 -25.78
C LEU B 521 -3.24 -10.45 -26.63
N ILE B 522 -2.46 -9.65 -27.35
CA ILE B 522 -1.50 -10.21 -28.29
C ILE B 522 -0.07 -10.18 -27.74
N LYS B 523 0.06 -9.73 -26.50
CA LYS B 523 1.35 -9.75 -25.82
C LYS B 523 1.12 -9.71 -24.33
N ASP B 524 1.78 -10.61 -23.61
CA ASP B 524 1.54 -10.78 -22.18
C ASP B 524 2.85 -11.18 -21.51
N THR B 525 3.70 -10.20 -21.28
CA THR B 525 5.02 -10.45 -20.71
C THR B 525 5.13 -9.69 -19.40
N ALA B 526 6.25 -9.85 -18.71
CA ALA B 526 6.42 -9.22 -17.41
C ALA B 526 6.44 -7.71 -17.57
N MET B 527 7.01 -7.26 -18.69
CA MET B 527 7.17 -5.85 -18.97
C MET B 527 5.86 -5.21 -19.44
N SER B 528 5.08 -5.95 -20.23
CA SER B 528 3.94 -5.33 -20.89
C SER B 528 2.81 -6.27 -21.32
N LYS B 529 1.60 -5.74 -21.24
CA LYS B 529 0.39 -6.41 -21.67
C LYS B 529 -0.24 -5.59 -22.81
N LEU B 530 -0.24 -6.13 -24.02
CA LEU B 530 -0.70 -5.39 -25.20
C LEU B 530 -2.06 -5.84 -25.72
N TRP B 531 -3.04 -4.95 -25.64
CA TRP B 531 -4.38 -5.22 -26.18
C TRP B 531 -4.51 -4.56 -27.55
N PHE B 532 -4.98 -5.33 -28.53
CA PHE B 532 -5.01 -4.81 -29.89
C PHE B 532 -6.33 -5.09 -30.61
N LYS B 533 -6.84 -4.08 -31.31
CA LYS B 533 -7.92 -4.30 -32.26
C LYS B 533 -7.77 -3.41 -33.49
N GLN B 534 -7.88 -4.04 -34.65
CA GLN B 534 -7.88 -3.32 -35.92
C GLN B 534 -9.29 -2.82 -36.17
N ASP B 535 -9.42 -1.53 -36.48
CA ASP B 535 -10.73 -0.94 -36.71
C ASP B 535 -11.49 -1.69 -37.81
N ASP B 536 -12.69 -2.12 -37.48
CA ASP B 536 -13.56 -2.83 -38.41
C ASP B 536 -14.90 -2.11 -38.58
N LYS B 537 -15.00 -0.90 -38.03
CA LYS B 537 -16.21 -0.09 -38.17
C LYS B 537 -16.08 1.18 -39.00
N PHE B 538 -15.11 2.05 -38.66
CA PHE B 538 -15.14 3.43 -39.14
C PHE B 538 -14.30 3.69 -40.38
N PHE B 539 -13.17 3.03 -40.49
CA PHE B 539 -12.34 3.04 -41.71
C PHE B 539 -11.85 4.43 -42.10
N LEU B 540 -11.39 5.17 -41.11
CA LEU B 540 -10.68 6.41 -41.36
C LEU B 540 -9.21 6.18 -41.07
N PRO B 541 -8.32 6.94 -41.71
CA PRO B 541 -6.88 6.74 -41.54
C PRO B 541 -6.40 7.22 -40.18
N LYS B 542 -7.01 6.73 -39.10
CA LYS B 542 -6.66 7.16 -37.74
C LYS B 542 -6.42 6.00 -36.79
N ALA B 543 -5.77 6.30 -35.67
CA ALA B 543 -5.49 5.29 -34.65
C ALA B 543 -5.41 5.91 -33.27
N ASN B 544 -5.80 5.14 -32.25
CA ASN B 544 -5.60 5.55 -30.87
C ASN B 544 -4.59 4.66 -30.17
N LEU B 545 -3.60 5.28 -29.54
CA LEU B 545 -2.56 4.54 -28.84
C LEU B 545 -2.58 4.88 -27.36
N ASN B 546 -3.01 3.94 -26.55
CA ASN B 546 -3.12 4.13 -25.11
C ASN B 546 -2.09 3.32 -24.32
N PHE B 547 -1.43 3.99 -23.38
CA PHE B 547 -0.44 3.34 -22.53
C PHE B 547 -0.65 3.68 -21.09
N GLU B 548 -0.78 2.66 -20.24
CA GLU B 548 -0.73 2.87 -18.80
C GLU B 548 0.62 2.41 -18.28
N PHE B 549 1.37 3.32 -17.69
CA PHE B 549 2.64 2.99 -17.05
C PHE B 549 2.47 2.80 -15.55
N PHE B 550 2.60 1.58 -15.05
CA PHE B 550 2.50 1.36 -13.60
C PHE B 550 3.85 1.53 -12.92
N SER B 551 3.88 2.38 -11.89
CA SER B 551 5.02 2.49 -11.02
C SER B 551 4.55 2.87 -9.62
N PRO B 552 4.99 2.11 -8.61
CA PRO B 552 4.65 2.36 -7.21
C PRO B 552 5.05 3.76 -6.78
N PHE B 553 6.14 4.28 -7.35
CA PHE B 553 6.72 5.56 -6.90
C PHE B 553 6.01 6.80 -7.41
N ALA B 554 4.96 6.63 -8.20
CA ALA B 554 4.21 7.76 -8.69
C ALA B 554 3.32 8.30 -7.58
N TYR B 555 2.91 7.42 -6.66
CA TYR B 555 1.95 7.81 -5.64
C TYR B 555 2.29 7.32 -4.24
N VAL B 556 3.56 7.01 -3.99
CA VAL B 556 3.94 6.41 -2.71
C VAL B 556 3.73 7.35 -1.53
N ASP B 557 4.01 8.63 -1.73
CA ASP B 557 3.68 9.66 -0.74
C ASP B 557 3.40 10.98 -1.45
N PRO B 558 2.98 12.01 -0.69
CA PRO B 558 2.71 13.31 -1.32
C PRO B 558 3.89 13.88 -2.12
N LEU B 559 5.10 13.81 -1.59
CA LEU B 559 6.26 14.37 -2.27
C LEU B 559 6.47 13.73 -3.64
N HIS B 560 6.38 12.41 -3.69
CA HIS B 560 6.59 11.69 -4.94
C HIS B 560 5.42 11.92 -5.88
N SER B 561 4.27 12.19 -5.32
CA SER B 561 3.11 12.52 -6.12
C SER B 561 3.37 13.85 -6.81
N ASN B 562 3.85 14.82 -6.05
CA ASN B 562 4.19 16.12 -6.60
C ASN B 562 5.23 16.02 -7.70
N MET B 563 6.21 15.15 -7.51
CA MET B 563 7.32 15.09 -8.44
C MET B 563 6.89 14.41 -9.74
N ALA B 564 6.00 13.40 -9.63
CA ALA B 564 5.45 12.76 -10.81
C ALA B 564 4.72 13.79 -11.67
N TYR B 565 3.96 14.67 -11.01
CA TYR B 565 3.24 15.71 -11.71
C TYR B 565 4.22 16.66 -12.43
N LEU B 566 5.16 17.21 -11.67
CA LEU B 566 6.11 18.19 -12.22
C LEU B 566 6.94 17.61 -13.36
N TYR B 567 7.34 16.36 -13.19
CA TYR B 567 8.07 15.65 -14.24
C TYR B 567 7.31 15.77 -15.55
N LEU B 568 6.05 15.33 -15.54
CA LEU B 568 5.26 15.36 -16.76
C LEU B 568 4.93 16.76 -17.25
N GLU B 569 4.67 17.70 -16.35
CA GLU B 569 4.42 19.08 -16.77
C GLU B 569 5.65 19.66 -17.46
N LEU B 570 6.82 19.41 -16.87
CA LEU B 570 8.08 19.90 -17.42
C LEU B 570 8.35 19.28 -18.78
N LEU B 571 8.01 18.00 -18.90
CA LEU B 571 8.22 17.25 -20.12
C LEU B 571 7.33 17.78 -21.24
N LYS B 572 6.07 18.05 -20.92
CA LYS B 572 5.13 18.59 -21.89
C LYS B 572 5.52 20.00 -22.32
N ASP B 573 5.98 20.80 -21.36
CA ASP B 573 6.46 22.14 -21.64
C ASP B 573 7.64 22.10 -22.61
N SER B 574 8.44 21.06 -22.49
CA SER B 574 9.65 20.92 -23.28
C SER B 574 9.36 20.47 -24.71
N LEU B 575 8.37 19.61 -24.87
CA LEU B 575 8.00 19.04 -26.17
C LEU B 575 7.08 19.93 -26.99
N ASN B 576 6.56 20.97 -26.35
CA ASN B 576 5.48 21.77 -26.92
C ASN B 576 5.81 22.36 -28.30
N GLU B 577 6.94 23.04 -28.43
CA GLU B 577 7.31 23.63 -29.72
C GLU B 577 7.37 22.59 -30.84
N TYR B 578 7.96 21.44 -30.54
CA TYR B 578 8.06 20.37 -31.52
C TYR B 578 6.70 19.77 -31.81
N ALA B 579 5.90 19.58 -30.77
CA ALA B 579 4.66 18.84 -30.89
C ALA B 579 3.49 19.69 -31.38
N TYR B 580 3.64 21.01 -31.38
CA TYR B 580 2.57 21.90 -31.83
C TYR B 580 2.21 21.67 -33.29
N ALA B 581 3.23 21.48 -34.14
CA ALA B 581 3.00 21.17 -35.56
C ALA B 581 2.15 19.92 -35.69
N ALA B 582 2.50 18.90 -34.93
CA ALA B 582 1.75 17.65 -34.98
C ALA B 582 0.30 17.91 -34.58
N GLU B 583 0.12 18.77 -33.61
CA GLU B 583 -1.20 19.06 -33.11
C GLU B 583 -2.06 19.66 -34.23
N LEU B 584 -1.50 20.62 -34.95
CA LEU B 584 -2.18 21.26 -36.07
C LEU B 584 -2.45 20.27 -37.22
N ALA B 585 -1.64 19.22 -37.28
CA ALA B 585 -1.75 18.24 -38.36
C ALA B 585 -2.65 17.08 -37.96
N GLY B 586 -3.48 17.30 -36.94
CA GLY B 586 -4.47 16.31 -36.56
C GLY B 586 -3.88 15.14 -35.79
N LEU B 587 -2.78 15.41 -35.10
CA LEU B 587 -2.08 14.39 -34.34
C LEU B 587 -1.75 14.95 -32.96
N SER B 588 -2.51 14.52 -31.94
CA SER B 588 -2.34 15.07 -30.59
C SER B 588 -1.93 14.02 -29.56
N TYR B 589 -1.40 14.46 -28.43
CA TYR B 589 -1.06 13.51 -27.38
C TYR B 589 -1.44 14.04 -25.99
N ASP B 590 -1.74 13.12 -25.10
CA ASP B 590 -2.01 13.45 -23.71
C ASP B 590 -1.09 12.68 -22.79
N LEU B 591 -0.50 13.39 -21.83
CA LEU B 591 0.45 12.81 -20.89
C LEU B 591 0.21 13.36 -19.49
N GLN B 592 -0.30 12.52 -18.59
CA GLN B 592 -0.56 12.95 -17.23
C GLN B 592 -0.34 11.85 -16.19
N ASN B 593 -0.02 12.24 -14.97
CA ASN B 593 0.22 11.28 -13.88
C ASN B 593 -1.06 10.76 -13.23
N THR B 594 -1.03 9.51 -12.81
CA THR B 594 -2.19 8.87 -12.20
C THR B 594 -1.81 8.35 -10.83
N ILE B 595 -2.75 7.75 -10.12
CA ILE B 595 -2.41 7.20 -8.81
C ILE B 595 -1.64 5.89 -8.97
N TYR B 596 -1.56 5.40 -10.21
CA TYR B 596 -0.84 4.16 -10.45
C TYR B 596 0.45 4.39 -11.24
N GLY B 597 0.72 5.65 -11.58
CA GLY B 597 1.84 5.92 -12.45
C GLY B 597 1.54 6.97 -13.51
N MET B 598 1.91 6.66 -14.75
CA MET B 598 1.69 7.58 -15.85
C MET B 598 0.68 7.09 -16.89
N TYR B 599 0.00 8.05 -17.52
CA TYR B 599 -0.90 7.77 -18.62
C TYR B 599 -0.44 8.52 -19.87
N LEU B 600 -0.43 7.82 -21.00
CA LEU B 600 -0.03 8.43 -22.27
C LEU B 600 -0.98 8.01 -23.37
N SER B 601 -1.58 9.00 -24.04
CA SER B 601 -2.44 8.69 -25.18
C SER B 601 -2.00 9.47 -26.41
N VAL B 602 -1.91 8.77 -27.54
CA VAL B 602 -1.64 9.41 -28.81
C VAL B 602 -2.81 9.14 -29.73
N LYS B 603 -3.44 10.20 -30.21
CA LYS B 603 -4.63 10.06 -31.06
C LYS B 603 -4.49 10.86 -32.36
N GLY B 604 -5.02 10.34 -33.45
CA GLY B 604 -5.04 11.08 -34.70
C GLY B 604 -4.76 10.29 -35.96
N TYR B 605 -4.40 10.99 -37.02
CA TYR B 605 -4.01 10.35 -38.26
C TYR B 605 -2.84 9.44 -37.95
N ASN B 606 -2.94 8.18 -38.36
CA ASN B 606 -1.95 7.18 -37.99
C ASN B 606 -0.60 7.34 -38.70
N ASP B 607 -0.60 8.04 -39.83
CA ASP B 607 0.60 8.15 -40.67
C ASP B 607 1.89 8.49 -39.92
N LYS B 608 1.89 9.57 -39.16
CA LYS B 608 3.12 10.01 -38.52
C LYS B 608 3.15 9.79 -37.01
N GLN B 609 2.25 8.94 -36.51
CA GLN B 609 2.15 8.67 -35.07
C GLN B 609 3.42 8.08 -34.43
N PRO B 610 3.98 7.03 -35.05
CA PRO B 610 5.20 6.42 -34.52
C PRO B 610 6.34 7.41 -34.35
N ILE B 611 6.39 8.43 -35.20
CA ILE B 611 7.43 9.45 -35.08
C ILE B 611 7.22 10.29 -33.82
N LEU B 612 6.00 10.74 -33.60
CA LEU B 612 5.70 11.53 -32.41
C LEU B 612 5.85 10.67 -31.15
N LEU B 613 5.36 9.45 -31.22
CA LEU B 613 5.43 8.54 -30.10
C LEU B 613 6.88 8.30 -29.67
N LYS B 614 7.75 7.99 -30.63
CA LYS B 614 9.15 7.79 -30.33
C LYS B 614 9.75 9.02 -29.67
N LYS B 615 9.45 10.19 -30.22
CA LYS B 615 9.96 11.44 -29.70
C LYS B 615 9.60 11.62 -28.23
N ILE B 616 8.36 11.29 -27.90
CA ILE B 616 7.88 11.44 -26.52
C ILE B 616 8.61 10.48 -25.57
N ILE B 617 8.66 9.20 -25.92
CA ILE B 617 9.29 8.21 -25.04
C ILE B 617 10.78 8.47 -24.92
N GLU B 618 11.41 8.84 -26.02
CA GLU B 618 12.81 9.15 -26.02
C GLU B 618 13.04 10.33 -25.08
N LYS B 619 12.13 11.30 -25.11
CA LYS B 619 12.24 12.47 -24.25
C LYS B 619 12.08 12.13 -22.77
N MET B 620 11.16 11.24 -22.47
CA MET B 620 10.94 10.77 -21.10
C MET B 620 12.21 10.21 -20.51
N ALA B 621 12.83 9.30 -21.25
CA ALA B 621 13.96 8.54 -20.75
C ALA B 621 15.23 9.35 -20.58
N THR B 622 15.36 10.43 -21.35
CA THR B 622 16.60 11.19 -21.38
C THR B 622 16.40 12.65 -20.99
N PHE B 623 15.35 12.89 -20.22
CA PHE B 623 14.91 14.25 -19.92
C PHE B 623 15.92 15.05 -19.09
N GLU B 624 16.25 16.25 -19.56
CA GLU B 624 17.10 17.17 -18.81
C GLU B 624 16.33 18.40 -18.39
N ILE B 625 16.08 18.55 -17.09
CA ILE B 625 15.25 19.64 -16.60
C ILE B 625 15.94 20.99 -16.68
N ASP B 626 15.28 21.97 -17.28
CA ASP B 626 15.76 23.34 -17.25
C ASP B 626 15.36 23.99 -15.94
N GLU B 627 16.32 24.49 -15.18
CA GLU B 627 16.00 25.01 -13.85
C GLU B 627 15.07 26.21 -13.89
N LYS B 628 15.20 27.06 -14.90
CA LYS B 628 14.32 28.22 -15.00
C LYS B 628 12.88 27.76 -15.25
N ARG B 629 12.72 26.72 -16.07
CA ARG B 629 11.41 26.15 -16.34
C ARG B 629 10.84 25.49 -15.08
N PHE B 630 11.73 24.82 -14.35
CA PHE B 630 11.36 24.15 -13.12
C PHE B 630 10.79 25.12 -12.08
N GLU B 631 11.47 26.23 -11.84
CA GLU B 631 11.02 27.18 -10.82
C GLU B 631 9.67 27.77 -11.18
N ILE B 632 9.49 28.10 -12.46
CA ILE B 632 8.27 28.74 -12.94
C ILE B 632 7.07 27.81 -12.84
N ILE B 633 7.26 26.58 -13.31
CA ILE B 633 6.19 25.60 -13.33
C ILE B 633 5.79 25.18 -11.93
N LYS B 634 6.78 24.97 -11.06
CA LYS B 634 6.53 24.67 -9.66
C LYS B 634 5.68 25.76 -8.99
N GLU B 635 6.00 27.01 -9.31
CA GLU B 635 5.28 28.14 -8.73
C GLU B 635 3.81 28.12 -9.14
N ALA B 636 3.57 27.81 -10.41
CA ALA B 636 2.21 27.75 -10.95
C ALA B 636 1.42 26.62 -10.31
N TYR B 637 2.07 25.48 -10.15
CA TYR B 637 1.46 24.32 -9.53
C TYR B 637 1.07 24.62 -8.08
N MET B 638 1.90 25.39 -7.41
CA MET B 638 1.63 25.84 -6.05
C MET B 638 0.31 26.62 -6.00
N ARG B 639 0.18 27.61 -6.86
CA ARG B 639 -1.07 28.37 -6.96
C ARG B 639 -2.25 27.48 -7.33
N SER B 640 -2.01 26.54 -8.25
CA SER B 640 -3.04 25.60 -8.67
C SER B 640 -3.64 24.83 -7.50
N LEU B 641 -2.78 24.36 -6.60
CA LEU B 641 -3.25 23.66 -5.41
C LEU B 641 -4.07 24.59 -4.52
N ASN B 642 -3.53 25.77 -4.27
CA ASN B 642 -4.24 26.74 -3.45
C ASN B 642 -5.59 27.09 -4.05
N ASN B 643 -5.63 27.23 -5.37
CA ASN B 643 -6.84 27.67 -6.03
C ASN B 643 -7.99 26.68 -5.90
N PHE B 644 -7.71 25.50 -5.37
CA PHE B 644 -8.78 24.55 -5.15
C PHE B 644 -9.84 25.11 -4.19
N ARG B 645 -9.44 26.05 -3.35
CA ARG B 645 -10.37 26.66 -2.41
C ARG B 645 -11.51 27.39 -3.13
N ALA B 646 -11.30 27.67 -4.41
CA ALA B 646 -12.28 28.45 -5.16
C ALA B 646 -13.16 27.61 -6.07
N GLU B 647 -13.05 26.29 -5.97
CA GLU B 647 -13.90 25.41 -6.76
C GLU B 647 -15.33 25.37 -6.22
N GLN B 648 -16.27 24.95 -7.05
CA GLN B 648 -17.68 24.90 -6.65
C GLN B 648 -17.90 23.96 -5.47
N PRO B 649 -18.85 24.29 -4.60
CA PRO B 649 -19.22 23.48 -3.43
C PRO B 649 -19.50 22.03 -3.80
N HIS B 650 -20.26 21.80 -4.87
CA HIS B 650 -20.57 20.43 -5.25
C HIS B 650 -19.31 19.67 -5.71
N GLN B 651 -18.29 20.39 -6.19
CA GLN B 651 -17.04 19.74 -6.57
C GLN B 651 -16.23 19.36 -5.35
N HIS B 652 -16.25 20.23 -4.35
CA HIS B 652 -15.66 19.89 -3.06
C HIS B 652 -16.29 18.62 -2.50
N ALA B 653 -17.61 18.51 -2.60
CA ALA B 653 -18.33 17.34 -2.10
C ALA B 653 -17.81 16.06 -2.76
N MET B 654 -17.71 16.08 -4.09
CA MET B 654 -17.24 14.90 -4.81
C MET B 654 -15.79 14.63 -4.43
N TYR B 655 -15.02 15.70 -4.26
CA TYR B 655 -13.62 15.58 -3.89
C TYR B 655 -13.45 14.82 -2.58
N TYR B 656 -14.01 15.35 -1.50
CA TYR B 656 -13.94 14.74 -0.17
C TYR B 656 -14.43 13.29 -0.16
N LEU B 657 -15.48 13.01 -0.92
CA LEU B 657 -16.01 11.66 -0.95
C LEU B 657 -14.98 10.71 -1.55
N ARG B 658 -14.33 11.16 -2.62
CA ARG B 658 -13.28 10.38 -3.27
C ARG B 658 -12.16 10.09 -2.27
N LEU B 659 -11.80 11.09 -1.46
CA LEU B 659 -10.79 10.91 -0.43
C LEU B 659 -11.24 9.90 0.63
N LEU B 660 -12.45 10.09 1.15
CA LEU B 660 -12.97 9.23 2.22
C LEU B 660 -13.01 7.76 1.84
N MET B 661 -13.41 7.46 0.61
CA MET B 661 -13.74 6.09 0.22
C MET B 661 -12.58 5.33 -0.44
N THR B 662 -11.46 5.99 -0.68
CA THR B 662 -10.32 5.29 -1.27
C THR B 662 -9.30 4.91 -0.22
N GLU B 663 -8.72 3.73 -0.38
CA GLU B 663 -7.70 3.22 0.51
C GLU B 663 -6.61 4.26 0.76
N VAL B 664 -6.03 4.78 -0.31
CA VAL B 664 -4.98 5.80 -0.22
C VAL B 664 -5.37 7.04 -1.02
N ALA B 665 -5.13 8.21 -0.45
CA ALA B 665 -5.42 9.48 -1.12
C ALA B 665 -4.74 10.63 -0.40
N TRP B 666 -3.94 11.39 -1.14
CA TRP B 666 -3.29 12.55 -0.59
C TRP B 666 -4.12 13.81 -0.83
N THR B 667 -4.34 14.59 0.22
CA THR B 667 -5.18 15.79 0.14
C THR B 667 -4.41 16.94 -0.50
N LYS B 668 -5.15 17.98 -0.94
CA LYS B 668 -4.53 19.15 -1.55
C LYS B 668 -3.55 19.78 -0.57
N ASP B 669 -3.94 19.80 0.70
CA ASP B 669 -3.11 20.42 1.72
C ASP B 669 -1.85 19.61 1.95
N GLU B 670 -1.98 18.28 1.99
CA GLU B 670 -0.82 17.41 2.11
C GLU B 670 0.14 17.61 0.93
N LEU B 671 -0.43 17.73 -0.26
CA LEU B 671 0.37 17.97 -1.46
C LEU B 671 1.10 19.30 -1.43
N LYS B 672 0.41 20.38 -1.05
CA LYS B 672 1.04 21.70 -1.11
C LYS B 672 2.09 21.84 -0.01
N GLU B 673 1.84 21.19 1.12
CA GLU B 673 2.82 21.19 2.19
C GLU B 673 4.11 20.49 1.73
N ALA B 674 3.94 19.34 1.08
CA ALA B 674 5.09 18.58 0.60
C ALA B 674 5.81 19.24 -0.57
N LEU B 675 5.20 20.24 -1.19
CA LEU B 675 5.75 20.84 -2.38
C LEU B 675 7.02 21.65 -2.09
N ASP B 676 7.07 22.30 -0.94
CA ASP B 676 8.22 23.13 -0.55
C ASP B 676 9.51 22.32 -0.47
N ASP B 677 9.39 21.01 -0.27
CA ASP B 677 10.55 20.14 -0.13
C ASP B 677 10.97 19.51 -1.46
N VAL B 678 10.42 20.02 -2.56
CA VAL B 678 10.76 19.50 -3.88
C VAL B 678 11.88 20.34 -4.47
N THR B 679 13.09 19.80 -4.47
CA THR B 679 14.23 20.54 -5.00
C THR B 679 14.59 20.00 -6.37
N LEU B 680 15.29 20.79 -7.15
CA LEU B 680 15.72 20.38 -8.49
C LEU B 680 16.48 19.07 -8.41
N PRO B 681 17.43 18.96 -7.47
CA PRO B 681 18.13 17.70 -7.25
C PRO B 681 17.19 16.51 -6.98
N ARG B 682 16.24 16.67 -6.05
CA ARG B 682 15.39 15.54 -5.70
C ARG B 682 14.57 15.09 -6.89
N LEU B 683 14.13 16.06 -7.69
CA LEU B 683 13.36 15.75 -8.90
C LEU B 683 14.22 15.00 -9.91
N LYS B 684 15.43 15.49 -10.15
CA LYS B 684 16.36 14.83 -11.06
C LYS B 684 16.63 13.41 -10.62
N ALA B 685 16.61 13.19 -9.30
CA ALA B 685 16.84 11.85 -8.75
C ALA B 685 15.64 10.94 -8.96
N PHE B 686 14.47 11.53 -8.75
CA PHE B 686 13.18 10.85 -8.82
C PHE B 686 12.91 10.21 -10.18
N ILE B 687 13.25 10.93 -11.25
CA ILE B 687 12.84 10.51 -12.59
C ILE B 687 13.41 9.14 -12.96
N PRO B 688 14.71 8.95 -12.78
CA PRO B 688 15.34 7.66 -13.03
C PRO B 688 14.83 6.56 -12.12
N GLN B 689 14.50 6.94 -10.88
CA GLN B 689 13.93 6.03 -9.90
C GLN B 689 12.57 5.56 -10.39
N LEU B 690 11.76 6.50 -10.87
CA LEU B 690 10.42 6.20 -11.36
C LEU B 690 10.42 5.28 -12.59
N LEU B 691 11.42 5.42 -13.44
CA LEU B 691 11.48 4.67 -14.69
C LEU B 691 12.17 3.31 -14.56
N SER B 692 12.82 3.07 -13.42
CA SER B 692 13.65 1.87 -13.24
C SER B 692 12.87 0.56 -13.32
N ARG B 693 11.67 0.53 -12.74
CA ARG B 693 10.82 -0.66 -12.83
C ARG B 693 9.40 -0.22 -13.19
N LEU B 694 8.90 -0.76 -14.30
CA LEU B 694 7.58 -0.41 -14.82
C LEU B 694 6.85 -1.64 -15.35
N HIS B 695 5.53 -1.52 -15.44
CA HIS B 695 4.74 -2.47 -16.21
C HIS B 695 3.85 -1.66 -17.13
N ILE B 696 3.75 -2.07 -18.40
CA ILE B 696 3.03 -1.31 -19.40
C ILE B 696 1.82 -2.06 -19.92
N GLU B 697 0.65 -1.49 -19.75
CA GLU B 697 -0.55 -2.07 -20.34
C GLU B 697 -1.08 -1.08 -21.38
N ALA B 698 -1.27 -1.57 -22.59
CA ALA B 698 -1.56 -0.70 -23.73
C ALA B 698 -2.75 -1.21 -24.53
N LEU B 699 -3.51 -0.27 -25.07
CA LEU B 699 -4.52 -0.59 -26.05
C LEU B 699 -4.15 0.12 -27.34
N LEU B 700 -3.94 -0.64 -28.40
CA LEU B 700 -3.63 -0.05 -29.71
C LEU B 700 -4.78 -0.42 -30.65
N HIS B 701 -5.52 0.60 -31.07
CA HIS B 701 -6.81 0.42 -31.75
C HIS B 701 -6.99 1.42 -32.89
N GLY B 702 -7.23 0.91 -34.10
CA GLY B 702 -7.43 1.79 -35.25
C GLY B 702 -6.96 1.24 -36.58
N ASN B 703 -6.54 2.14 -37.46
CA ASN B 703 -6.03 1.77 -38.78
C ASN B 703 -4.58 1.27 -38.70
N ILE B 704 -4.40 0.12 -38.09
CA ILE B 704 -3.08 -0.48 -37.98
C ILE B 704 -3.19 -1.98 -38.00
N THR B 705 -2.08 -2.65 -38.34
CA THR B 705 -2.06 -4.10 -38.34
C THR B 705 -1.36 -4.66 -37.09
N LYS B 706 -1.52 -5.96 -36.87
CA LYS B 706 -0.96 -6.60 -35.69
C LYS B 706 0.56 -6.39 -35.60
N GLN B 707 1.24 -6.45 -36.74
CA GLN B 707 2.69 -6.30 -36.76
C GLN B 707 3.12 -4.88 -36.44
N ALA B 708 2.43 -3.92 -37.04
CA ALA B 708 2.68 -2.51 -36.75
C ALA B 708 2.51 -2.25 -35.25
N ALA B 709 1.45 -2.83 -34.68
CA ALA B 709 1.13 -2.65 -33.27
C ALA B 709 2.19 -3.25 -32.36
N LEU B 710 2.55 -4.51 -32.62
CA LEU B 710 3.61 -5.17 -31.89
C LEU B 710 4.90 -4.35 -31.96
N GLY B 711 5.16 -3.80 -33.14
CA GLY B 711 6.34 -2.99 -33.35
C GLY B 711 6.29 -1.71 -32.53
N ILE B 712 5.12 -1.09 -32.47
CA ILE B 712 4.95 0.12 -31.69
C ILE B 712 5.21 -0.15 -30.21
N MET B 713 4.58 -1.19 -29.69
CA MET B 713 4.75 -1.54 -28.28
C MET B 713 6.21 -1.81 -27.98
N GLN B 714 6.87 -2.56 -28.87
CA GLN B 714 8.27 -2.92 -28.65
C GLN B 714 9.19 -1.72 -28.74
N MET B 715 8.91 -0.78 -29.64
CA MET B 715 9.69 0.44 -29.72
C MET B 715 9.64 1.20 -28.39
N VAL B 716 8.45 1.30 -27.81
CA VAL B 716 8.31 1.96 -26.53
C VAL B 716 9.16 1.28 -25.47
N GLU B 717 9.06 -0.05 -25.38
CA GLU B 717 9.87 -0.81 -24.43
C GLU B 717 11.38 -0.66 -24.64
N ASP B 718 11.83 -0.92 -25.86
CA ASP B 718 13.23 -0.83 -26.22
C ASP B 718 13.79 0.54 -25.87
N THR B 719 13.00 1.58 -26.12
CA THR B 719 13.44 2.94 -25.83
C THR B 719 13.64 3.16 -24.33
N LEU B 720 12.67 2.69 -23.53
CA LEU B 720 12.74 2.79 -22.08
C LEU B 720 13.90 2.00 -21.51
N ILE B 721 14.07 0.78 -22.02
CA ILE B 721 15.14 -0.10 -21.58
C ILE B 721 16.55 0.44 -21.88
N GLU B 722 16.76 0.89 -23.10
CA GLU B 722 18.09 1.34 -23.51
C GLU B 722 18.51 2.62 -22.80
N HIS B 723 17.58 3.55 -22.63
CA HIS B 723 17.93 4.86 -22.07
C HIS B 723 17.66 4.98 -20.58
N ALA B 724 16.82 4.11 -20.05
CA ALA B 724 16.41 4.26 -18.65
C ALA B 724 16.60 2.98 -17.85
N HIS B 725 17.01 1.92 -18.53
CA HIS B 725 17.35 0.66 -17.88
C HIS B 725 16.16 0.06 -17.13
N THR B 726 14.97 0.25 -17.71
CA THR B 726 13.72 -0.24 -17.13
C THR B 726 13.68 -1.76 -17.01
N LYS B 727 13.19 -2.23 -15.87
CA LYS B 727 12.96 -3.66 -15.69
C LYS B 727 11.51 -3.87 -15.26
N PRO B 728 11.03 -5.11 -15.35
CA PRO B 728 9.63 -5.41 -15.03
C PRO B 728 9.32 -5.27 -13.54
N LEU B 729 8.08 -4.92 -13.24
CA LEU B 729 7.59 -5.01 -11.88
C LEU B 729 7.22 -6.46 -11.61
N LEU B 730 7.06 -6.79 -10.34
CA LEU B 730 6.54 -8.09 -9.96
C LEU B 730 5.02 -8.06 -10.03
N PRO B 731 4.41 -9.15 -10.45
CA PRO B 731 2.93 -9.21 -10.53
C PRO B 731 2.29 -8.79 -9.21
N SER B 732 2.97 -9.06 -8.10
CA SER B 732 2.45 -8.74 -6.78
C SER B 732 2.50 -7.25 -6.47
N GLN B 733 3.20 -6.49 -7.30
CA GLN B 733 3.27 -5.04 -7.11
C GLN B 733 2.18 -4.34 -7.89
N LEU B 734 1.36 -5.10 -8.62
CA LEU B 734 0.43 -4.50 -9.57
C LEU B 734 -0.96 -4.42 -8.95
N VAL B 735 -0.99 -4.19 -7.65
CA VAL B 735 -2.24 -4.09 -6.92
C VAL B 735 -2.90 -2.74 -7.12
N ARG B 736 -4.20 -2.76 -7.38
CA ARG B 736 -4.97 -1.54 -7.48
C ARG B 736 -5.56 -1.22 -6.09
N TYR B 737 -6.05 0.01 -5.90
CA TYR B 737 -6.56 0.43 -4.59
C TYR B 737 -7.99 -0.05 -4.34
N ARG B 738 -8.34 -0.22 -3.07
CA ARG B 738 -9.65 -0.72 -2.67
C ARG B 738 -10.56 0.39 -2.17
N GLU B 739 -11.85 0.09 -2.10
CA GLU B 739 -12.81 1.03 -1.53
C GLU B 739 -13.19 0.64 -0.10
N VAL B 740 -13.35 1.64 0.75
CA VAL B 740 -13.80 1.44 2.12
C VAL B 740 -15.14 0.71 2.17
N GLN B 741 -15.21 -0.33 2.99
CA GLN B 741 -16.45 -1.10 3.15
C GLN B 741 -17.25 -0.60 4.35
N LEU B 742 -18.35 0.08 4.06
CA LEU B 742 -19.19 0.65 5.11
C LEU B 742 -20.05 -0.42 5.79
N PRO B 743 -20.30 -0.26 7.10
CA PRO B 743 -21.10 -1.16 7.95
C PRO B 743 -22.61 -1.17 7.66
N ASP B 744 -23.25 -2.32 7.86
CA ASP B 744 -24.71 -2.40 7.77
C ASP B 744 -25.34 -1.37 8.69
N ARG B 745 -26.32 -0.64 8.16
CA ARG B 745 -27.06 0.37 8.92
C ARG B 745 -26.17 1.51 9.40
N GLY B 746 -25.01 1.67 8.76
CA GLY B 746 -24.14 2.78 9.09
C GLY B 746 -24.52 4.08 8.38
N TRP B 747 -24.33 5.20 9.07
CA TRP B 747 -24.46 6.51 8.42
C TRP B 747 -23.39 7.47 8.92
N PHE B 748 -22.44 7.82 8.05
CA PHE B 748 -21.37 8.73 8.43
C PHE B 748 -21.55 10.09 7.78
N VAL B 749 -21.11 11.14 8.46
CA VAL B 749 -21.14 12.49 7.90
C VAL B 749 -19.77 13.16 7.99
N TYR B 750 -19.40 13.86 6.92
CA TYR B 750 -18.18 14.64 6.90
C TYR B 750 -18.56 16.07 6.54
N GLN B 751 -18.15 17.03 7.35
CA GLN B 751 -18.55 18.42 7.13
C GLN B 751 -17.36 19.33 6.84
N GLN B 752 -17.53 20.20 5.85
CA GLN B 752 -16.50 21.17 5.49
C GLN B 752 -17.15 22.48 5.10
N ARG B 753 -16.34 23.53 4.99
CA ARG B 753 -16.85 24.83 4.57
C ARG B 753 -16.18 25.25 3.27
N ASN B 754 -16.96 25.78 2.35
CA ASN B 754 -16.39 26.42 1.17
C ASN B 754 -16.19 27.91 1.47
N GLU B 755 -14.95 28.38 1.42
CA GLU B 755 -14.63 29.73 1.85
C GLU B 755 -14.93 30.80 0.81
N VAL B 756 -15.18 30.39 -0.44
CA VAL B 756 -15.34 31.35 -1.54
C VAL B 756 -16.80 31.52 -1.96
N HIS B 757 -17.52 30.42 -2.10
CA HIS B 757 -18.88 30.46 -2.62
C HIS B 757 -19.93 30.52 -1.52
N ASN B 758 -21.02 31.23 -1.79
CA ASN B 758 -22.09 31.36 -0.79
C ASN B 758 -23.22 30.44 -1.16
N ASN B 759 -22.85 29.28 -1.66
CA ASN B 759 -23.78 28.17 -1.84
C ASN B 759 -23.24 26.97 -1.09
N SER B 760 -24.11 26.07 -0.70
CA SER B 760 -23.63 24.86 -0.07
C SER B 760 -23.70 23.69 -1.06
N GLY B 761 -22.94 22.64 -0.77
CA GLY B 761 -22.97 21.43 -1.57
C GLY B 761 -23.21 20.20 -0.73
N ILE B 762 -23.65 19.13 -1.39
CA ILE B 762 -23.88 17.89 -0.69
C ILE B 762 -23.77 16.74 -1.68
N GLU B 763 -23.06 15.69 -1.29
CA GLU B 763 -23.14 14.42 -1.99
C GLU B 763 -23.60 13.39 -0.97
N ILE B 764 -24.59 12.60 -1.37
CA ILE B 764 -25.03 11.48 -0.57
C ILE B 764 -24.78 10.19 -1.33
N TYR B 765 -24.06 9.27 -0.69
CA TYR B 765 -23.68 8.03 -1.34
C TYR B 765 -24.26 6.83 -0.60
N TYR B 766 -25.16 6.11 -1.26
CA TYR B 766 -25.67 4.86 -0.72
C TYR B 766 -24.92 3.70 -1.36
N GLN B 767 -23.90 3.23 -0.65
CA GLN B 767 -23.07 2.14 -1.12
C GLN B 767 -23.84 0.83 -1.14
N THR B 768 -24.08 0.28 -2.31
CA THR B 768 -24.70 -1.03 -2.39
C THR B 768 -23.75 -2.23 -2.22
N ASP B 769 -22.91 -2.50 -3.22
CA ASP B 769 -22.13 -3.74 -3.22
C ASP B 769 -21.13 -3.78 -4.37
N MET B 770 -20.28 -4.80 -4.38
CA MET B 770 -19.35 -5.01 -5.49
C MET B 770 -20.06 -5.05 -6.83
N GLN B 771 -19.40 -4.54 -7.87
CA GLN B 771 -19.97 -4.64 -9.19
C GLN B 771 -20.05 -6.10 -9.59
N SER B 772 -21.13 -6.44 -10.28
CA SER B 772 -21.38 -7.77 -10.81
C SER B 772 -22.61 -7.60 -11.68
N THR B 773 -22.90 -8.56 -12.57
CA THR B 773 -24.02 -8.36 -13.48
C THR B 773 -25.31 -7.99 -12.75
N SER B 774 -25.67 -8.77 -11.73
CA SER B 774 -26.93 -8.53 -11.02
C SER B 774 -26.94 -7.16 -10.32
N GLU B 775 -25.90 -6.87 -9.54
CA GLU B 775 -25.88 -5.62 -8.77
C GLU B 775 -25.83 -4.42 -9.69
N ASN B 776 -25.10 -4.55 -10.81
CA ASN B 776 -24.98 -3.47 -11.78
C ASN B 776 -26.32 -3.02 -12.31
N MET B 777 -27.16 -3.98 -12.66
CA MET B 777 -28.43 -3.68 -13.31
C MET B 777 -29.53 -3.32 -12.32
N PHE B 778 -29.44 -3.79 -11.08
CA PHE B 778 -30.36 -3.32 -10.05
C PHE B 778 -30.19 -1.83 -9.87
N LEU B 779 -28.94 -1.41 -9.66
CA LEU B 779 -28.61 -0.01 -9.51
C LEU B 779 -28.99 0.78 -10.77
N GLU B 780 -28.55 0.31 -11.93
CA GLU B 780 -28.75 1.07 -13.16
C GLU B 780 -30.24 1.22 -13.52
N LEU B 781 -31.03 0.17 -13.32
CA LEU B 781 -32.46 0.27 -13.61
C LEU B 781 -33.14 1.18 -12.60
N PHE B 782 -32.76 1.05 -11.34
CA PHE B 782 -33.33 1.90 -10.31
C PHE B 782 -32.98 3.36 -10.58
N ALA B 783 -31.75 3.61 -11.00
CA ALA B 783 -31.30 4.97 -11.30
C ALA B 783 -32.07 5.53 -12.49
N GLN B 784 -32.39 4.65 -13.45
CA GLN B 784 -33.15 5.04 -14.62
C GLN B 784 -34.56 5.48 -14.23
N ILE B 785 -35.18 4.70 -13.36
CA ILE B 785 -36.52 4.97 -12.87
C ILE B 785 -36.60 6.29 -12.11
N ILE B 786 -35.59 6.62 -11.33
CA ILE B 786 -35.67 7.82 -10.50
C ILE B 786 -35.02 9.04 -11.13
N SER B 787 -34.36 8.86 -12.29
CA SER B 787 -33.59 9.92 -12.93
C SER B 787 -34.38 11.21 -13.13
N GLU B 788 -35.46 11.11 -13.88
CA GLU B 788 -36.27 12.27 -14.21
C GLU B 788 -37.00 12.81 -12.99
N PRO B 789 -37.69 11.92 -12.23
CA PRO B 789 -38.41 12.37 -11.04
C PRO B 789 -37.54 13.09 -10.02
N ALA B 790 -36.31 12.63 -9.80
CA ALA B 790 -35.42 13.28 -8.82
C ALA B 790 -35.15 14.72 -9.23
N PHE B 791 -34.95 14.93 -10.52
CA PHE B 791 -34.76 16.27 -11.06
C PHE B 791 -36.04 17.08 -10.94
N ASN B 792 -37.14 16.47 -11.38
CA ASN B 792 -38.44 17.14 -11.40
C ASN B 792 -38.92 17.50 -10.00
N THR B 793 -38.61 16.64 -9.03
CA THR B 793 -39.00 16.86 -7.65
C THR B 793 -38.04 17.81 -6.92
N LEU B 794 -36.76 17.47 -6.93
CA LEU B 794 -35.76 18.19 -6.16
C LEU B 794 -35.43 19.56 -6.72
N ARG B 795 -35.53 19.72 -8.04
CA ARG B 795 -35.29 21.04 -8.64
C ARG B 795 -36.58 21.72 -9.12
N THR B 796 -37.31 21.08 -10.02
CA THR B 796 -38.41 21.77 -10.70
C THR B 796 -39.51 22.16 -9.73
N LYS B 797 -39.86 21.27 -8.80
CA LYS B 797 -40.86 21.54 -7.76
C LYS B 797 -40.27 22.27 -6.57
N GLU B 798 -39.32 21.63 -5.89
CA GLU B 798 -38.80 22.16 -4.63
C GLU B 798 -37.74 23.24 -4.82
N GLN B 799 -37.20 23.32 -6.04
CA GLN B 799 -36.20 24.33 -6.41
C GLN B 799 -35.07 24.41 -5.39
N LEU B 800 -34.48 23.26 -5.06
CA LEU B 800 -33.39 23.22 -4.10
C LEU B 800 -32.14 23.87 -4.70
N GLY B 801 -31.98 23.76 -6.00
CA GLY B 801 -30.86 24.39 -6.67
C GLY B 801 -30.82 24.09 -8.16
N TYR B 802 -30.01 24.86 -8.87
CA TYR B 802 -29.77 24.64 -10.29
C TYR B 802 -29.13 23.27 -10.53
N ILE B 803 -28.09 22.95 -9.76
CA ILE B 803 -27.37 21.69 -9.89
C ILE B 803 -28.02 20.61 -9.03
N VAL B 804 -28.74 19.71 -9.69
CA VAL B 804 -29.32 18.55 -9.03
C VAL B 804 -29.04 17.31 -9.85
N PHE B 805 -28.39 16.33 -9.24
CA PHE B 805 -27.96 15.15 -9.98
C PHE B 805 -28.18 13.87 -9.20
N SER B 806 -28.56 12.82 -9.91
CA SER B 806 -28.63 11.46 -9.36
C SER B 806 -28.08 10.49 -10.39
N GLY B 807 -27.60 9.34 -9.91
CA GLY B 807 -27.09 8.31 -10.81
C GLY B 807 -26.16 7.34 -10.09
N PRO B 808 -25.68 6.32 -10.82
CA PRO B 808 -24.71 5.38 -10.24
C PRO B 808 -23.40 6.07 -9.89
N ARG B 809 -22.68 5.51 -8.92
CA ARG B 809 -21.31 5.87 -8.66
C ARG B 809 -20.50 4.58 -8.67
N ARG B 810 -19.44 4.56 -9.49
CA ARG B 810 -18.56 3.41 -9.61
C ARG B 810 -17.12 3.80 -9.30
N ALA B 811 -16.51 3.06 -8.39
CA ALA B 811 -15.13 3.31 -8.00
C ALA B 811 -14.53 2.07 -7.38
N ASN B 812 -13.30 1.75 -7.79
CA ASN B 812 -12.55 0.64 -7.21
C ASN B 812 -13.32 -0.68 -7.17
N GLY B 813 -14.15 -0.91 -8.19
CA GLY B 813 -14.85 -2.17 -8.33
C GLY B 813 -16.13 -2.25 -7.51
N ILE B 814 -16.38 -1.19 -6.76
CA ILE B 814 -17.57 -1.07 -5.91
C ILE B 814 -18.54 -0.09 -6.54
N GLN B 815 -19.77 -0.03 -6.03
CA GLN B 815 -20.78 0.87 -6.58
C GLN B 815 -21.87 1.21 -5.59
N GLY B 816 -22.65 2.23 -5.94
CA GLY B 816 -23.75 2.67 -5.12
C GLY B 816 -24.53 3.76 -5.82
N LEU B 817 -25.55 4.26 -5.14
CA LEU B 817 -26.37 5.37 -5.64
C LEU B 817 -25.87 6.66 -5.05
N ARG B 818 -25.81 7.72 -5.86
CA ARG B 818 -25.36 9.01 -5.37
C ARG B 818 -26.30 10.13 -5.75
N PHE B 819 -26.47 11.07 -4.82
CA PHE B 819 -27.17 12.33 -5.07
C PHE B 819 -26.19 13.50 -4.91
N ILE B 820 -26.26 14.48 -5.80
CA ILE B 820 -25.43 15.66 -5.67
C ILE B 820 -26.28 16.90 -5.88
N ILE B 821 -26.24 17.81 -4.91
CA ILE B 821 -27.03 19.03 -4.95
C ILE B 821 -26.20 20.22 -4.48
N GLN B 822 -26.33 21.33 -5.19
CA GLN B 822 -25.76 22.60 -4.76
C GLN B 822 -26.91 23.58 -4.59
N SER B 823 -27.01 24.15 -3.39
CA SER B 823 -28.19 24.89 -2.98
C SER B 823 -27.86 26.06 -2.06
N GLU B 824 -28.82 26.94 -1.82
CA GLU B 824 -28.64 27.98 -0.82
C GLU B 824 -29.04 27.48 0.55
N LYS B 825 -29.93 26.49 0.56
CA LYS B 825 -30.36 25.85 1.80
C LYS B 825 -29.26 24.97 2.39
N PRO B 826 -29.28 24.76 3.72
CA PRO B 826 -28.32 23.96 4.48
C PRO B 826 -28.25 22.51 4.05
N PRO B 827 -27.06 21.89 4.14
CA PRO B 827 -26.95 20.47 3.75
C PRO B 827 -27.90 19.58 4.53
N HIS B 828 -28.07 19.83 5.83
CA HIS B 828 -28.93 18.96 6.63
C HIS B 828 -30.38 19.01 6.16
N TYR B 829 -30.79 20.14 5.59
CA TYR B 829 -32.14 20.25 5.02
C TYR B 829 -32.24 19.41 3.74
N LEU B 830 -31.24 19.56 2.88
CA LEU B 830 -31.18 18.80 1.64
C LEU B 830 -31.24 17.31 1.91
N GLU B 831 -30.61 16.90 3.01
CA GLU B 831 -30.66 15.50 3.45
C GLU B 831 -32.10 14.96 3.54
N SER B 832 -32.95 15.68 4.26
CA SER B 832 -34.32 15.24 4.48
C SER B 832 -35.13 15.26 3.18
N ARG B 833 -34.89 16.23 2.32
CA ARG B 833 -35.66 16.34 1.09
C ARG B 833 -35.34 15.20 0.12
N VAL B 834 -34.08 14.77 0.10
CA VAL B 834 -33.70 13.62 -0.69
C VAL B 834 -34.33 12.36 -0.09
N GLU B 835 -34.29 12.28 1.23
CA GLU B 835 -34.85 11.14 1.94
C GLU B 835 -36.35 11.05 1.71
N ALA B 836 -37.00 12.21 1.73
CA ALA B 836 -38.42 12.30 1.48
C ALA B 836 -38.72 11.83 0.06
N PHE B 837 -37.83 12.17 -0.87
CA PHE B 837 -38.00 11.81 -2.28
C PHE B 837 -37.94 10.29 -2.51
N LEU B 838 -37.02 9.62 -1.83
CA LEU B 838 -36.85 8.17 -1.94
C LEU B 838 -38.13 7.43 -1.55
N ILE B 839 -38.78 7.91 -0.50
CA ILE B 839 -40.04 7.32 -0.06
C ILE B 839 -41.12 7.47 -1.13
N THR B 840 -41.13 8.62 -1.78
CA THR B 840 -42.01 8.88 -2.91
C THR B 840 -41.80 7.89 -4.05
N MET B 841 -40.53 7.58 -4.32
CA MET B 841 -40.17 6.68 -5.41
C MET B 841 -40.57 5.24 -5.14
N GLU B 842 -40.52 4.83 -3.87
CA GLU B 842 -41.03 3.51 -3.51
C GLU B 842 -42.50 3.40 -3.88
N LYS B 843 -43.26 4.42 -3.48
CA LYS B 843 -44.68 4.52 -3.79
C LYS B 843 -44.87 4.60 -5.31
N SER B 844 -44.05 5.43 -5.94
CA SER B 844 -44.08 5.59 -7.39
C SER B 844 -43.90 4.27 -8.11
N ILE B 845 -43.01 3.43 -7.61
CA ILE B 845 -42.72 2.17 -8.26
C ILE B 845 -43.85 1.17 -8.01
N GLU B 846 -44.43 1.21 -6.81
CA GLU B 846 -45.58 0.37 -6.50
C GLU B 846 -46.79 0.77 -7.33
N ASP B 847 -46.89 2.05 -7.66
CA ASP B 847 -48.04 2.57 -8.38
C ASP B 847 -47.93 2.34 -9.88
N MET B 848 -46.71 2.34 -10.41
CA MET B 848 -46.52 2.31 -11.86
C MET B 848 -46.94 0.97 -12.47
N THR B 849 -47.55 1.05 -13.64
CA THR B 849 -48.01 -0.14 -14.36
C THR B 849 -46.83 -1.02 -14.76
N GLU B 850 -47.11 -2.29 -15.06
CA GLU B 850 -46.08 -3.18 -15.58
C GLU B 850 -45.51 -2.69 -16.90
N GLU B 851 -46.37 -2.12 -17.73
CA GLU B 851 -45.94 -1.59 -19.02
C GLU B 851 -45.03 -0.38 -18.82
N ALA B 852 -45.36 0.46 -17.84
CA ALA B 852 -44.53 1.62 -17.52
C ALA B 852 -43.15 1.16 -17.03
N PHE B 853 -43.12 0.06 -16.28
CA PHE B 853 -41.88 -0.51 -15.79
C PHE B 853 -41.03 -1.06 -16.94
N GLN B 854 -41.69 -1.64 -17.94
CA GLN B 854 -41.01 -2.17 -19.12
C GLN B 854 -40.45 -1.05 -20.00
N LYS B 855 -41.11 0.10 -19.98
CA LYS B 855 -40.63 1.27 -20.71
C LYS B 855 -39.24 1.61 -20.24
N HIS B 856 -39.07 1.63 -18.93
CA HIS B 856 -37.81 2.01 -18.33
C HIS B 856 -36.71 1.00 -18.66
N ILE B 857 -37.04 -0.29 -18.57
CA ILE B 857 -36.10 -1.34 -18.96
C ILE B 857 -35.65 -1.14 -20.39
N GLN B 858 -36.61 -0.90 -21.26
CA GLN B 858 -36.35 -0.68 -22.67
C GLN B 858 -35.50 0.58 -22.88
N ALA B 859 -35.76 1.60 -22.07
CA ALA B 859 -34.99 2.83 -22.15
C ALA B 859 -33.53 2.57 -21.79
N LEU B 860 -33.31 1.89 -20.66
CA LEU B 860 -31.96 1.60 -20.22
C LEU B 860 -31.23 0.74 -21.25
N ALA B 861 -31.94 -0.22 -21.83
CA ALA B 861 -31.38 -1.10 -22.85
C ALA B 861 -30.85 -0.31 -24.05
N ILE B 862 -31.67 0.60 -24.56
CA ILE B 862 -31.26 1.49 -25.65
C ILE B 862 -30.01 2.30 -25.30
N ARG B 863 -29.99 2.83 -24.08
CA ARG B 863 -28.89 3.67 -23.62
C ARG B 863 -27.60 2.87 -23.57
N ARG B 864 -27.68 1.64 -23.11
CA ARG B 864 -26.51 0.79 -22.97
C ARG B 864 -25.98 0.25 -24.30
N LEU B 865 -26.87 0.01 -25.25
CA LEU B 865 -26.49 -0.64 -26.49
C LEU B 865 -26.16 0.35 -27.60
N ASP B 866 -26.38 1.63 -27.33
CA ASP B 866 -26.03 2.69 -28.27
C ASP B 866 -24.57 2.53 -28.73
N LYS B 867 -24.38 2.28 -30.02
CA LYS B 867 -23.05 2.06 -30.58
C LYS B 867 -22.22 3.35 -30.60
N PRO B 868 -20.91 3.22 -30.43
CA PRO B 868 -20.00 4.36 -30.66
C PRO B 868 -19.98 4.77 -32.12
N LYS B 869 -19.95 6.07 -32.38
CA LYS B 869 -20.01 6.58 -33.75
C LYS B 869 -18.60 6.81 -34.30
N LYS B 870 -17.66 7.04 -33.39
CA LYS B 870 -16.29 7.36 -33.76
C LYS B 870 -15.30 6.46 -33.01
N LEU B 871 -14.09 6.35 -33.57
CA LEU B 871 -13.06 5.47 -33.02
C LEU B 871 -12.76 5.76 -31.53
N SER B 872 -12.59 7.03 -31.19
CA SER B 872 -12.16 7.41 -29.85
C SER B 872 -13.16 6.97 -28.80
N ALA B 873 -14.43 6.92 -29.19
CA ALA B 873 -15.52 6.53 -28.29
C ALA B 873 -15.49 5.03 -28.03
N GLU B 874 -15.22 4.27 -29.08
CA GLU B 874 -15.10 2.82 -28.97
C GLU B 874 -13.85 2.46 -28.16
N SER B 875 -12.78 3.23 -28.37
CA SER B 875 -11.54 3.01 -27.64
C SER B 875 -11.72 3.23 -26.15
N ALA B 876 -12.50 4.26 -25.83
CA ALA B 876 -12.76 4.58 -24.44
C ALA B 876 -13.50 3.46 -23.73
N LYS B 877 -14.48 2.85 -24.41
CA LYS B 877 -15.19 1.72 -23.84
C LYS B 877 -14.22 0.62 -23.45
N TYR B 878 -13.35 0.25 -24.39
CA TYR B 878 -12.36 -0.78 -24.14
C TYR B 878 -11.41 -0.36 -23.03
N TRP B 879 -10.93 0.87 -23.12
CA TRP B 879 -9.94 1.35 -22.18
C TRP B 879 -10.47 1.32 -20.76
N GLY B 880 -11.75 1.60 -20.60
CA GLY B 880 -12.36 1.50 -19.29
C GLY B 880 -12.34 0.08 -18.74
N GLU B 881 -12.62 -0.89 -19.61
CA GLU B 881 -12.61 -2.29 -19.23
C GLU B 881 -11.20 -2.71 -18.83
N ILE B 882 -10.22 -2.06 -19.42
CA ILE B 882 -8.83 -2.44 -19.22
C ILE B 882 -8.25 -1.82 -17.95
N ILE B 883 -8.39 -0.52 -17.75
CA ILE B 883 -7.84 0.07 -16.53
C ILE B 883 -8.59 -0.39 -15.30
N SER B 884 -9.84 -0.81 -15.47
CA SER B 884 -10.62 -1.34 -14.33
C SER B 884 -10.27 -2.79 -14.05
N GLN B 885 -9.42 -3.37 -14.90
CA GLN B 885 -8.95 -4.74 -14.77
C GLN B 885 -10.09 -5.75 -14.81
N GLN B 886 -11.23 -5.34 -15.37
CA GLN B 886 -12.40 -6.23 -15.48
C GLN B 886 -12.44 -6.93 -16.84
N TYR B 887 -11.93 -6.24 -17.86
CA TYR B 887 -11.72 -6.84 -19.18
C TYR B 887 -12.96 -7.48 -19.76
N ASN B 888 -14.11 -6.90 -19.45
CA ASN B 888 -15.39 -7.42 -19.92
C ASN B 888 -15.89 -6.72 -21.19
N PHE B 889 -15.28 -7.04 -22.32
CA PHE B 889 -15.54 -6.34 -23.56
C PHE B 889 -16.93 -6.60 -24.14
N ASP B 890 -17.56 -7.69 -23.74
CA ASP B 890 -18.91 -8.01 -24.21
C ASP B 890 -19.98 -7.63 -23.17
N ARG B 891 -19.60 -6.80 -22.22
CA ARG B 891 -20.45 -6.47 -21.07
C ARG B 891 -21.87 -6.04 -21.46
N ASP B 892 -21.97 -5.19 -22.49
CA ASP B 892 -23.25 -4.59 -22.85
C ASP B 892 -24.34 -5.62 -23.20
N ASN B 893 -23.99 -6.61 -24.01
CA ASN B 893 -24.98 -7.60 -24.42
C ASN B 893 -25.43 -8.47 -23.26
N THR B 894 -24.45 -8.90 -22.49
CA THR B 894 -24.67 -9.69 -21.29
C THR B 894 -25.56 -8.97 -20.30
N GLU B 895 -25.18 -7.74 -19.95
CA GLU B 895 -25.88 -7.00 -18.92
C GLU B 895 -27.30 -6.60 -19.34
N VAL B 896 -27.50 -6.27 -20.62
CA VAL B 896 -28.83 -5.93 -21.11
C VAL B 896 -29.73 -7.18 -21.07
N ALA B 897 -29.16 -8.31 -21.47
CA ALA B 897 -29.90 -9.58 -21.45
C ALA B 897 -30.46 -9.87 -20.07
N TYR B 898 -29.61 -9.74 -19.06
CA TYR B 898 -30.05 -9.91 -17.69
C TYR B 898 -31.10 -8.86 -17.28
N LEU B 899 -30.86 -7.62 -17.69
CA LEU B 899 -31.75 -6.52 -17.35
C LEU B 899 -33.19 -6.83 -17.74
N LYS B 900 -33.37 -7.42 -18.91
CA LYS B 900 -34.71 -7.66 -19.45
C LYS B 900 -35.51 -8.71 -18.70
N THR B 901 -34.86 -9.41 -17.76
CA THR B 901 -35.55 -10.44 -16.99
C THR B 901 -35.97 -9.92 -15.61
N LEU B 902 -35.61 -8.67 -15.30
CA LEU B 902 -35.96 -8.08 -14.01
C LEU B 902 -37.45 -7.69 -13.91
N THR B 903 -37.99 -7.80 -12.71
CA THR B 903 -39.37 -7.44 -12.44
C THR B 903 -39.49 -6.31 -11.45
N LYS B 904 -40.71 -5.82 -11.31
CA LYS B 904 -40.99 -4.75 -10.36
C LYS B 904 -40.63 -5.21 -8.94
N GLU B 905 -40.96 -6.46 -8.60
CA GLU B 905 -40.63 -6.99 -7.27
C GLU B 905 -39.12 -7.05 -7.04
N ASP B 906 -38.36 -7.34 -8.09
CA ASP B 906 -36.89 -7.35 -8.02
C ASP B 906 -36.34 -6.00 -7.59
N ILE B 907 -36.82 -4.93 -8.21
CA ILE B 907 -36.36 -3.60 -7.86
C ILE B 907 -36.89 -3.18 -6.48
N ILE B 908 -38.12 -3.58 -6.17
CA ILE B 908 -38.68 -3.28 -4.86
C ILE B 908 -37.85 -3.96 -3.75
N LYS B 909 -37.46 -5.21 -3.97
CA LYS B 909 -36.63 -5.95 -3.02
C LYS B 909 -35.28 -5.27 -2.83
N PHE B 910 -34.66 -4.91 -3.95
CA PHE B 910 -33.40 -4.17 -3.96
C PHE B 910 -33.51 -2.89 -3.11
N TYR B 911 -34.57 -2.11 -3.32
CA TYR B 911 -34.76 -0.88 -2.59
C TYR B 911 -34.93 -1.12 -1.09
N LYS B 912 -35.78 -2.09 -0.76
CA LYS B 912 -36.08 -2.38 0.64
C LYS B 912 -34.85 -2.93 1.37
N GLU B 913 -33.95 -3.58 0.65
CA GLU B 913 -32.80 -4.21 1.31
C GLU B 913 -31.56 -3.32 1.36
N MET B 914 -31.37 -2.49 0.34
CA MET B 914 -30.13 -1.72 0.21
C MET B 914 -30.33 -0.23 0.45
N LEU B 915 -31.51 0.29 0.14
CA LEU B 915 -31.67 1.74 0.00
C LEU B 915 -32.64 2.41 0.98
N ALA B 916 -33.76 1.75 1.26
CA ALA B 916 -34.79 2.33 2.12
C ALA B 916 -34.24 2.73 3.49
N VAL B 917 -34.85 3.72 4.11
CA VAL B 917 -34.33 4.31 5.34
C VAL B 917 -34.10 3.29 6.49
N ASP B 918 -34.97 2.29 6.59
CA ASP B 918 -34.76 1.23 7.58
C ASP B 918 -34.34 -0.08 6.93
N ALA B 919 -33.57 0.03 5.85
CA ALA B 919 -33.04 -1.14 5.18
C ALA B 919 -31.90 -1.75 6.00
N PRO B 920 -31.89 -3.08 6.10
CA PRO B 920 -30.93 -3.90 6.83
C PRO B 920 -29.49 -3.75 6.36
N ARG B 921 -29.30 -3.52 5.07
CA ARG B 921 -27.95 -3.37 4.53
C ARG B 921 -27.70 -1.97 3.97
N ARG B 922 -28.31 -0.95 4.58
CA ARG B 922 -28.08 0.42 4.12
C ARG B 922 -26.70 0.92 4.52
N HIS B 923 -25.97 1.46 3.55
CA HIS B 923 -24.62 1.97 3.77
C HIS B 923 -24.50 3.41 3.29
N LYS B 924 -24.77 4.35 4.17
CA LYS B 924 -24.87 5.74 3.76
C LYS B 924 -23.71 6.59 4.26
N VAL B 925 -23.11 7.35 3.35
CA VAL B 925 -22.16 8.37 3.73
C VAL B 925 -22.55 9.69 3.07
N SER B 926 -22.45 10.78 3.84
CA SER B 926 -22.84 12.11 3.38
C SER B 926 -21.68 13.08 3.50
N VAL B 927 -21.48 13.88 2.46
CA VAL B 927 -20.51 14.95 2.55
C VAL B 927 -21.27 16.26 2.55
N HIS B 928 -21.01 17.08 3.57
CA HIS B 928 -21.68 18.38 3.68
C HIS B 928 -20.67 19.49 3.51
N VAL B 929 -20.86 20.27 2.45
CA VAL B 929 -20.07 21.46 2.24
C VAL B 929 -20.93 22.69 2.54
N LEU B 930 -20.57 23.41 3.59
CA LEU B 930 -21.29 24.58 4.04
C LEU B 930 -20.93 25.79 3.20
N ALA B 931 -21.92 26.66 2.96
CA ALA B 931 -21.69 27.92 2.25
C ALA B 931 -20.76 28.84 3.02
N ARG B 932 -20.28 29.90 2.38
CA ARG B 932 -19.32 30.82 2.99
C ARG B 932 -19.80 31.38 4.34
N GLU B 933 -21.07 31.80 4.38
CA GLU B 933 -21.61 32.53 5.53
C GLU B 933 -22.37 31.64 6.51
N MET B 934 -22.48 30.37 6.17
CA MET B 934 -23.31 29.44 6.91
C MET B 934 -22.74 29.08 8.28
N ASP B 935 -23.58 28.52 9.15
CA ASP B 935 -23.14 28.10 10.48
C ASP B 935 -23.16 26.56 10.64
N SER B 936 -22.48 26.08 11.66
CA SER B 936 -22.29 24.64 11.90
C SER B 936 -23.58 23.90 12.26
N ASN B 937 -23.73 22.68 11.72
CA ASN B 937 -24.90 21.84 12.01
C ASN B 937 -24.77 20.45 11.36
N LEU B 951 -45.29 20.09 0.86
CA LEU B 951 -44.12 19.21 0.90
C LEU B 951 -44.43 17.83 1.47
N SER B 952 -43.91 16.79 0.80
CA SER B 952 -44.05 15.41 1.26
C SER B 952 -43.27 15.23 2.55
N GLN B 953 -43.64 14.23 3.35
CA GLN B 953 -43.01 14.09 4.67
C GLN B 953 -41.67 13.37 4.59
N ALA B 954 -40.69 13.93 5.29
CA ALA B 954 -39.38 13.32 5.40
C ALA B 954 -39.33 12.39 6.60
N PRO B 955 -38.76 11.19 6.42
CA PRO B 955 -38.64 10.25 7.52
C PRO B 955 -37.65 10.74 8.56
N ALA B 956 -37.82 10.30 9.81
CA ALA B 956 -36.87 10.65 10.85
C ALA B 956 -35.57 9.87 10.63
N LEU B 957 -34.44 10.56 10.78
CA LEU B 957 -33.14 9.92 10.52
C LEU B 957 -32.38 9.62 11.80
N PRO B 958 -31.58 8.54 11.77
CA PRO B 958 -30.74 8.13 12.89
C PRO B 958 -29.67 9.16 13.18
N GLN B 959 -29.04 9.07 14.35
CA GLN B 959 -27.92 9.93 14.69
C GLN B 959 -26.75 9.56 13.79
N PRO B 960 -26.19 10.55 13.08
CA PRO B 960 -25.09 10.24 12.17
C PRO B 960 -23.75 10.23 12.90
N GLU B 961 -22.86 9.36 12.46
CA GLU B 961 -21.49 9.34 12.96
C GLU B 961 -20.64 10.39 12.25
N VAL B 962 -20.31 11.47 12.94
CA VAL B 962 -19.51 12.55 12.34
C VAL B 962 -18.04 12.15 12.23
N ILE B 963 -17.56 12.12 10.98
CA ILE B 963 -16.17 11.81 10.72
C ILE B 963 -15.28 12.99 11.06
N GLN B 964 -14.44 12.83 12.07
CA GLN B 964 -13.58 13.89 12.55
C GLN B 964 -12.22 13.87 11.84
N ASN B 965 -11.86 12.70 11.33
CA ASN B 965 -10.52 12.46 10.82
C ASN B 965 -10.52 11.35 9.79
N MET B 966 -10.21 11.68 8.53
CA MET B 966 -10.30 10.70 7.44
C MET B 966 -9.47 9.45 7.67
N THR B 967 -8.27 9.63 8.20
CA THR B 967 -7.38 8.50 8.46
C THR B 967 -7.94 7.57 9.53
N GLU B 968 -8.46 8.15 10.61
CA GLU B 968 -9.06 7.36 11.68
C GLU B 968 -10.29 6.62 11.16
N PHE B 969 -11.00 7.26 10.24
CA PHE B 969 -12.22 6.70 9.66
C PHE B 969 -11.91 5.44 8.86
N LYS B 970 -10.90 5.50 8.00
CA LYS B 970 -10.56 4.35 7.17
C LYS B 970 -9.97 3.19 7.97
N ARG B 971 -9.20 3.50 9.01
CA ARG B 971 -8.56 2.48 9.83
C ARG B 971 -9.60 1.63 10.56
N GLY B 972 -10.70 2.26 10.96
CA GLY B 972 -11.74 1.56 11.70
C GLY B 972 -12.69 0.74 10.86
N LEU B 973 -12.46 0.68 9.56
CA LEU B 973 -13.36 -0.06 8.67
C LEU B 973 -12.63 -1.07 7.80
N PRO B 974 -13.32 -2.13 7.38
CA PRO B 974 -12.68 -3.07 6.46
C PRO B 974 -12.62 -2.51 5.03
N LEU B 975 -11.85 -3.16 4.16
CA LEU B 975 -11.76 -2.77 2.76
C LEU B 975 -12.33 -3.88 1.90
N PHE B 976 -13.12 -3.52 0.88
CA PHE B 976 -13.68 -4.49 -0.05
C PHE B 976 -12.58 -5.29 -0.75
N PRO B 977 -12.95 -6.44 -1.34
CA PRO B 977 -12.03 -7.11 -2.27
C PRO B 977 -11.93 -6.32 -3.55
N LEU B 978 -11.12 -6.78 -4.48
CA LEU B 978 -11.10 -6.21 -5.83
C LEU B 978 -11.91 -7.12 -6.78
N VAL B 979 -12.53 -6.54 -7.80
CA VAL B 979 -13.32 -7.34 -8.74
C VAL B 979 -12.41 -8.27 -9.54
N LYS B 980 -12.87 -9.49 -9.75
CA LYS B 980 -12.11 -10.49 -10.51
C LYS B 980 -12.26 -10.27 -12.02
N PRO B 981 -11.13 -10.38 -12.75
CA PRO B 981 -11.06 -10.24 -14.21
C PRO B 981 -11.94 -11.25 -14.96
N HIS B 982 -12.23 -10.96 -16.22
CA HIS B 982 -13.14 -11.79 -17.02
C HIS B 982 -12.41 -12.84 -17.86
#